data_7CSF
#
_entry.id   7CSF
#
_cell.length_a   74.127
_cell.length_b   143.273
_cell.length_c   77.066
_cell.angle_alpha   90.000
_cell.angle_beta   116.376
_cell.angle_gamma   90.000
#
_symmetry.space_group_name_H-M   'P 1 21 1'
#
loop_
_entity.id
_entity.type
_entity.pdbx_description
1 polymer 'Pinoresinol reductase 1'
2 non-polymer (2R,3R)-2,3-bis[(3-methoxy-4-oxidanyl-phenyl)methyl]butane-1,4-diol
3 non-polymer 'NADPH DIHYDRO-NICOTINAMIDE-ADENINE-DINUCLEOTIDE PHOSPHATE'
4 water water
#
_entity_poly.entity_id   1
_entity_poly.type   'polypeptide(L)'
_entity_poly.pdbx_seq_one_letter_code
;MGESKRTEKTRVLVVGATGYIGKRIVRACLAEGHETYVLQRPEIGLEIEKVQLFLSFKKLGARIVEGSFSDHQSLVSAVK
LVDVVVSAMSGVHFRSHNILVQLKLVEAIKEAGNVKRFLPSEFGMDPPRMGHALPPGRETFDQKMEVRQAIEAAGIPYTY
VVGACFAAYFAGNLSQMVTLLPPKEKVNIYGDGNVKVVFADEDDIAKYTAKTLNDPRTLNKTVNIRPPDNVLTQLELVQI
WEKLTGKELEKTNIAAQDFLANIEQMEIPHQAGIGHFYHIFYEGCLTDHEVGEDEEASSLYPDVKYKRMDDYLRMFL
;
_entity_poly.pdbx_strand_id   C,D,A,B
#
loop_
_chem_comp.id
_chem_comp.type
_chem_comp.name
_chem_comp.formula
GO6 non-polymer (2R,3R)-2,3-bis[(3-methoxy-4-oxidanyl-phenyl)methyl]butane-1,4-diol 'C20 H26 O6'
NDP non-polymer 'NADPH DIHYDRO-NICOTINAMIDE-ADENINE-DINUCLEOTIDE PHOSPHATE' 'C21 H30 N7 O17 P3'
#
# COMPACT_ATOMS: atom_id res chain seq x y z
N LYS A 9 -41.34 24.18 1.16
CA LYS A 9 -39.89 24.09 1.00
C LYS A 9 -39.42 22.63 1.19
N THR A 10 -38.77 22.06 0.18
CA THR A 10 -38.39 20.66 0.21
C THR A 10 -37.17 20.47 1.10
N ARG A 11 -37.23 19.48 1.98
CA ARG A 11 -36.09 19.09 2.79
C ARG A 11 -35.36 17.95 2.11
N VAL A 12 -34.05 18.12 1.88
CA VAL A 12 -33.22 17.21 1.11
C VAL A 12 -32.03 16.80 1.96
N LEU A 13 -31.77 15.50 2.02
CA LEU A 13 -30.53 14.99 2.61
C LEU A 13 -29.59 14.55 1.50
N VAL A 14 -28.36 15.02 1.53
CA VAL A 14 -27.35 14.57 0.57
C VAL A 14 -26.41 13.62 1.28
N VAL A 15 -26.29 12.41 0.74
CA VAL A 15 -25.37 11.39 1.23
C VAL A 15 -24.25 11.28 0.20
N GLY A 16 -23.00 11.35 0.68
CA GLY A 16 -21.89 11.56 -0.23
C GLY A 16 -21.63 13.03 -0.49
N ALA A 17 -21.85 13.89 0.50
CA ALA A 17 -21.86 15.34 0.33
C ALA A 17 -20.48 15.92 0.03
N THR A 18 -19.39 15.23 0.36
CA THR A 18 -18.07 15.76 0.00
C THR A 18 -17.53 15.15 -1.27
N GLY A 19 -18.31 14.31 -1.95
CA GLY A 19 -17.87 13.71 -3.18
C GLY A 19 -17.73 14.73 -4.29
N TYR A 20 -17.15 14.26 -5.41
CA TYR A 20 -16.89 15.15 -6.54
C TYR A 20 -18.18 15.78 -7.07
N ILE A 21 -19.17 14.94 -7.44
CA ILE A 21 -20.47 15.48 -7.80
C ILE A 21 -21.30 15.79 -6.55
N GLY A 22 -21.08 15.09 -5.44
CA GLY A 22 -21.90 15.32 -4.26
C GLY A 22 -21.79 16.74 -3.72
N LYS A 23 -20.57 17.28 -3.67
CA LYS A 23 -20.41 18.64 -3.17
C LYS A 23 -21.07 19.65 -4.09
N ARG A 24 -21.06 19.40 -5.41
CA ARG A 24 -21.76 20.31 -6.31
C ARG A 24 -23.26 20.20 -6.13
N ILE A 25 -23.75 18.99 -5.85
CA ILE A 25 -25.17 18.83 -5.60
C ILE A 25 -25.60 19.58 -4.34
N VAL A 26 -24.79 19.51 -3.28
CA VAL A 26 -25.11 20.25 -2.06
C VAL A 26 -25.26 21.73 -2.37
N ARG A 27 -24.29 22.31 -3.08
CA ARG A 27 -24.35 23.74 -3.37
C ARG A 27 -25.54 24.07 -4.24
N ALA A 28 -25.87 23.20 -5.20
CA ALA A 28 -27.02 23.47 -6.05
C ALA A 28 -28.33 23.38 -5.27
N CYS A 29 -28.45 22.44 -4.33
CA CYS A 29 -29.66 22.38 -3.52
C CYS A 29 -29.82 23.65 -2.69
N LEU A 30 -28.72 24.17 -2.15
CA LEU A 30 -28.81 25.38 -1.36
C LEU A 30 -29.20 26.57 -2.24
N ALA A 31 -28.55 26.69 -3.41
CA ALA A 31 -28.91 27.78 -4.31
C ALA A 31 -30.35 27.65 -4.82
N GLU A 32 -30.83 26.43 -5.01
CA GLU A 32 -32.20 26.23 -5.46
C GLU A 32 -33.23 26.63 -4.41
N GLY A 33 -32.86 26.71 -3.13
CA GLY A 33 -33.80 27.04 -2.09
C GLY A 33 -34.26 25.88 -1.23
N HIS A 34 -33.71 24.68 -1.43
CA HIS A 34 -34.07 23.55 -0.58
C HIS A 34 -33.44 23.70 0.81
N GLU A 35 -34.17 23.20 1.80
CA GLU A 35 -33.60 23.06 3.14
C GLU A 35 -32.68 21.85 3.09
N THR A 36 -31.37 22.10 3.11
CA THR A 36 -30.39 21.12 2.66
C THR A 36 -29.64 20.55 3.86
N TYR A 37 -29.75 19.24 4.04
CA TYR A 37 -29.11 18.48 5.09
C TYR A 37 -27.99 17.67 4.46
N VAL A 38 -26.86 17.57 5.16
CA VAL A 38 -25.73 16.80 4.67
C VAL A 38 -25.34 15.77 5.73
N LEU A 39 -25.11 14.54 5.31
CA LEU A 39 -24.67 13.47 6.21
C LEU A 39 -23.17 13.60 6.46
N GLN A 40 -22.79 13.86 7.71
CA GLN A 40 -21.39 13.90 8.11
C GLN A 40 -21.07 12.61 8.86
N ARG A 41 -20.24 11.75 8.24
CA ARG A 41 -19.91 10.46 8.85
C ARG A 41 -18.72 10.60 9.80
N PRO A 42 -18.76 9.90 10.93
CA PRO A 42 -17.63 9.98 11.86
C PRO A 42 -16.34 9.48 11.23
N GLU A 43 -16.42 8.62 10.21
CA GLU A 43 -15.24 7.98 9.65
C GLU A 43 -14.32 8.95 8.92
N ILE A 44 -14.76 10.20 8.66
CA ILE A 44 -13.94 11.18 7.96
C ILE A 44 -13.46 12.29 8.89
N GLY A 45 -13.47 12.04 10.21
CA GLY A 45 -13.08 13.07 11.18
C GLY A 45 -11.63 13.55 11.06
N LEU A 46 -10.76 12.77 10.43
CA LEU A 46 -9.35 13.17 10.30
C LEU A 46 -8.99 13.54 8.87
N GLU A 47 -9.97 13.71 8.00
CA GLU A 47 -9.73 14.13 6.63
C GLU A 47 -10.03 15.61 6.56
N ILE A 48 -8.97 16.42 6.61
CA ILE A 48 -9.15 17.86 6.79
C ILE A 48 -9.99 18.45 5.66
N GLU A 49 -9.79 17.99 4.42
CA GLU A 49 -10.51 18.61 3.32
C GLU A 49 -12.01 18.32 3.42
N LYS A 50 -12.37 17.13 3.85
CA LYS A 50 -13.79 16.81 4.07
C LYS A 50 -14.35 17.60 5.24
N VAL A 51 -13.61 17.67 6.35
CA VAL A 51 -14.09 18.44 7.49
C VAL A 51 -14.33 19.89 7.09
N GLN A 52 -13.39 20.50 6.36
CA GLN A 52 -13.60 21.91 6.02
C GLN A 52 -14.66 22.09 4.94
N LEU A 53 -14.90 21.09 4.10
CA LEU A 53 -16.04 21.17 3.18
C LEU A 53 -17.35 21.26 3.97
N PHE A 54 -17.50 20.43 5.00
CA PHE A 54 -18.71 20.48 5.82
C PHE A 54 -18.85 21.82 6.49
N LEU A 55 -17.75 22.42 6.94
CA LEU A 55 -17.82 23.76 7.51
C LEU A 55 -18.26 24.77 6.46
N SER A 56 -17.77 24.65 5.23
CA SER A 56 -18.22 25.58 4.20
C SER A 56 -19.70 25.39 3.89
N PHE A 57 -20.20 24.15 3.96
CA PHE A 57 -21.63 23.89 3.76
C PHE A 57 -22.47 24.56 4.85
N LYS A 58 -22.05 24.44 6.11
CA LYS A 58 -22.74 25.12 7.21
C LYS A 58 -22.85 26.61 6.95
N LYS A 59 -21.75 27.23 6.50
CA LYS A 59 -21.72 28.66 6.27
C LYS A 59 -22.73 29.08 5.19
N LEU A 60 -23.10 28.18 4.29
CA LEU A 60 -24.10 28.44 3.26
C LEU A 60 -25.52 28.09 3.70
N GLY A 61 -25.71 27.57 4.91
CA GLY A 61 -27.03 27.25 5.40
C GLY A 61 -27.34 25.77 5.50
N ALA A 62 -26.42 24.90 5.09
CA ALA A 62 -26.69 23.48 5.22
C ALA A 62 -26.76 23.08 6.68
N ARG A 63 -27.50 22.01 6.95
CA ARG A 63 -27.58 21.43 8.28
C ARG A 63 -26.84 20.11 8.32
N ILE A 64 -25.99 19.95 9.31
CA ILE A 64 -25.16 18.75 9.47
C ILE A 64 -25.98 17.69 10.19
N VAL A 65 -26.06 16.50 9.61
CA VAL A 65 -26.65 15.33 10.24
C VAL A 65 -25.55 14.31 10.43
N GLU A 66 -25.26 13.92 11.66
CA GLU A 66 -24.27 12.88 11.89
C GLU A 66 -24.90 11.51 11.72
N GLY A 67 -24.14 10.60 11.14
CA GLY A 67 -24.65 9.26 10.92
C GLY A 67 -23.57 8.43 10.25
N SER A 68 -23.73 7.12 10.39
CA SER A 68 -22.73 6.20 9.88
C SER A 68 -23.43 5.03 9.20
N PHE A 69 -22.82 4.55 8.12
CA PHE A 69 -23.38 3.42 7.41
C PHE A 69 -23.26 2.12 8.19
N SER A 70 -22.45 2.07 9.25
CA SER A 70 -22.43 0.91 10.12
C SER A 70 -23.39 1.06 11.30
N ASP A 71 -24.19 2.13 11.33
CA ASP A 71 -25.15 2.42 12.39
C ASP A 71 -26.53 2.59 11.74
N HIS A 72 -27.22 1.47 11.53
CA HIS A 72 -28.50 1.48 10.82
C HIS A 72 -29.48 2.49 11.40
N GLN A 73 -29.58 2.57 12.72
CA GLN A 73 -30.56 3.51 13.27
C GLN A 73 -30.15 4.95 12.99
N SER A 74 -28.85 5.24 12.92
CA SER A 74 -28.44 6.60 12.60
C SER A 74 -28.86 6.96 11.17
N LEU A 75 -28.80 6.00 10.25
CA LEU A 75 -29.32 6.22 8.90
C LEU A 75 -30.82 6.45 8.93
N VAL A 76 -31.54 5.63 9.70
CA VAL A 76 -32.99 5.80 9.79
C VAL A 76 -33.31 7.17 10.36
N SER A 77 -32.58 7.59 11.39
CA SER A 77 -32.82 8.89 11.99
C SER A 77 -32.55 10.03 11.01
N ALA A 78 -31.54 9.87 10.16
CA ALA A 78 -31.19 10.94 9.23
C ALA A 78 -32.27 11.11 8.16
N VAL A 79 -32.70 10.02 7.53
CA VAL A 79 -33.67 10.17 6.45
C VAL A 79 -35.06 10.56 6.99
N LYS A 80 -35.35 10.30 8.27
CA LYS A 80 -36.61 10.75 8.84
C LYS A 80 -36.75 12.26 8.84
N LEU A 81 -35.64 12.99 8.70
CA LEU A 81 -35.67 14.44 8.77
C LEU A 81 -36.08 15.11 7.47
N VAL A 82 -36.16 14.40 6.34
CA VAL A 82 -36.22 15.04 5.04
C VAL A 82 -37.34 14.44 4.21
N ASP A 83 -37.65 15.12 3.12
CA ASP A 83 -38.56 14.66 2.08
C ASP A 83 -37.86 13.87 0.98
N VAL A 84 -36.64 14.27 0.61
CA VAL A 84 -35.93 13.72 -0.54
C VAL A 84 -34.50 13.37 -0.11
N VAL A 85 -34.03 12.22 -0.57
CA VAL A 85 -32.67 11.77 -0.32
C VAL A 85 -31.96 11.69 -1.67
N VAL A 86 -30.77 12.28 -1.74
CA VAL A 86 -29.92 12.20 -2.93
C VAL A 86 -28.63 11.52 -2.52
N SER A 87 -28.28 10.44 -3.21
CA SER A 87 -27.05 9.74 -2.95
C SER A 87 -26.05 10.06 -4.05
N ALA A 88 -24.84 10.41 -3.66
CA ALA A 88 -23.74 10.62 -4.60
C ALA A 88 -22.59 9.69 -4.26
N MET A 89 -22.94 8.49 -3.78
CA MET A 89 -21.96 7.47 -3.42
C MET A 89 -20.99 7.17 -4.56
N SER A 90 -19.74 6.87 -4.19
CA SER A 90 -18.68 6.68 -5.17
C SER A 90 -18.97 5.52 -6.10
N GLY A 91 -18.48 5.63 -7.34
CA GLY A 91 -18.71 4.58 -8.30
C GLY A 91 -17.74 4.55 -9.46
N VAL A 92 -16.44 4.68 -9.16
CA VAL A 92 -15.37 4.57 -10.15
C VAL A 92 -14.21 3.76 -9.55
N HIS A 93 -13.75 2.73 -10.28
CA HIS A 93 -12.66 1.89 -9.79
C HIS A 93 -11.40 2.70 -9.47
N PHE A 94 -11.20 3.80 -10.19
CA PHE A 94 -10.01 4.63 -10.00
C PHE A 94 -10.07 5.43 -8.70
N ARG A 95 -11.27 5.75 -8.22
CA ARG A 95 -11.43 6.49 -6.97
C ARG A 95 -11.85 5.53 -5.86
N SER A 96 -13.11 5.07 -5.92
CA SER A 96 -13.61 4.00 -5.09
C SER A 96 -14.95 3.55 -5.68
N HIS A 97 -15.32 2.28 -5.47
CA HIS A 97 -16.47 1.68 -6.14
C HIS A 97 -17.38 1.01 -5.10
N ASN A 98 -18.12 1.81 -4.33
CA ASN A 98 -18.90 1.35 -3.19
C ASN A 98 -20.41 1.52 -3.41
N ILE A 99 -20.84 1.32 -4.66
CA ILE A 99 -22.23 1.54 -5.04
C ILE A 99 -23.18 0.72 -4.19
N LEU A 100 -22.78 -0.50 -3.82
CA LEU A 100 -23.66 -1.41 -3.09
C LEU A 100 -23.80 -1.01 -1.63
N VAL A 101 -22.94 -0.13 -1.11
CA VAL A 101 -23.15 0.40 0.23
C VAL A 101 -24.51 1.11 0.33
N GLN A 102 -25.01 1.65 -0.78
CA GLN A 102 -26.32 2.29 -0.78
C GLN A 102 -27.45 1.35 -0.41
N LEU A 103 -27.23 0.03 -0.49
CA LEU A 103 -28.27 -0.89 -0.03
C LEU A 103 -28.64 -0.61 1.42
N LYS A 104 -27.64 -0.31 2.28
CA LYS A 104 -27.93 0.07 3.66
C LYS A 104 -28.83 1.28 3.72
N LEU A 105 -28.60 2.25 2.83
CA LEU A 105 -29.42 3.47 2.81
C LEU A 105 -30.84 3.15 2.36
N VAL A 106 -30.99 2.26 1.37
CA VAL A 106 -32.32 1.90 0.90
C VAL A 106 -33.13 1.26 2.03
N GLU A 107 -32.54 0.30 2.74
CA GLU A 107 -33.19 -0.31 3.91
C GLU A 107 -33.63 0.76 4.90
N ALA A 108 -32.73 1.68 5.24
CA ALA A 108 -33.08 2.74 6.17
C ALA A 108 -34.25 3.57 5.64
N ILE A 109 -34.30 3.80 4.33
CA ILE A 109 -35.39 4.58 3.77
C ILE A 109 -36.69 3.80 3.82
N LYS A 110 -36.61 2.50 3.56
CA LYS A 110 -37.79 1.65 3.65
C LYS A 110 -38.35 1.65 5.07
N GLU A 111 -37.48 1.46 6.07
CA GLU A 111 -37.94 1.44 7.45
C GLU A 111 -38.52 2.79 7.85
N ALA A 112 -37.91 3.90 7.41
CA ALA A 112 -38.37 5.21 7.86
C ALA A 112 -39.77 5.55 7.34
N GLY A 113 -40.03 5.25 6.06
CA GLY A 113 -41.35 5.40 5.48
C GLY A 113 -41.74 6.77 4.98
N ASN A 114 -41.04 7.83 5.41
CA ASN A 114 -41.44 9.22 5.10
C ASN A 114 -40.86 9.76 3.80
N VAL A 115 -40.00 9.03 3.09
CA VAL A 115 -39.25 9.63 2.01
C VAL A 115 -40.10 9.67 0.74
N LYS A 116 -40.31 10.88 0.21
CA LYS A 116 -41.11 11.04 -0.99
C LYS A 116 -40.35 10.69 -2.26
N ARG A 117 -39.01 10.77 -2.24
CA ARG A 117 -38.26 10.46 -3.45
C ARG A 117 -36.81 10.18 -3.07
N PHE A 118 -36.22 9.22 -3.76
CA PHE A 118 -34.82 8.86 -3.59
C PHE A 118 -34.13 8.95 -4.94
N LEU A 119 -33.02 9.69 -4.97
CA LEU A 119 -32.18 9.74 -6.17
C LEU A 119 -30.90 9.00 -5.86
N PRO A 120 -30.72 7.77 -6.35
CA PRO A 120 -29.48 7.05 -6.08
C PRO A 120 -28.32 7.59 -6.90
N SER A 121 -27.14 7.06 -6.61
CA SER A 121 -25.91 7.52 -7.24
C SER A 121 -25.82 6.95 -8.65
N GLU A 122 -26.33 7.73 -9.60
CA GLU A 122 -26.40 7.31 -10.99
C GLU A 122 -25.44 8.19 -11.76
N PHE A 123 -25.93 9.24 -12.45
CA PHE A 123 -25.15 10.34 -12.99
C PHE A 123 -24.21 9.95 -14.12
N GLY A 124 -24.46 8.85 -14.82
CA GLY A 124 -23.54 8.37 -15.83
C GLY A 124 -24.26 7.60 -16.89
N MET A 125 -23.59 6.57 -17.43
CA MET A 125 -24.23 5.69 -18.38
C MET A 125 -25.48 5.07 -17.75
N ASP A 126 -26.47 4.78 -18.60
CA ASP A 126 -27.81 4.32 -18.20
C ASP A 126 -27.77 2.81 -17.96
N PRO A 127 -27.74 2.37 -16.70
CA PRO A 127 -27.35 0.97 -16.38
C PRO A 127 -28.21 -0.07 -17.08
N PRO A 128 -29.53 0.11 -17.16
CA PRO A 128 -30.35 -0.93 -17.83
C PRO A 128 -30.03 -1.08 -19.32
N ARG A 129 -29.26 -0.16 -19.91
CA ARG A 129 -28.87 -0.28 -21.32
C ARG A 129 -27.50 -0.92 -21.48
N MET A 130 -26.84 -1.29 -20.39
CA MET A 130 -25.45 -1.75 -20.41
C MET A 130 -25.35 -3.25 -20.15
N GLY A 131 -26.42 -4.00 -20.47
CA GLY A 131 -26.42 -5.41 -20.15
C GLY A 131 -25.30 -6.18 -20.81
N HIS A 132 -24.79 -5.68 -21.93
CA HIS A 132 -23.74 -6.36 -22.68
C HIS A 132 -22.37 -5.72 -22.48
N ALA A 133 -22.17 -5.00 -21.38
CA ALA A 133 -20.95 -4.23 -21.19
C ALA A 133 -19.78 -5.17 -20.91
N LEU A 134 -18.57 -4.67 -21.21
CA LEU A 134 -17.35 -5.43 -20.98
C LEU A 134 -17.05 -5.54 -19.49
N PRO A 135 -16.70 -6.74 -18.98
CA PRO A 135 -16.11 -6.83 -17.64
C PRO A 135 -14.67 -6.27 -17.64
N PRO A 136 -14.19 -5.77 -16.49
CA PRO A 136 -14.91 -5.61 -15.22
C PRO A 136 -15.71 -4.30 -15.16
N GLY A 137 -15.56 -3.47 -16.20
CA GLY A 137 -16.30 -2.22 -16.22
C GLY A 137 -17.78 -2.40 -15.97
N ARG A 138 -18.36 -3.51 -16.44
CA ARG A 138 -19.80 -3.73 -16.28
C ARG A 138 -20.23 -3.82 -14.82
N GLU A 139 -19.31 -4.02 -13.88
CA GLU A 139 -19.68 -4.06 -12.47
C GLU A 139 -20.38 -2.79 -12.04
N THR A 140 -19.93 -1.64 -12.54
CA THR A 140 -20.58 -0.37 -12.23
C THR A 140 -22.07 -0.46 -12.51
N PHE A 141 -22.42 -0.98 -13.68
CA PHE A 141 -23.82 -1.00 -14.07
C PHE A 141 -24.58 -2.11 -13.36
N ASP A 142 -23.94 -3.28 -13.18
CA ASP A 142 -24.58 -4.34 -12.41
C ASP A 142 -24.94 -3.84 -11.01
N GLN A 143 -24.01 -3.18 -10.33
CA GLN A 143 -24.29 -2.73 -8.97
C GLN A 143 -25.38 -1.67 -8.93
N LYS A 144 -25.31 -0.69 -9.85
CA LYS A 144 -26.36 0.33 -9.88
C LYS A 144 -27.73 -0.31 -10.13
N MET A 145 -27.78 -1.34 -10.98
CA MET A 145 -29.04 -2.04 -11.21
C MET A 145 -29.50 -2.78 -9.95
N GLU A 146 -28.57 -3.37 -9.20
CA GLU A 146 -28.96 -4.00 -7.95
C GLU A 146 -29.57 -2.96 -6.99
N VAL A 147 -29.02 -1.75 -6.97
CA VAL A 147 -29.59 -0.71 -6.14
C VAL A 147 -30.96 -0.28 -6.67
N ARG A 148 -31.10 -0.17 -7.99
CA ARG A 148 -32.41 0.08 -8.58
C ARG A 148 -33.42 -1.00 -8.18
N GLN A 149 -33.01 -2.27 -8.27
CA GLN A 149 -33.90 -3.36 -7.89
C GLN A 149 -34.40 -3.20 -6.45
N ALA A 150 -33.51 -2.81 -5.54
CA ALA A 150 -33.86 -2.69 -4.13
C ALA A 150 -34.83 -1.54 -3.88
N ILE A 151 -34.58 -0.40 -4.52
CA ILE A 151 -35.49 0.75 -4.47
C ILE A 151 -36.89 0.35 -4.90
N GLU A 152 -36.99 -0.28 -6.07
CA GLU A 152 -38.29 -0.56 -6.64
C GLU A 152 -38.99 -1.70 -5.90
N ALA A 153 -38.24 -2.72 -5.49
CA ALA A 153 -38.82 -3.75 -4.65
C ALA A 153 -39.40 -3.16 -3.37
N ALA A 154 -38.74 -2.14 -2.80
CA ALA A 154 -39.23 -1.49 -1.59
C ALA A 154 -40.35 -0.50 -1.84
N GLY A 155 -40.68 -0.22 -3.10
CA GLY A 155 -41.68 0.79 -3.42
C GLY A 155 -41.26 2.21 -3.13
N ILE A 156 -39.96 2.46 -3.01
CA ILE A 156 -39.48 3.84 -2.79
C ILE A 156 -39.61 4.62 -4.10
N PRO A 157 -40.25 5.78 -4.10
CA PRO A 157 -40.29 6.58 -5.33
C PRO A 157 -38.89 7.11 -5.65
N TYR A 158 -38.61 7.29 -6.95
CA TYR A 158 -37.24 7.50 -7.38
C TYR A 158 -37.15 8.43 -8.59
N THR A 159 -35.97 9.02 -8.79
CA THR A 159 -35.59 9.61 -10.06
C THR A 159 -34.16 9.18 -10.37
N TYR A 160 -33.93 8.70 -11.59
CA TYR A 160 -32.61 8.24 -12.04
C TYR A 160 -32.04 9.31 -12.98
N VAL A 161 -30.98 9.99 -12.55
CA VAL A 161 -30.35 11.03 -13.36
C VAL A 161 -29.20 10.40 -14.14
N VAL A 162 -29.26 10.42 -15.47
CA VAL A 162 -28.27 9.71 -16.28
C VAL A 162 -27.91 10.53 -17.52
N GLY A 163 -26.85 10.09 -18.21
CA GLY A 163 -26.72 10.28 -19.63
C GLY A 163 -25.60 11.18 -20.12
N ALA A 164 -24.81 11.84 -19.28
CA ALA A 164 -23.78 12.75 -19.77
C ALA A 164 -22.43 12.44 -19.16
N CYS A 165 -21.38 12.51 -19.99
CA CYS A 165 -20.01 12.48 -19.47
C CYS A 165 -19.73 13.74 -18.67
N PHE A 166 -19.11 13.57 -17.49
CA PHE A 166 -18.61 14.71 -16.73
C PHE A 166 -17.55 15.46 -17.54
N ALA A 167 -17.69 16.79 -17.65
CA ALA A 167 -16.83 17.55 -18.56
C ALA A 167 -15.35 17.49 -18.15
N ALA A 168 -15.06 17.49 -16.86
CA ALA A 168 -13.67 17.46 -16.42
C ALA A 168 -12.96 16.20 -16.89
N TYR A 169 -13.65 15.06 -16.86
CA TYR A 169 -13.01 13.78 -17.18
C TYR A 169 -12.97 13.46 -18.66
N PHE A 170 -13.84 14.07 -19.48
CA PHE A 170 -13.93 13.69 -20.88
C PHE A 170 -13.81 14.84 -21.88
N ALA A 171 -14.07 16.08 -21.48
CA ALA A 171 -14.01 17.22 -22.39
C ALA A 171 -12.76 18.06 -22.16
N GLY A 172 -12.47 18.41 -20.90
CA GLY A 172 -11.33 19.23 -20.60
C GLY A 172 -10.02 18.64 -21.09
N ASN A 173 -9.97 17.33 -21.30
CA ASN A 173 -8.75 16.67 -21.75
C ASN A 173 -8.84 16.20 -23.19
N LEU A 174 -9.85 16.67 -23.95
CA LEU A 174 -10.07 16.21 -25.31
C LEU A 174 -10.18 14.68 -25.34
N SER A 175 -10.71 14.13 -24.24
CA SER A 175 -10.99 12.71 -24.11
C SER A 175 -9.73 11.85 -24.11
N GLN A 176 -8.57 12.45 -23.81
CA GLN A 176 -7.33 11.70 -23.58
C GLN A 176 -7.32 11.28 -22.12
N MET A 177 -7.45 10.01 -21.87
CA MET A 177 -7.64 9.61 -20.48
C MET A 177 -6.35 9.62 -19.67
N VAL A 178 -5.20 9.89 -20.27
CA VAL A 178 -3.95 9.93 -19.51
C VAL A 178 -3.76 11.20 -18.69
N THR A 179 -4.59 12.23 -18.90
CA THR A 179 -4.47 13.46 -18.16
C THR A 179 -5.83 14.12 -18.07
N LEU A 180 -5.90 15.23 -17.32
CA LEU A 180 -7.11 16.03 -17.19
C LEU A 180 -6.98 17.38 -17.90
N LEU A 181 -5.89 17.57 -18.62
CA LEU A 181 -5.60 18.81 -19.30
C LEU A 181 -5.60 18.59 -20.81
N PRO A 182 -5.85 19.63 -21.60
CA PRO A 182 -5.77 19.48 -23.05
C PRO A 182 -4.35 19.19 -23.47
N PRO A 183 -4.16 18.41 -24.53
CA PRO A 183 -2.81 18.03 -24.95
C PRO A 183 -2.14 19.15 -25.72
N LYS A 184 -0.82 19.08 -25.80
CA LYS A 184 -0.04 20.19 -26.32
C LYS A 184 0.07 20.14 -27.84
N GLU A 185 0.40 18.99 -28.41
CA GLU A 185 0.77 18.89 -29.82
C GLU A 185 0.03 17.79 -30.56
N LYS A 186 -0.15 16.65 -29.90
CA LYS A 186 -0.66 15.43 -30.50
C LYS A 186 -1.92 15.01 -29.77
N VAL A 187 -2.83 14.38 -30.49
CA VAL A 187 -4.06 13.89 -29.86
C VAL A 187 -4.41 12.54 -30.48
N ASN A 188 -4.91 11.63 -29.65
CA ASN A 188 -5.49 10.38 -30.12
C ASN A 188 -6.96 10.58 -30.43
N ILE A 189 -7.38 10.14 -31.61
CA ILE A 189 -8.79 10.16 -32.03
C ILE A 189 -9.26 8.72 -32.00
N TYR A 190 -10.31 8.45 -31.22
CA TYR A 190 -10.74 7.08 -31.00
C TYR A 190 -11.69 6.67 -32.12
N GLY A 191 -11.28 5.68 -32.92
CA GLY A 191 -12.01 5.34 -34.13
C GLY A 191 -11.90 6.47 -35.15
N ASP A 192 -12.99 6.68 -35.89
CA ASP A 192 -13.01 7.80 -36.81
C ASP A 192 -13.28 9.13 -36.09
N GLY A 193 -13.60 9.08 -34.80
CA GLY A 193 -13.91 10.31 -34.08
C GLY A 193 -15.21 10.94 -34.50
N ASN A 194 -16.11 10.16 -35.11
CA ASN A 194 -17.40 10.65 -35.58
C ASN A 194 -18.57 10.02 -34.83
N VAL A 195 -18.33 9.54 -33.62
CA VAL A 195 -19.37 8.99 -32.76
C VAL A 195 -19.80 10.07 -31.77
N LYS A 196 -21.10 10.31 -31.69
CA LYS A 196 -21.60 11.40 -30.85
C LYS A 196 -21.54 11.02 -29.36
N VAL A 197 -21.05 11.95 -28.55
CA VAL A 197 -20.91 11.85 -27.11
C VAL A 197 -21.67 13.01 -26.47
N VAL A 198 -22.15 12.80 -25.25
CA VAL A 198 -22.82 13.83 -24.47
C VAL A 198 -21.89 14.31 -23.38
N PHE A 199 -21.64 15.62 -23.37
CA PHE A 199 -20.80 16.26 -22.37
C PHE A 199 -21.61 17.26 -21.56
N ALA A 200 -21.38 17.33 -20.25
CA ALA A 200 -22.04 18.34 -19.45
C ALA A 200 -21.13 18.79 -18.33
N ASP A 201 -21.07 20.11 -18.14
CA ASP A 201 -20.45 20.70 -16.95
C ASP A 201 -21.11 20.13 -15.70
N GLU A 202 -20.27 19.65 -14.78
CA GLU A 202 -20.77 19.02 -13.56
C GLU A 202 -21.61 19.97 -12.72
N ASP A 203 -21.34 21.28 -12.79
CA ASP A 203 -22.20 22.22 -12.10
C ASP A 203 -23.60 22.27 -12.71
N ASP A 204 -23.72 22.07 -14.03
CA ASP A 204 -25.04 21.99 -14.64
C ASP A 204 -25.74 20.69 -14.23
N ILE A 205 -25.02 19.58 -14.19
CA ILE A 205 -25.56 18.31 -13.70
C ILE A 205 -26.14 18.50 -12.31
N ALA A 206 -25.38 19.17 -11.44
CA ALA A 206 -25.86 19.42 -10.09
C ALA A 206 -27.12 20.28 -10.11
N LYS A 207 -27.14 21.35 -10.91
CA LYS A 207 -28.29 22.23 -10.94
C LYS A 207 -29.52 21.50 -11.48
N TYR A 208 -29.37 20.70 -12.54
CA TYR A 208 -30.47 19.88 -13.04
C TYR A 208 -30.97 18.90 -11.98
N THR A 209 -30.05 18.33 -11.20
CA THR A 209 -30.43 17.45 -10.11
C THR A 209 -31.25 18.19 -9.06
N ALA A 210 -30.82 19.40 -8.69
CA ALA A 210 -31.57 20.14 -7.66
C ALA A 210 -32.94 20.58 -8.13
N LYS A 211 -33.11 20.82 -9.43
CA LYS A 211 -34.40 21.23 -9.95
C LYS A 211 -35.32 20.03 -10.16
N THR A 212 -34.77 18.86 -10.46
CA THR A 212 -35.62 17.74 -10.79
C THR A 212 -36.12 16.98 -9.56
N LEU A 213 -35.45 17.12 -8.40
CA LEU A 213 -35.74 16.19 -7.31
C LEU A 213 -37.09 16.43 -6.66
N ASN A 214 -37.78 17.53 -6.96
CA ASN A 214 -39.16 17.74 -6.52
C ASN A 214 -40.07 18.11 -7.69
N ASP A 215 -39.67 17.74 -8.90
CA ASP A 215 -40.48 17.99 -10.09
C ASP A 215 -41.47 16.84 -10.26
N PRO A 216 -42.78 17.08 -10.18
CA PRO A 216 -43.72 15.97 -10.42
C PRO A 216 -43.49 15.28 -11.75
N ARG A 217 -42.99 16.00 -12.75
CA ARG A 217 -42.81 15.40 -14.07
C ARG A 217 -41.77 14.28 -14.10
N THR A 218 -40.84 14.23 -13.15
CA THR A 218 -39.79 13.21 -13.15
C THR A 218 -39.93 12.19 -12.04
N LEU A 219 -41.04 12.21 -11.31
CA LEU A 219 -41.26 11.20 -10.29
C LEU A 219 -41.34 9.82 -10.94
N ASN A 220 -40.60 8.87 -10.39
CA ASN A 220 -40.53 7.51 -10.92
C ASN A 220 -40.12 7.49 -12.39
N LYS A 221 -39.16 8.34 -12.78
CA LYS A 221 -38.65 8.39 -14.14
C LYS A 221 -37.13 8.40 -14.17
N THR A 222 -36.59 8.02 -15.33
CA THR A 222 -35.22 8.34 -15.69
C THR A 222 -35.21 9.71 -16.36
N VAL A 223 -34.31 10.58 -15.90
CA VAL A 223 -34.12 11.90 -16.51
C VAL A 223 -32.75 11.90 -17.19
N ASN A 224 -32.75 12.24 -18.47
CA ASN A 224 -31.54 12.28 -19.28
C ASN A 224 -30.98 13.69 -19.31
N ILE A 225 -29.68 13.81 -19.11
CA ILE A 225 -29.00 15.08 -19.30
C ILE A 225 -28.36 14.99 -20.67
N ARG A 226 -29.02 15.57 -21.68
CA ARG A 226 -28.52 15.55 -23.05
C ARG A 226 -28.74 16.93 -23.64
N PRO A 227 -27.98 17.92 -23.17
CA PRO A 227 -28.12 19.29 -23.71
C PRO A 227 -27.69 19.34 -25.16
N PRO A 228 -28.54 19.86 -26.05
CA PRO A 228 -28.31 19.68 -27.50
C PRO A 228 -26.98 20.24 -28.01
N ASP A 229 -26.54 21.40 -27.54
CA ASP A 229 -25.29 21.94 -28.03
C ASP A 229 -24.07 21.17 -27.54
N ASN A 230 -24.24 20.28 -26.56
CA ASN A 230 -23.14 19.52 -25.98
C ASN A 230 -23.12 18.08 -26.44
N VAL A 231 -23.86 17.75 -27.49
CA VAL A 231 -23.81 16.45 -28.13
C VAL A 231 -22.82 16.59 -29.29
N LEU A 232 -21.61 16.08 -29.09
CA LEU A 232 -20.49 16.35 -29.97
C LEU A 232 -19.71 15.07 -30.22
N THR A 233 -19.19 14.92 -31.44
CA THR A 233 -18.20 13.88 -31.64
C THR A 233 -16.88 14.29 -31.00
N GLN A 234 -15.97 13.33 -30.84
CA GLN A 234 -14.67 13.68 -30.29
C GLN A 234 -13.92 14.59 -31.24
N LEU A 235 -14.00 14.35 -32.54
CA LEU A 235 -13.37 15.25 -33.50
C LEU A 235 -13.95 16.66 -33.41
N GLU A 236 -15.28 16.79 -33.24
CA GLU A 236 -15.85 18.13 -33.08
C GLU A 236 -15.32 18.82 -31.83
N LEU A 237 -15.16 18.07 -30.74
CA LEU A 237 -14.58 18.61 -29.50
C LEU A 237 -13.15 19.08 -29.73
N VAL A 238 -12.34 18.24 -30.38
CA VAL A 238 -10.96 18.62 -30.69
C VAL A 238 -10.94 19.87 -31.56
N GLN A 239 -11.83 19.93 -32.55
CA GLN A 239 -11.79 21.08 -33.44
C GLN A 239 -12.14 22.37 -32.71
N ILE A 240 -13.00 22.30 -31.70
CA ILE A 240 -13.25 23.48 -30.87
C ILE A 240 -11.94 23.96 -30.25
N TRP A 241 -11.16 23.04 -29.69
CA TRP A 241 -9.89 23.41 -29.07
C TRP A 241 -8.91 23.99 -30.08
N GLU A 242 -8.84 23.39 -31.27
CA GLU A 242 -7.97 23.93 -32.30
C GLU A 242 -8.36 25.36 -32.68
N LYS A 243 -9.67 25.62 -32.78
CA LYS A 243 -10.12 26.98 -33.10
C LYS A 243 -9.81 27.96 -31.97
N LEU A 244 -10.01 27.56 -30.70
CA LEU A 244 -9.76 28.47 -29.59
C LEU A 244 -8.28 28.82 -29.47
N THR A 245 -7.40 27.89 -29.80
CA THR A 245 -5.97 28.12 -29.69
C THR A 245 -5.33 28.58 -30.99
N GLY A 246 -6.05 28.45 -32.10
CA GLY A 246 -5.47 28.75 -33.40
C GLY A 246 -4.40 27.78 -33.84
N LYS A 247 -4.44 26.54 -33.35
CA LYS A 247 -3.37 25.58 -33.61
C LYS A 247 -3.96 24.20 -33.89
N GLU A 248 -3.63 23.64 -35.05
CA GLU A 248 -4.07 22.29 -35.39
C GLU A 248 -3.27 21.28 -34.59
N LEU A 249 -3.93 20.22 -34.13
CA LEU A 249 -3.25 19.14 -33.42
C LEU A 249 -2.94 17.99 -34.37
N GLU A 250 -1.81 17.32 -34.14
CA GLU A 250 -1.46 16.13 -34.90
C GLU A 250 -2.29 14.95 -34.40
N LYS A 251 -3.15 14.40 -35.26
CA LYS A 251 -4.10 13.38 -34.85
C LYS A 251 -3.60 11.99 -35.24
N THR A 252 -3.77 11.03 -34.34
CA THR A 252 -3.55 9.62 -34.61
C THR A 252 -4.85 8.88 -34.35
N ASN A 253 -5.39 8.19 -35.35
CA ASN A 253 -6.60 7.41 -35.15
C ASN A 253 -6.27 6.07 -34.52
N ILE A 254 -7.07 5.66 -33.54
CA ILE A 254 -6.89 4.40 -32.83
C ILE A 254 -8.07 3.51 -33.18
N ALA A 255 -7.82 2.40 -33.86
CA ALA A 255 -8.89 1.48 -34.18
C ALA A 255 -9.36 0.73 -32.94
N ALA A 256 -10.63 0.30 -32.97
CA ALA A 256 -11.23 -0.35 -31.80
C ALA A 256 -10.41 -1.55 -31.33
N GLN A 257 -9.92 -2.36 -32.27
CA GLN A 257 -9.16 -3.55 -31.90
C GLN A 257 -7.86 -3.17 -31.20
N ASP A 258 -7.25 -2.06 -31.62
CA ASP A 258 -6.02 -1.63 -30.96
C ASP A 258 -6.28 -0.96 -29.62
N PHE A 259 -7.41 -0.27 -29.49
CA PHE A 259 -7.77 0.36 -28.23
C PHE A 259 -7.91 -0.68 -27.11
N LEU A 260 -8.52 -1.82 -27.41
CA LEU A 260 -8.75 -2.86 -26.42
C LEU A 260 -7.64 -3.88 -26.29
N ALA A 261 -6.56 -3.78 -27.07
CA ALA A 261 -5.58 -4.87 -27.10
C ALA A 261 -4.91 -5.03 -25.73
N ASN A 262 -4.74 -6.29 -25.31
CA ASN A 262 -4.03 -6.61 -24.06
C ASN A 262 -4.71 -6.00 -22.85
N ILE A 263 -6.03 -5.79 -22.95
CA ILE A 263 -6.78 -5.27 -21.81
C ILE A 263 -6.64 -6.20 -20.60
N GLU A 264 -6.62 -7.52 -20.83
CA GLU A 264 -6.56 -8.47 -19.73
C GLU A 264 -5.31 -8.31 -18.88
N GLN A 265 -4.28 -7.64 -19.38
CA GLN A 265 -3.03 -7.49 -18.64
C GLN A 265 -2.93 -6.18 -17.89
N MET A 266 -3.92 -5.31 -18.01
CA MET A 266 -3.88 -4.05 -17.30
C MET A 266 -4.53 -4.21 -15.93
N GLU A 267 -4.25 -3.26 -15.06
CA GLU A 267 -4.85 -3.27 -13.73
C GLU A 267 -6.36 -3.15 -13.83
N ILE A 268 -7.04 -3.76 -12.85
CA ILE A 268 -8.50 -3.79 -12.86
C ILE A 268 -9.09 -2.41 -13.07
N PRO A 269 -8.71 -1.38 -12.31
CA PRO A 269 -9.35 -0.07 -12.48
C PRO A 269 -9.14 0.52 -13.87
N HIS A 270 -8.01 0.23 -14.52
CA HIS A 270 -7.80 0.73 -15.87
C HIS A 270 -8.60 -0.08 -16.88
N GLN A 271 -8.73 -1.40 -16.66
CA GLN A 271 -9.62 -2.19 -17.52
C GLN A 271 -11.05 -1.66 -17.45
N ALA A 272 -11.50 -1.33 -16.24
CA ALA A 272 -12.85 -0.80 -16.08
C ALA A 272 -13.02 0.51 -16.87
N GLY A 273 -12.07 1.43 -16.72
CA GLY A 273 -12.19 2.71 -17.40
C GLY A 273 -12.06 2.59 -18.90
N ILE A 274 -11.19 1.69 -19.37
CA ILE A 274 -11.08 1.43 -20.79
C ILE A 274 -12.40 0.93 -21.33
N GLY A 275 -13.00 -0.02 -20.60
CA GLY A 275 -14.28 -0.56 -21.04
C GLY A 275 -15.37 0.50 -21.10
N HIS A 276 -15.47 1.34 -20.07
CA HIS A 276 -16.47 2.40 -20.11
C HIS A 276 -16.22 3.33 -21.29
N PHE A 277 -14.97 3.75 -21.48
CA PHE A 277 -14.60 4.63 -22.57
C PHE A 277 -15.00 4.05 -23.92
N TYR A 278 -14.76 2.74 -24.11
CA TYR A 278 -15.13 2.07 -25.35
C TYR A 278 -16.62 2.16 -25.63
N HIS A 279 -17.46 1.93 -24.60
CA HIS A 279 -18.89 1.99 -24.84
C HIS A 279 -19.30 3.39 -25.25
N ILE A 280 -18.70 4.41 -24.64
CA ILE A 280 -19.09 5.79 -24.92
C ILE A 280 -18.59 6.21 -26.30
N PHE A 281 -17.30 6.01 -26.57
CA PHE A 281 -16.65 6.63 -27.73
C PHE A 281 -16.61 5.75 -28.97
N TYR A 282 -16.60 4.43 -28.83
CA TYR A 282 -16.67 3.55 -29.99
C TYR A 282 -18.10 3.07 -30.27
N GLU A 283 -18.86 2.70 -29.24
CA GLU A 283 -20.23 2.24 -29.45
C GLU A 283 -21.27 3.36 -29.39
N GLY A 284 -20.89 4.56 -28.96
CA GLY A 284 -21.86 5.66 -28.93
C GLY A 284 -23.03 5.41 -27.99
N CYS A 285 -22.79 4.80 -26.83
CA CYS A 285 -23.91 4.39 -25.99
C CYS A 285 -24.68 5.57 -25.42
N LEU A 286 -24.11 6.77 -25.40
CA LEU A 286 -24.86 7.91 -24.87
C LEU A 286 -25.79 8.54 -25.89
N THR A 287 -25.61 8.21 -27.18
CA THR A 287 -26.43 8.81 -28.23
C THR A 287 -27.08 7.76 -29.12
N ASP A 288 -26.99 6.48 -28.79
CA ASP A 288 -27.47 5.46 -29.71
C ASP A 288 -28.97 5.24 -29.59
N HIS A 289 -29.67 6.12 -28.90
CA HIS A 289 -31.10 6.01 -28.66
C HIS A 289 -31.65 7.41 -28.46
N GLU A 290 -32.88 7.62 -28.91
CA GLU A 290 -33.55 8.90 -28.75
C GLU A 290 -34.25 8.98 -27.39
N VAL A 291 -34.35 10.19 -26.86
CA VAL A 291 -35.10 10.45 -25.64
C VAL A 291 -36.01 11.65 -25.90
N GLY A 292 -37.22 11.61 -25.31
CA GLY A 292 -38.16 12.68 -25.52
C GLY A 292 -37.87 13.91 -24.69
N GLU A 293 -38.46 15.04 -25.13
CA GLU A 293 -38.27 16.29 -24.41
C GLU A 293 -38.86 16.24 -23.00
N ASP A 294 -39.81 15.35 -22.75
CA ASP A 294 -40.38 15.27 -21.41
C ASP A 294 -39.51 14.45 -20.45
N GLU A 295 -38.39 13.89 -20.94
CA GLU A 295 -37.46 13.16 -20.08
C GLU A 295 -36.02 13.61 -20.29
N GLU A 296 -35.83 14.83 -20.80
CA GLU A 296 -34.50 15.40 -21.00
C GLU A 296 -34.39 16.70 -20.21
N ALA A 297 -33.30 16.82 -19.43
CA ALA A 297 -33.17 17.89 -18.45
C ALA A 297 -33.14 19.29 -19.08
N SER A 298 -32.51 19.46 -20.24
CA SER A 298 -32.41 20.83 -20.75
C SER A 298 -33.76 21.32 -21.27
N SER A 299 -34.60 20.41 -21.79
CA SER A 299 -35.97 20.77 -22.15
C SER A 299 -36.83 20.98 -20.92
N LEU A 300 -36.68 20.10 -19.93
CA LEU A 300 -37.47 20.20 -18.71
C LEU A 300 -37.18 21.50 -17.96
N TYR A 301 -35.90 21.92 -17.93
CA TYR A 301 -35.47 23.07 -17.13
C TYR A 301 -34.74 24.03 -18.06
N PRO A 302 -35.49 24.75 -18.90
CA PRO A 302 -34.86 25.63 -19.90
C PRO A 302 -34.27 26.91 -19.32
N ASP A 303 -34.57 27.24 -18.06
CA ASP A 303 -33.92 28.38 -17.42
C ASP A 303 -32.48 28.09 -17.02
N VAL A 304 -32.02 26.86 -17.13
CA VAL A 304 -30.62 26.53 -16.89
C VAL A 304 -29.86 26.82 -18.18
N LYS A 305 -29.06 27.88 -18.19
CA LYS A 305 -28.28 28.22 -19.39
C LYS A 305 -27.01 27.41 -19.32
N TYR A 306 -27.06 26.19 -19.81
CA TYR A 306 -25.97 25.28 -19.53
C TYR A 306 -24.68 25.71 -20.24
N LYS A 307 -23.55 25.36 -19.63
CA LYS A 307 -22.28 25.77 -20.20
C LYS A 307 -21.96 24.91 -21.42
N ARG A 308 -21.73 25.56 -22.57
CA ARG A 308 -21.34 24.82 -23.76
C ARG A 308 -19.86 24.47 -23.67
N MET A 309 -19.44 23.51 -24.49
CA MET A 309 -18.09 22.99 -24.37
C MET A 309 -17.03 23.96 -24.89
N ASP A 310 -17.38 24.92 -25.75
CA ASP A 310 -16.39 25.93 -26.08
C ASP A 310 -16.13 26.83 -24.88
N ASP A 311 -17.17 27.26 -24.17
CA ASP A 311 -16.93 28.01 -22.94
C ASP A 311 -16.24 27.16 -21.88
N TYR A 312 -16.51 25.86 -21.84
CA TYR A 312 -15.82 25.01 -20.88
C TYR A 312 -14.34 24.94 -21.20
N LEU A 313 -14.00 24.72 -22.47
CA LEU A 313 -12.59 24.61 -22.85
C LEU A 313 -11.87 25.94 -22.68
N ARG A 314 -12.60 27.07 -22.80
CA ARG A 314 -11.98 28.37 -22.65
C ARG A 314 -11.31 28.55 -21.28
N MET A 315 -11.75 27.81 -20.24
CA MET A 315 -11.07 28.01 -18.97
C MET A 315 -9.67 27.41 -18.93
N PHE A 316 -9.29 26.61 -19.94
CA PHE A 316 -7.95 26.02 -19.97
C PHE A 316 -6.97 26.82 -20.80
N LEU A 317 -7.39 27.95 -21.38
CA LEU A 317 -6.53 28.71 -22.30
C LEU A 317 -5.47 29.54 -21.55
N LYS B 9 4.30 46.26 -8.84
CA LYS B 9 3.66 44.98 -8.53
C LYS B 9 4.73 43.90 -8.38
N THR B 10 4.86 43.32 -7.18
CA THR B 10 5.83 42.26 -6.97
C THR B 10 5.35 40.98 -7.65
N ARG B 11 6.24 40.31 -8.38
CA ARG B 11 5.93 39.04 -9.04
C ARG B 11 6.34 37.90 -8.12
N VAL B 12 5.37 37.02 -7.80
CA VAL B 12 5.53 35.94 -6.81
C VAL B 12 5.23 34.60 -7.46
N LEU B 13 6.13 33.63 -7.30
CA LEU B 13 5.88 32.26 -7.69
C LEU B 13 5.59 31.44 -6.42
N VAL B 14 4.44 30.78 -6.39
CA VAL B 14 4.13 29.84 -5.31
C VAL B 14 4.37 28.44 -5.82
N VAL B 15 5.24 27.71 -5.10
CA VAL B 15 5.53 26.31 -5.35
C VAL B 15 4.88 25.51 -4.24
N GLY B 16 4.03 24.55 -4.60
CA GLY B 16 3.18 23.89 -3.62
C GLY B 16 1.84 24.60 -3.52
N ALA B 17 1.37 25.10 -4.67
CA ALA B 17 0.23 26.00 -4.70
C ALA B 17 -1.10 25.31 -4.39
N THR B 18 -1.20 23.98 -4.54
CA THR B 18 -2.43 23.29 -4.17
C THR B 18 -2.33 22.68 -2.78
N GLY B 19 -1.32 23.05 -2.00
CA GLY B 19 -1.18 22.51 -0.67
C GLY B 19 -2.15 23.13 0.32
N TYR B 20 -2.17 22.54 1.52
CA TYR B 20 -3.07 23.03 2.57
C TYR B 20 -2.80 24.51 2.88
N ILE B 21 -1.58 24.84 3.29
CA ILE B 21 -1.26 26.25 3.46
C ILE B 21 -0.98 26.90 2.10
N GLY B 22 -0.49 26.14 1.13
CA GLY B 22 -0.10 26.72 -0.15
C GLY B 22 -1.26 27.39 -0.89
N LYS B 23 -2.43 26.72 -0.92
CA LYS B 23 -3.55 27.33 -1.65
C LYS B 23 -3.99 28.61 -0.97
N ARG B 24 -3.92 28.66 0.36
CA ARG B 24 -4.27 29.87 1.07
C ARG B 24 -3.29 30.99 0.76
N ILE B 25 -2.02 30.64 0.57
CA ILE B 25 -1.02 31.65 0.24
C ILE B 25 -1.26 32.18 -1.16
N VAL B 26 -1.65 31.31 -2.10
CA VAL B 26 -1.95 31.80 -3.45
C VAL B 26 -3.06 32.84 -3.39
N ARG B 27 -4.14 32.55 -2.67
CA ARG B 27 -5.25 33.49 -2.57
C ARG B 27 -4.85 34.76 -1.83
N ALA B 28 -4.07 34.64 -0.75
CA ALA B 28 -3.61 35.83 -0.04
C ALA B 28 -2.71 36.69 -0.92
N CYS B 29 -1.90 36.07 -1.77
CA CYS B 29 -1.04 36.85 -2.66
C CYS B 29 -1.86 37.60 -3.69
N LEU B 30 -2.86 36.94 -4.27
CA LEU B 30 -3.72 37.61 -5.23
C LEU B 30 -4.47 38.76 -4.58
N ALA B 31 -5.07 38.50 -3.41
CA ALA B 31 -5.80 39.56 -2.71
C ALA B 31 -4.90 40.73 -2.33
N GLU B 32 -3.62 40.46 -2.05
CA GLU B 32 -2.69 41.52 -1.70
C GLU B 32 -2.31 42.39 -2.89
N GLY B 33 -2.52 41.91 -4.11
CA GLY B 33 -2.16 42.65 -5.31
C GLY B 33 -0.91 42.17 -5.99
N HIS B 34 -0.26 41.11 -5.50
CA HIS B 34 0.92 40.60 -6.16
C HIS B 34 0.53 39.96 -7.50
N GLU B 35 1.46 40.05 -8.45
CA GLU B 35 1.35 39.31 -9.70
C GLU B 35 1.76 37.88 -9.40
N THR B 36 0.78 36.99 -9.32
CA THR B 36 0.94 35.70 -8.65
C THR B 36 1.00 34.62 -9.71
N TYR B 37 2.15 33.96 -9.75
CA TYR B 37 2.41 32.79 -10.57
C TYR B 37 2.33 31.54 -9.69
N VAL B 38 1.89 30.44 -10.28
CA VAL B 38 1.74 29.18 -9.56
C VAL B 38 2.36 28.08 -10.39
N LEU B 39 3.18 27.24 -9.75
CA LEU B 39 3.83 26.12 -10.42
C LEU B 39 2.85 24.95 -10.56
N GLN B 40 2.52 24.61 -11.79
CA GLN B 40 1.66 23.47 -12.07
C GLN B 40 2.55 22.34 -12.56
N ARG B 41 2.64 21.29 -11.75
CA ARG B 41 3.53 20.21 -12.12
C ARG B 41 2.79 19.18 -12.97
N PRO B 42 3.47 18.60 -13.96
CA PRO B 42 2.81 17.57 -14.78
C PRO B 42 2.41 16.34 -14.00
N GLU B 43 3.10 16.04 -12.90
CA GLU B 43 2.84 14.83 -12.15
C GLU B 43 1.48 14.82 -11.47
N ILE B 44 0.79 15.95 -11.39
CA ILE B 44 -0.52 15.99 -10.76
C ILE B 44 -1.63 16.12 -11.80
N GLY B 45 -1.34 15.81 -13.07
CA GLY B 45 -2.31 15.94 -14.13
C GLY B 45 -3.51 15.01 -14.03
N LEU B 46 -3.46 13.99 -13.17
CA LEU B 46 -4.60 13.10 -12.98
C LEU B 46 -5.27 13.27 -11.62
N GLU B 47 -4.94 14.32 -10.89
CA GLU B 47 -5.51 14.57 -9.57
C GLU B 47 -6.53 15.69 -9.73
N ILE B 48 -7.81 15.30 -9.76
CA ILE B 48 -8.86 16.24 -10.18
C ILE B 48 -8.93 17.46 -9.26
N GLU B 49 -8.78 17.26 -7.94
CA GLU B 49 -8.91 18.42 -7.06
C GLU B 49 -7.76 19.42 -7.25
N LYS B 50 -6.56 18.94 -7.56
CA LYS B 50 -5.45 19.86 -7.87
C LYS B 50 -5.69 20.59 -9.21
N VAL B 51 -6.04 19.83 -10.25
CA VAL B 51 -6.29 20.45 -11.55
C VAL B 51 -7.35 21.55 -11.43
N GLN B 52 -8.42 21.29 -10.69
CA GLN B 52 -9.48 22.29 -10.62
C GLN B 52 -9.11 23.44 -9.69
N LEU B 53 -8.23 23.21 -8.71
CA LEU B 53 -7.69 24.32 -7.94
C LEU B 53 -6.92 25.27 -8.85
N PHE B 54 -6.13 24.72 -9.78
CA PHE B 54 -5.40 25.58 -10.71
C PHE B 54 -6.37 26.37 -11.59
N LEU B 55 -7.45 25.73 -12.05
CA LEU B 55 -8.48 26.48 -12.78
C LEU B 55 -9.06 27.61 -11.93
N SER B 56 -9.27 27.36 -10.63
CA SER B 56 -9.82 28.41 -9.79
C SER B 56 -8.82 29.53 -9.56
N PHE B 57 -7.52 29.20 -9.50
CA PHE B 57 -6.49 30.24 -9.40
C PHE B 57 -6.44 31.11 -10.66
N LYS B 58 -6.48 30.47 -11.83
CA LYS B 58 -6.54 31.22 -13.08
C LYS B 58 -7.69 32.23 -13.06
N LYS B 59 -8.89 31.79 -12.65
CA LYS B 59 -10.04 32.68 -12.66
C LYS B 59 -9.81 33.90 -11.78
N LEU B 60 -9.06 33.75 -10.70
CA LEU B 60 -8.73 34.87 -9.82
C LEU B 60 -7.56 35.72 -10.33
N GLY B 61 -6.94 35.36 -11.45
CA GLY B 61 -5.87 36.15 -12.02
C GLY B 61 -4.49 35.54 -11.90
N ALA B 62 -4.34 34.35 -11.36
CA ALA B 62 -3.01 33.76 -11.25
C ALA B 62 -2.53 33.30 -12.62
N ARG B 63 -1.22 33.38 -12.82
CA ARG B 63 -0.58 32.90 -14.03
C ARG B 63 -0.02 31.51 -13.81
N ILE B 64 -0.36 30.58 -14.70
CA ILE B 64 0.12 29.21 -14.61
C ILE B 64 1.53 29.14 -15.17
N VAL B 65 2.42 28.49 -14.43
CA VAL B 65 3.79 28.20 -14.89
C VAL B 65 3.99 26.69 -14.80
N GLU B 66 4.33 26.05 -15.92
CA GLU B 66 4.54 24.61 -15.93
C GLU B 66 5.99 24.28 -15.60
N GLY B 67 6.17 23.27 -14.76
CA GLY B 67 7.51 22.81 -14.46
C GLY B 67 7.45 21.61 -13.55
N SER B 68 8.59 20.92 -13.46
CA SER B 68 8.68 19.69 -12.69
C SER B 68 9.96 19.69 -11.88
N PHE B 69 9.90 19.12 -10.67
CA PHE B 69 11.13 19.00 -9.89
C PHE B 69 12.10 17.99 -10.49
N SER B 70 11.65 17.12 -11.39
CA SER B 70 12.60 16.25 -12.07
C SER B 70 13.18 16.90 -13.33
N ASP B 71 12.85 18.16 -13.60
CA ASP B 71 13.33 18.87 -14.78
C ASP B 71 13.97 20.17 -14.29
N HIS B 72 15.27 20.10 -13.98
CA HIS B 72 15.96 21.23 -13.39
C HIS B 72 15.78 22.52 -14.19
N GLN B 73 15.86 22.44 -15.52
CA GLN B 73 15.76 23.67 -16.31
C GLN B 73 14.35 24.25 -16.28
N SER B 74 13.32 23.42 -16.04
CA SER B 74 11.98 23.97 -15.90
C SER B 74 11.87 24.80 -14.62
N LEU B 75 12.54 24.35 -13.55
CA LEU B 75 12.55 25.14 -12.32
C LEU B 75 13.27 26.47 -12.53
N VAL B 76 14.46 26.41 -13.15
CA VAL B 76 15.18 27.63 -13.48
C VAL B 76 14.31 28.59 -14.29
N SER B 77 13.66 28.08 -15.33
CA SER B 77 12.82 28.95 -16.15
C SER B 77 11.68 29.56 -15.35
N ALA B 78 11.12 28.78 -14.41
CA ALA B 78 9.98 29.27 -13.63
C ALA B 78 10.40 30.38 -12.67
N VAL B 79 11.50 30.18 -11.93
CA VAL B 79 11.88 31.20 -10.96
C VAL B 79 12.42 32.46 -11.65
N LYS B 80 12.93 32.32 -12.89
CA LYS B 80 13.37 33.49 -13.64
C LYS B 80 12.23 34.48 -13.91
N LEU B 81 10.98 34.04 -13.82
CA LEU B 81 9.83 34.88 -14.13
C LEU B 81 9.49 35.88 -13.01
N VAL B 82 10.03 35.71 -11.80
CA VAL B 82 9.46 36.38 -10.64
C VAL B 82 10.56 37.02 -9.81
N ASP B 83 10.13 37.90 -8.90
CA ASP B 83 10.95 38.54 -7.89
C ASP B 83 11.09 37.71 -6.61
N VAL B 84 10.02 37.00 -6.22
CA VAL B 84 9.94 36.31 -4.94
C VAL B 84 9.41 34.90 -5.16
N VAL B 85 10.03 33.92 -4.51
CA VAL B 85 9.54 32.54 -4.52
C VAL B 85 9.07 32.18 -3.11
N VAL B 86 7.85 31.66 -3.01
CA VAL B 86 7.33 31.09 -1.76
C VAL B 86 7.13 29.60 -1.97
N SER B 87 7.71 28.80 -1.08
CA SER B 87 7.54 27.36 -1.11
C SER B 87 6.63 26.91 0.04
N ALA B 88 5.64 26.08 -0.28
CA ALA B 88 4.76 25.49 0.72
C ALA B 88 4.84 23.97 0.62
N MET B 89 6.04 23.48 0.32
CA MET B 89 6.31 22.05 0.23
C MET B 89 5.82 21.30 1.47
N SER B 90 5.30 20.09 1.26
CA SER B 90 4.75 19.29 2.34
C SER B 90 5.79 19.00 3.42
N GLY B 91 5.32 18.90 4.67
CA GLY B 91 6.24 18.69 5.79
C GLY B 91 5.60 18.11 7.03
N VAL B 92 4.80 17.07 6.83
CA VAL B 92 4.10 16.40 7.92
C VAL B 92 4.04 14.91 7.59
N HIS B 93 4.58 14.09 8.49
CA HIS B 93 4.67 12.65 8.25
C HIS B 93 3.31 12.07 7.86
N PHE B 94 2.24 12.54 8.51
CA PHE B 94 0.91 12.03 8.17
C PHE B 94 0.48 12.44 6.76
N ARG B 95 1.10 13.48 6.16
CA ARG B 95 0.82 13.94 4.79
C ARG B 95 2.09 14.18 3.95
N SER B 96 3.05 13.26 3.93
CA SER B 96 4.12 13.31 2.94
C SER B 96 5.22 14.36 3.18
N HIS B 97 6.16 14.03 4.07
CA HIS B 97 7.24 14.89 4.54
C HIS B 97 8.38 15.14 3.53
N ASN B 98 8.18 15.97 2.50
CA ASN B 98 9.14 16.07 1.39
C ASN B 98 9.95 17.38 1.39
N ILE B 99 10.28 17.84 2.60
CA ILE B 99 10.97 19.12 2.77
C ILE B 99 12.24 19.20 1.93
N LEU B 100 13.03 18.12 1.88
CA LEU B 100 14.33 18.20 1.19
C LEU B 100 14.19 18.30 -0.32
N VAL B 101 13.02 18.03 -0.89
CA VAL B 101 12.82 18.25 -2.32
C VAL B 101 13.05 19.71 -2.67
N GLN B 102 12.89 20.60 -1.68
CA GLN B 102 13.16 22.01 -1.92
C GLN B 102 14.61 22.30 -2.28
N LEU B 103 15.55 21.40 -1.94
CA LEU B 103 16.94 21.66 -2.29
C LEU B 103 17.09 21.83 -3.79
N LYS B 104 16.29 21.10 -4.56
CA LYS B 104 16.33 21.29 -6.00
C LYS B 104 15.81 22.66 -6.39
N LEU B 105 14.83 23.18 -5.66
CA LEU B 105 14.38 24.54 -5.93
C LEU B 105 15.44 25.56 -5.55
N VAL B 106 16.15 25.35 -4.42
CA VAL B 106 17.21 26.28 -4.04
C VAL B 106 18.27 26.33 -5.13
N GLU B 107 18.63 25.16 -5.65
CA GLU B 107 19.65 25.07 -6.69
C GLU B 107 19.21 25.79 -7.96
N ALA B 108 17.92 25.67 -8.33
CA ALA B 108 17.42 26.42 -9.49
C ALA B 108 17.43 27.92 -9.25
N ILE B 109 17.03 28.37 -8.05
CA ILE B 109 17.09 29.80 -7.73
C ILE B 109 18.53 30.31 -7.77
N LYS B 110 19.45 29.53 -7.22
CA LYS B 110 20.86 29.91 -7.28
C LYS B 110 21.31 30.14 -8.73
N GLU B 111 21.02 29.20 -9.63
CA GLU B 111 21.40 29.37 -11.03
C GLU B 111 20.70 30.56 -11.68
N ALA B 112 19.41 30.76 -11.39
CA ALA B 112 18.66 31.81 -12.07
C ALA B 112 19.22 33.20 -11.76
N GLY B 113 19.49 33.46 -10.48
CA GLY B 113 20.21 34.66 -10.06
C GLY B 113 19.37 35.89 -9.82
N ASN B 114 18.12 35.92 -10.29
CA ASN B 114 17.28 37.11 -10.24
C ASN B 114 16.35 37.19 -9.03
N VAL B 115 16.26 36.13 -8.23
CA VAL B 115 15.26 36.09 -7.17
C VAL B 115 15.68 37.03 -6.03
N LYS B 116 14.81 38.00 -5.72
CA LYS B 116 15.05 38.95 -4.63
C LYS B 116 14.82 38.33 -3.26
N ARG B 117 13.94 37.34 -3.15
CA ARG B 117 13.73 36.73 -1.84
C ARG B 117 13.06 35.37 -2.00
N PHE B 118 13.45 34.44 -1.11
CA PHE B 118 12.88 33.09 -1.05
C PHE B 118 12.31 32.86 0.34
N LEU B 119 11.05 32.40 0.40
CA LEU B 119 10.45 31.93 1.63
C LEU B 119 10.28 30.41 1.55
N PRO B 120 11.09 29.63 2.26
CA PRO B 120 10.95 28.18 2.23
C PRO B 120 9.77 27.74 3.08
N SER B 121 9.49 26.44 3.01
CA SER B 121 8.34 25.86 3.67
C SER B 121 8.66 25.71 5.16
N GLU B 122 8.31 26.75 5.91
CA GLU B 122 8.57 26.81 7.34
C GLU B 122 7.22 26.73 8.02
N PHE B 123 6.64 27.86 8.46
CA PHE B 123 5.24 27.95 8.86
C PHE B 123 4.90 27.13 10.09
N GLY B 124 5.89 26.78 10.92
CA GLY B 124 5.64 25.95 12.10
C GLY B 124 6.61 26.27 13.21
N MET B 125 6.99 25.26 13.99
CA MET B 125 8.02 25.46 15.01
C MET B 125 9.31 25.98 14.38
N ASP B 126 10.03 26.78 15.16
CA ASP B 126 11.25 27.48 14.74
C ASP B 126 12.43 26.50 14.74
N PRO B 127 12.86 26.03 13.58
CA PRO B 127 13.73 24.83 13.53
C PRO B 127 15.02 24.99 14.31
N PRO B 128 15.72 26.15 14.25
CA PRO B 128 16.98 26.25 15.01
C PRO B 128 16.79 26.05 16.51
N ARG B 129 15.58 26.24 17.02
CA ARG B 129 15.31 26.10 18.45
C ARG B 129 14.98 24.67 18.84
N MET B 130 14.92 23.76 17.88
CA MET B 130 14.43 22.40 18.11
C MET B 130 15.56 21.37 18.11
N GLY B 131 16.79 21.81 18.38
CA GLY B 131 17.96 20.93 18.29
C GLY B 131 17.89 19.68 19.17
N HIS B 132 17.10 19.74 20.26
CA HIS B 132 16.91 18.61 21.16
C HIS B 132 15.56 17.94 21.02
N ALA B 133 14.92 18.08 19.86
CA ALA B 133 13.58 17.52 19.71
C ALA B 133 13.64 15.98 19.68
N LEU B 134 12.48 15.34 20.01
CA LEU B 134 12.42 13.88 20.01
C LEU B 134 12.36 13.34 18.58
N PRO B 135 13.07 12.24 18.28
CA PRO B 135 12.88 11.48 17.03
C PRO B 135 11.58 10.69 17.10
N PRO B 136 10.98 10.39 15.94
CA PRO B 136 11.44 10.84 14.63
C PRO B 136 10.87 12.21 14.27
N GLY B 137 10.15 12.85 15.18
CA GLY B 137 9.61 14.18 14.91
C GLY B 137 10.67 15.23 14.66
N ARG B 138 11.89 15.02 15.16
CA ARG B 138 12.97 15.98 14.90
C ARG B 138 13.35 16.03 13.43
N GLU B 139 12.97 15.02 12.64
CA GLU B 139 13.30 15.02 11.21
C GLU B 139 12.75 16.26 10.52
N THR B 140 11.57 16.72 10.95
CA THR B 140 11.01 17.93 10.35
C THR B 140 11.97 19.10 10.49
N PHE B 141 12.51 19.30 11.69
CA PHE B 141 13.34 20.46 11.95
C PHE B 141 14.73 20.26 11.37
N ASP B 142 15.26 19.04 11.45
CA ASP B 142 16.54 18.75 10.79
C ASP B 142 16.47 19.05 9.30
N GLN B 143 15.42 18.59 8.62
CA GLN B 143 15.33 18.82 7.18
C GLN B 143 15.12 20.29 6.85
N LYS B 144 14.27 21.00 7.61
CA LYS B 144 14.14 22.43 7.37
C LYS B 144 15.46 23.17 7.61
N MET B 145 16.26 22.72 8.58
CA MET B 145 17.54 23.39 8.82
C MET B 145 18.50 23.16 7.66
N GLU B 146 18.49 21.96 7.08
CA GLU B 146 19.29 21.70 5.90
C GLU B 146 18.89 22.63 4.74
N VAL B 147 17.59 22.89 4.59
CA VAL B 147 17.15 23.82 3.57
C VAL B 147 17.64 25.23 3.89
N ARG B 148 17.51 25.67 5.15
CA ARG B 148 18.05 26.97 5.53
C ARG B 148 19.55 27.04 5.24
N GLN B 149 20.28 25.98 5.55
CA GLN B 149 21.72 26.03 5.34
C GLN B 149 22.04 26.18 3.86
N ALA B 150 21.25 25.54 2.99
CA ALA B 150 21.50 25.62 1.56
C ALA B 150 21.11 26.97 0.99
N ILE B 151 20.02 27.57 1.48
CA ILE B 151 19.65 28.92 1.10
C ILE B 151 20.80 29.90 1.40
N GLU B 152 21.33 29.80 2.62
CA GLU B 152 22.35 30.74 3.07
C GLU B 152 23.69 30.49 2.40
N ALA B 153 24.04 29.21 2.20
CA ALA B 153 25.22 28.86 1.42
C ALA B 153 25.10 29.29 -0.05
N ALA B 154 23.90 29.55 -0.54
CA ALA B 154 23.77 30.05 -1.90
C ALA B 154 23.69 31.57 -1.97
N GLY B 155 23.69 32.26 -0.83
CA GLY B 155 23.49 33.70 -0.85
C GLY B 155 22.11 34.16 -1.26
N ILE B 156 21.08 33.34 -1.12
CA ILE B 156 19.72 33.74 -1.51
C ILE B 156 19.10 34.53 -0.36
N PRO B 157 18.57 35.73 -0.59
CA PRO B 157 17.88 36.44 0.49
C PRO B 157 16.62 35.68 0.88
N TYR B 158 16.24 35.78 2.16
CA TYR B 158 15.17 34.91 2.66
C TYR B 158 14.29 35.62 3.68
N THR B 159 13.11 35.03 3.92
CA THR B 159 12.33 35.31 5.12
C THR B 159 11.80 33.97 5.62
N TYR B 160 11.96 33.69 6.92
CA TYR B 160 11.45 32.45 7.51
C TYR B 160 10.22 32.79 8.33
N VAL B 161 9.07 32.20 7.98
CA VAL B 161 7.81 32.46 8.67
C VAL B 161 7.54 31.30 9.63
N VAL B 162 7.45 31.61 10.94
CA VAL B 162 7.38 30.58 11.98
C VAL B 162 6.42 31.02 13.08
N GLY B 163 6.07 30.07 13.96
CA GLY B 163 5.70 30.42 15.34
C GLY B 163 4.27 30.15 15.77
N ALA B 164 3.37 29.68 14.90
CA ALA B 164 1.96 29.48 15.24
C ALA B 164 1.45 28.11 14.82
N CYS B 165 0.67 27.46 15.70
CA CYS B 165 -0.07 26.25 15.32
C CYS B 165 -1.16 26.58 14.33
N PHE B 166 -1.30 25.78 13.26
CA PHE B 166 -2.46 25.92 12.39
C PHE B 166 -3.73 25.67 13.21
N ALA B 167 -4.68 26.59 13.14
CA ALA B 167 -5.87 26.47 14.00
C ALA B 167 -6.67 25.20 13.70
N ALA B 168 -6.71 24.75 12.44
CA ALA B 168 -7.52 23.58 12.15
C ALA B 168 -6.99 22.31 12.83
N TYR B 169 -5.67 22.20 12.99
CA TYR B 169 -5.05 21.00 13.54
C TYR B 169 -4.92 21.02 15.06
N PHE B 170 -5.08 22.18 15.68
CA PHE B 170 -4.77 22.33 17.09
C PHE B 170 -5.81 23.09 17.89
N ALA B 171 -6.63 23.95 17.28
CA ALA B 171 -7.64 24.73 17.99
C ALA B 171 -9.04 24.15 17.81
N GLY B 172 -9.45 23.89 16.57
CA GLY B 172 -10.80 23.42 16.32
C GLY B 172 -11.12 22.06 16.92
N ASN B 173 -10.08 21.30 17.25
CA ASN B 173 -10.24 20.01 17.90
C ASN B 173 -9.96 20.07 19.40
N LEU B 174 -9.82 21.27 19.96
CA LEU B 174 -9.38 21.45 21.34
C LEU B 174 -8.07 20.73 21.62
N SER B 175 -7.24 20.59 20.59
CA SER B 175 -5.93 19.98 20.70
C SER B 175 -6.01 18.48 21.01
N GLN B 176 -7.13 17.82 20.69
CA GLN B 176 -7.21 16.37 20.73
C GLN B 176 -6.75 15.81 19.39
N MET B 177 -5.67 15.04 19.40
CA MET B 177 -5.05 14.58 18.16
C MET B 177 -5.91 13.63 17.34
N VAL B 178 -6.87 12.93 17.95
CA VAL B 178 -7.60 11.90 17.22
C VAL B 178 -8.64 12.48 16.27
N THR B 179 -8.82 13.79 16.23
CA THR B 179 -9.93 14.34 15.48
C THR B 179 -9.61 15.77 15.06
N LEU B 180 -10.48 16.32 14.22
CA LEU B 180 -10.38 17.72 13.77
C LEU B 180 -11.59 18.55 14.20
N LEU B 181 -12.43 18.00 15.09
CA LEU B 181 -13.66 18.57 15.60
C LEU B 181 -13.60 18.63 17.12
N PRO B 182 -14.31 19.56 17.75
CA PRO B 182 -14.34 19.56 19.21
C PRO B 182 -15.01 18.31 19.73
N PRO B 183 -14.55 17.79 20.85
CA PRO B 183 -15.15 16.57 21.42
C PRO B 183 -16.51 16.86 22.04
N LYS B 184 -17.38 15.85 21.99
CA LYS B 184 -18.75 16.01 22.49
C LYS B 184 -18.82 16.13 24.01
N GLU B 185 -18.05 15.29 24.74
CA GLU B 185 -18.24 15.17 26.18
C GLU B 185 -16.95 15.24 26.99
N LYS B 186 -15.89 14.59 26.53
CA LYS B 186 -14.66 14.42 27.27
C LYS B 186 -13.50 15.07 26.52
N VAL B 187 -12.54 15.59 27.26
CA VAL B 187 -11.36 16.20 26.65
C VAL B 187 -10.14 15.85 27.51
N ASN B 188 -9.04 15.52 26.83
CA ASN B 188 -7.77 15.32 27.51
C ASN B 188 -7.07 16.66 27.65
N ILE B 189 -6.61 16.96 28.87
CA ILE B 189 -5.83 18.14 29.18
C ILE B 189 -4.38 17.72 29.34
N TYR B 190 -3.49 18.27 28.50
CA TYR B 190 -2.11 17.82 28.47
C TYR B 190 -1.33 18.49 29.60
N GLY B 191 -0.84 17.70 30.55
CA GLY B 191 -0.25 18.26 31.75
C GLY B 191 -1.31 19.00 32.55
N ASP B 192 -0.95 20.14 33.12
CA ASP B 192 -1.95 20.97 33.76
C ASP B 192 -2.73 21.84 32.78
N GLY B 193 -2.35 21.86 31.51
CA GLY B 193 -3.07 22.71 30.56
C GLY B 193 -2.83 24.19 30.76
N ASN B 194 -1.75 24.55 31.42
CA ASN B 194 -1.44 25.94 31.68
C ASN B 194 -0.16 26.39 30.95
N VAL B 195 0.15 25.72 29.84
CA VAL B 195 1.31 26.05 29.03
C VAL B 195 0.82 26.85 27.82
N LYS B 196 1.36 28.05 27.63
CA LYS B 196 0.89 28.94 26.56
C LYS B 196 1.23 28.35 25.20
N VAL B 197 0.25 28.35 24.29
CA VAL B 197 0.46 27.93 22.91
C VAL B 197 0.05 29.10 22.01
N VAL B 198 0.62 29.17 20.81
CA VAL B 198 0.22 30.16 19.80
C VAL B 198 -0.67 29.50 18.75
N PHE B 199 -1.86 30.05 18.54
CA PHE B 199 -2.81 29.58 17.54
C PHE B 199 -3.02 30.64 16.47
N ALA B 200 -3.13 30.22 15.21
CA ALA B 200 -3.46 31.18 14.17
C ALA B 200 -4.30 30.50 13.09
N ASP B 201 -5.40 31.17 12.75
CA ASP B 201 -6.15 30.84 11.56
C ASP B 201 -5.22 30.86 10.36
N GLU B 202 -5.30 29.83 9.52
CA GLU B 202 -4.31 29.68 8.46
C GLU B 202 -4.48 30.72 7.35
N ASP B 203 -5.69 31.26 7.18
CA ASP B 203 -5.87 32.39 6.27
C ASP B 203 -5.10 33.61 6.75
N ASP B 204 -5.02 33.81 8.07
CA ASP B 204 -4.21 34.91 8.59
C ASP B 204 -2.73 34.67 8.34
N ILE B 205 -2.27 33.45 8.59
CA ILE B 205 -0.89 33.09 8.31
C ILE B 205 -0.57 33.38 6.85
N ALA B 206 -1.50 33.04 5.96
CA ALA B 206 -1.28 33.30 4.54
C ALA B 206 -1.26 34.79 4.24
N LYS B 207 -2.10 35.57 4.93
CA LYS B 207 -2.10 37.02 4.70
C LYS B 207 -0.84 37.69 5.23
N TYR B 208 -0.36 37.27 6.41
CA TYR B 208 0.91 37.78 6.92
C TYR B 208 2.04 37.45 5.96
N THR B 209 1.99 36.25 5.37
CA THR B 209 3.01 35.82 4.42
C THR B 209 2.98 36.70 3.16
N ALA B 210 1.79 36.99 2.65
CA ALA B 210 1.67 37.86 1.49
C ALA B 210 2.13 39.27 1.81
N LYS B 211 1.92 39.72 3.06
CA LYS B 211 2.34 41.09 3.38
C LYS B 211 3.84 41.18 3.61
N THR B 212 4.46 40.15 4.18
CA THR B 212 5.85 40.24 4.57
C THR B 212 6.81 39.98 3.41
N LEU B 213 6.35 39.35 2.34
CA LEU B 213 7.32 38.83 1.38
C LEU B 213 8.02 39.89 0.57
N ASN B 214 7.55 41.14 0.57
CA ASN B 214 8.25 42.25 -0.08
C ASN B 214 8.48 43.42 0.88
N ASP B 215 8.43 43.15 2.18
CA ASP B 215 8.64 44.12 3.26
C ASP B 215 10.12 44.26 3.54
N PRO B 216 10.72 45.41 3.23
CA PRO B 216 12.16 45.58 3.52
C PRO B 216 12.51 45.26 4.97
N ARG B 217 11.56 45.43 5.90
CA ARG B 217 11.85 45.16 7.30
C ARG B 217 12.14 43.68 7.58
N THR B 218 11.71 42.77 6.71
CA THR B 218 11.85 41.34 7.00
C THR B 218 12.82 40.64 6.08
N LEU B 219 13.60 41.39 5.29
CA LEU B 219 14.63 40.81 4.46
C LEU B 219 15.68 40.11 5.32
N ASN B 220 15.88 38.81 5.07
CA ASN B 220 16.85 38.00 5.80
C ASN B 220 16.54 37.95 7.30
N LYS B 221 15.26 37.83 7.64
CA LYS B 221 14.84 37.74 9.03
C LYS B 221 13.90 36.55 9.21
N THR B 222 13.76 36.15 10.47
CA THR B 222 12.66 35.29 10.89
C THR B 222 11.50 36.16 11.33
N VAL B 223 10.31 35.91 10.77
CA VAL B 223 9.11 36.61 11.15
C VAL B 223 8.24 35.66 11.97
N ASN B 224 7.95 36.04 13.20
CA ASN B 224 7.10 35.24 14.09
C ASN B 224 5.64 35.64 13.94
N ILE B 225 4.76 34.67 13.81
CA ILE B 225 3.33 34.90 13.82
C ILE B 225 2.89 34.60 15.24
N ARG B 226 2.74 35.63 16.06
CA ARG B 226 2.36 35.44 17.45
C ARG B 226 1.35 36.51 17.81
N PRO B 227 0.11 36.35 17.33
CA PRO B 227 -0.92 37.35 17.63
C PRO B 227 -1.28 37.32 19.10
N PRO B 228 -1.19 38.45 19.80
CA PRO B 228 -1.26 38.41 21.28
C PRO B 228 -2.53 37.79 21.82
N ASP B 229 -3.68 38.07 21.21
CA ASP B 229 -4.93 37.50 21.72
C ASP B 229 -5.04 36.00 21.47
N ASN B 230 -4.19 35.44 20.61
CA ASN B 230 -4.25 34.02 20.29
C ASN B 230 -3.15 33.24 20.98
N VAL B 231 -2.47 33.84 21.96
CA VAL B 231 -1.52 33.13 22.82
C VAL B 231 -2.32 32.61 24.00
N LEU B 232 -2.66 31.31 23.98
CA LEU B 232 -3.61 30.71 24.91
C LEU B 232 -3.06 29.40 25.49
N THR B 233 -3.37 29.13 26.76
CA THR B 233 -3.11 27.79 27.27
C THR B 233 -4.19 26.87 26.73
N GLN B 234 -3.96 25.57 26.80
CA GLN B 234 -4.98 24.64 26.31
C GLN B 234 -6.25 24.77 27.14
N LEU B 235 -6.10 24.96 28.45
CA LEU B 235 -7.27 25.16 29.30
C LEU B 235 -8.05 26.40 28.89
N GLU B 236 -7.37 27.50 28.58
CA GLU B 236 -8.07 28.69 28.13
C GLU B 236 -8.83 28.41 26.83
N LEU B 237 -8.20 27.66 25.91
CA LEU B 237 -8.87 27.27 24.68
C LEU B 237 -10.12 26.46 24.98
N VAL B 238 -9.99 25.44 25.83
CA VAL B 238 -11.15 24.62 26.19
C VAL B 238 -12.22 25.49 26.85
N GLN B 239 -11.80 26.44 27.70
CA GLN B 239 -12.80 27.29 28.35
C GLN B 239 -13.51 28.19 27.36
N ILE B 240 -12.85 28.60 26.29
CA ILE B 240 -13.55 29.33 25.22
C ILE B 240 -14.66 28.45 24.63
N TRP B 241 -14.34 27.18 24.36
CA TRP B 241 -15.37 26.30 23.82
C TRP B 241 -16.50 26.09 24.82
N GLU B 242 -16.16 25.88 26.09
CA GLU B 242 -17.19 25.69 27.10
C GLU B 242 -18.10 26.89 27.20
N LYS B 243 -17.53 28.10 27.08
CA LYS B 243 -18.36 29.31 27.12
C LYS B 243 -19.26 29.40 25.90
N LEU B 244 -18.77 29.01 24.71
CA LEU B 244 -19.62 29.07 23.52
C LEU B 244 -20.75 28.05 23.58
N THR B 245 -20.49 26.88 24.18
CA THR B 245 -21.50 25.82 24.20
C THR B 245 -22.39 25.87 25.45
N GLY B 246 -21.98 26.60 26.48
CA GLY B 246 -22.70 26.63 27.73
C GLY B 246 -22.49 25.44 28.64
N LYS B 247 -21.68 24.46 28.23
CA LYS B 247 -21.53 23.22 29.00
C LYS B 247 -20.06 22.93 29.23
N GLU B 248 -19.75 22.39 30.39
CA GLU B 248 -18.37 22.03 30.69
C GLU B 248 -18.07 20.63 30.18
N LEU B 249 -16.85 20.44 29.69
CA LEU B 249 -16.38 19.13 29.30
C LEU B 249 -15.72 18.47 30.50
N GLU B 250 -15.85 17.16 30.60
CA GLU B 250 -15.11 16.43 31.61
C GLU B 250 -13.65 16.35 31.19
N LYS B 251 -12.75 16.87 32.05
CA LYS B 251 -11.34 17.00 31.74
C LYS B 251 -10.53 15.95 32.48
N THR B 252 -9.59 15.32 31.76
CA THR B 252 -8.63 14.37 32.33
C THR B 252 -7.23 14.88 32.02
N ASN B 253 -6.43 15.11 33.07
CA ASN B 253 -5.06 15.56 32.87
C ASN B 253 -4.16 14.38 32.56
N ILE B 254 -3.30 14.56 31.56
CA ILE B 254 -2.38 13.54 31.11
C ILE B 254 -0.99 14.03 31.47
N ALA B 255 -0.33 13.30 32.38
CA ALA B 255 1.05 13.60 32.73
C ALA B 255 1.97 13.34 31.54
N ALA B 256 3.10 14.05 31.51
CA ALA B 256 4.05 13.93 30.42
C ALA B 256 4.48 12.48 30.19
N GLN B 257 4.82 11.75 31.25
CA GLN B 257 5.33 10.39 31.04
C GLN B 257 4.24 9.47 30.50
N ASP B 258 2.97 9.73 30.84
CA ASP B 258 1.89 8.92 30.29
C ASP B 258 1.56 9.30 28.85
N PHE B 259 1.72 10.57 28.48
CA PHE B 259 1.59 10.98 27.09
C PHE B 259 2.61 10.26 26.20
N LEU B 260 3.85 10.14 26.67
CA LEU B 260 4.92 9.55 25.88
C LEU B 260 5.04 8.03 26.04
N ALA B 261 4.22 7.39 26.86
CA ALA B 261 4.44 5.97 27.13
C ALA B 261 4.30 5.15 25.86
N ASN B 262 5.23 4.20 25.66
CA ASN B 262 5.21 3.26 24.54
C ASN B 262 5.23 3.96 23.18
N ILE B 263 5.84 5.15 23.11
CA ILE B 263 5.89 5.85 21.84
C ILE B 263 6.60 5.01 20.78
N GLU B 264 7.62 4.24 21.19
CA GLU B 264 8.41 3.42 20.26
C GLU B 264 7.59 2.35 19.54
N GLN B 265 6.39 2.03 20.01
CA GLN B 265 5.55 1.02 19.38
C GLN B 265 4.49 1.62 18.47
N MET B 266 4.45 2.94 18.33
CA MET B 266 3.49 3.56 17.43
C MET B 266 4.04 3.59 16.01
N GLU B 267 3.13 3.68 15.04
CA GLU B 267 3.56 3.93 13.68
C GLU B 267 4.34 5.24 13.62
N ILE B 268 5.35 5.29 12.74
CA ILE B 268 6.27 6.43 12.70
C ILE B 268 5.55 7.77 12.58
N PRO B 269 4.55 7.94 11.71
CA PRO B 269 3.86 9.24 11.64
C PRO B 269 3.24 9.63 12.97
N HIS B 270 2.66 8.68 13.68
CA HIS B 270 2.08 9.02 14.98
C HIS B 270 3.16 9.38 15.98
N GLN B 271 4.31 8.68 15.93
CA GLN B 271 5.43 9.04 16.80
C GLN B 271 5.88 10.49 16.56
N ALA B 272 5.97 10.90 15.30
CA ALA B 272 6.36 12.28 15.00
C ALA B 272 5.35 13.27 15.57
N GLY B 273 4.06 12.99 15.38
CA GLY B 273 3.02 13.89 15.86
C GLY B 273 3.03 14.03 17.37
N ILE B 274 3.15 12.90 18.08
CA ILE B 274 3.32 12.91 19.54
C ILE B 274 4.49 13.80 19.94
N GLY B 275 5.65 13.62 19.29
CA GLY B 275 6.82 14.41 19.64
C GLY B 275 6.60 15.89 19.42
N HIS B 276 6.04 16.27 18.26
CA HIS B 276 5.72 17.67 18.00
C HIS B 276 4.73 18.20 19.03
N PHE B 277 3.66 17.46 19.28
CA PHE B 277 2.69 17.86 20.31
C PHE B 277 3.37 18.05 21.65
N TYR B 278 4.31 17.17 22.00
CA TYR B 278 5.01 17.26 23.27
C TYR B 278 5.75 18.58 23.42
N HIS B 279 6.52 18.97 22.40
CA HIS B 279 7.28 20.20 22.49
C HIS B 279 6.37 21.42 22.66
N ILE B 280 5.24 21.42 21.95
CA ILE B 280 4.34 22.58 21.99
C ILE B 280 3.60 22.63 23.33
N PHE B 281 2.96 21.53 23.72
CA PHE B 281 2.00 21.59 24.82
C PHE B 281 2.61 21.28 26.19
N TYR B 282 3.69 20.50 26.24
CA TYR B 282 4.36 20.22 27.51
C TYR B 282 5.57 21.11 27.75
N GLU B 283 6.38 21.36 26.73
CA GLU B 283 7.57 22.20 26.92
C GLU B 283 7.32 23.67 26.56
N GLY B 284 6.20 23.99 25.94
CA GLY B 284 5.87 25.36 25.60
C GLY B 284 6.83 25.98 24.60
N CYS B 285 7.20 25.24 23.56
CA CYS B 285 8.25 25.75 22.67
C CYS B 285 7.81 26.93 21.83
N LEU B 286 6.52 27.20 21.71
CA LEU B 286 6.09 28.36 20.94
C LEU B 286 6.06 29.64 21.75
N THR B 287 6.20 29.54 23.08
CA THR B 287 6.07 30.68 23.99
C THR B 287 7.17 30.77 25.04
N ASP B 288 8.15 29.86 25.03
CA ASP B 288 9.21 29.87 26.04
C ASP B 288 10.29 30.91 25.74
N HIS B 289 10.10 31.79 24.77
CA HIS B 289 11.03 32.86 24.45
C HIS B 289 10.22 34.04 23.93
N GLU B 290 10.79 35.24 24.06
CA GLU B 290 10.08 36.42 23.60
C GLU B 290 10.61 36.84 22.24
N VAL B 291 9.79 37.61 21.51
CA VAL B 291 10.22 38.20 20.25
C VAL B 291 9.81 39.66 20.19
N GLY B 292 10.61 40.47 19.47
CA GLY B 292 10.37 41.89 19.36
C GLY B 292 9.25 42.25 18.39
N GLU B 293 8.77 43.49 18.50
CA GLU B 293 7.70 43.94 17.62
C GLU B 293 8.17 44.05 16.17
N ASP B 294 9.46 44.27 15.94
CA ASP B 294 9.97 44.33 14.57
C ASP B 294 10.22 42.94 13.97
N GLU B 295 9.87 41.86 14.68
CA GLU B 295 9.98 40.52 14.11
C GLU B 295 8.72 39.69 14.39
N GLU B 296 7.60 40.34 14.68
CA GLU B 296 6.34 39.67 14.95
C GLU B 296 5.27 40.22 14.01
N ALA B 297 4.55 39.30 13.36
CA ALA B 297 3.69 39.67 12.23
C ALA B 297 2.53 40.57 12.64
N SER B 298 1.91 40.34 13.79
CA SER B 298 0.74 41.17 14.11
C SER B 298 1.13 42.62 14.40
N SER B 299 2.34 42.86 14.91
CA SER B 299 2.83 44.23 15.07
C SER B 299 3.29 44.84 13.75
N LEU B 300 4.03 44.06 12.95
CA LEU B 300 4.50 44.55 11.66
C LEU B 300 3.36 44.92 10.75
N TYR B 301 2.24 44.20 10.82
CA TYR B 301 1.12 44.35 9.90
C TYR B 301 -0.16 44.52 10.70
N PRO B 302 -0.30 45.66 11.40
CA PRO B 302 -1.47 45.84 12.29
C PRO B 302 -2.81 45.89 11.57
N ASP B 303 -2.83 46.14 10.26
CA ASP B 303 -4.12 46.21 9.57
C ASP B 303 -4.75 44.85 9.35
N VAL B 304 -4.02 43.76 9.58
CA VAL B 304 -4.59 42.41 9.53
C VAL B 304 -5.39 42.22 10.82
N LYS B 305 -6.72 42.16 10.69
CA LYS B 305 -7.60 41.95 11.85
C LYS B 305 -7.72 40.44 12.05
N TYR B 306 -6.73 39.88 12.73
CA TYR B 306 -6.61 38.44 12.75
C TYR B 306 -7.78 37.81 13.51
N LYS B 307 -8.18 36.62 13.08
CA LYS B 307 -9.31 35.94 13.70
C LYS B 307 -8.90 35.40 15.07
N ARG B 308 -9.64 35.80 16.11
CA ARG B 308 -9.44 35.28 17.44
C ARG B 308 -10.06 33.89 17.55
N MET B 309 -9.64 33.12 18.58
CA MET B 309 -10.06 31.72 18.64
C MET B 309 -11.52 31.53 19.07
N ASP B 310 -12.13 32.51 19.72
CA ASP B 310 -13.57 32.39 19.96
C ASP B 310 -14.34 32.47 18.65
N ASP B 311 -13.96 33.41 17.77
CA ASP B 311 -14.57 33.48 16.45
C ASP B 311 -14.25 32.23 15.63
N TYR B 312 -13.01 31.73 15.74
CA TYR B 312 -12.65 30.52 15.01
C TYR B 312 -13.53 29.36 15.44
N LEU B 313 -13.64 29.12 16.75
CA LEU B 313 -14.40 27.96 17.24
C LEU B 313 -15.91 28.07 16.97
N ARG B 314 -16.42 29.29 16.75
CA ARG B 314 -17.85 29.43 16.46
C ARG B 314 -18.28 28.68 15.22
N MET B 315 -17.40 28.49 14.24
CA MET B 315 -17.87 27.79 13.07
C MET B 315 -18.11 26.30 13.33
N PHE B 316 -17.71 25.79 14.49
CA PHE B 316 -17.94 24.40 14.84
C PHE B 316 -19.24 24.19 15.62
N LEU B 317 -19.93 25.26 15.99
CA LEU B 317 -21.19 25.13 16.75
C LEU B 317 -22.39 24.66 15.90
N LYS C 9 -3.71 -47.07 6.15
CA LYS C 9 -3.11 -45.78 5.77
C LYS C 9 -4.16 -44.67 5.77
N THR C 10 -4.08 -43.75 6.73
CA THR C 10 -5.03 -42.65 6.80
C THR C 10 -4.77 -41.64 5.67
N ARG C 11 -5.84 -41.19 5.03
CA ARG C 11 -5.75 -40.18 3.98
C ARG C 11 -6.09 -38.82 4.59
N VAL C 12 -5.14 -37.89 4.50
CA VAL C 12 -5.25 -36.58 5.12
C VAL C 12 -5.14 -35.51 4.04
N LEU C 13 -6.07 -34.57 4.05
CA LEU C 13 -5.94 -33.36 3.27
C LEU C 13 -5.53 -32.21 4.17
N VAL C 14 -4.41 -31.56 3.85
CA VAL C 14 -3.97 -30.37 4.57
C VAL C 14 -4.37 -29.13 3.77
N VAL C 15 -5.14 -28.25 4.39
CA VAL C 15 -5.55 -26.98 3.78
C VAL C 15 -4.75 -25.87 4.46
N GLY C 16 -4.05 -25.08 3.68
CA GLY C 16 -3.09 -24.12 4.23
C GLY C 16 -1.71 -24.74 4.26
N ALA C 17 -1.41 -25.55 3.24
CA ALA C 17 -0.24 -26.43 3.25
C ALA C 17 1.07 -25.67 3.11
N THR C 18 1.06 -24.44 2.61
CA THR C 18 2.30 -23.67 2.54
C THR C 18 2.43 -22.70 3.72
N GLY C 19 1.51 -22.76 4.69
CA GLY C 19 1.56 -21.88 5.83
C GLY C 19 2.75 -22.17 6.74
N TYR C 20 2.89 -21.31 7.75
CA TYR C 20 4.00 -21.47 8.69
C TYR C 20 3.89 -22.78 9.45
N ILE C 21 2.77 -23.02 10.11
CA ILE C 21 2.61 -24.34 10.72
C ILE C 21 2.12 -25.36 9.69
N GLY C 22 1.35 -24.91 8.69
CA GLY C 22 0.84 -25.83 7.70
C GLY C 22 1.92 -26.63 7.00
N LYS C 23 3.00 -25.97 6.58
CA LYS C 23 4.03 -26.69 5.86
C LYS C 23 4.71 -27.72 6.75
N ARG C 24 4.85 -27.44 8.04
CA ARG C 24 5.41 -28.46 8.94
C ARG C 24 4.42 -29.60 9.16
N ILE C 25 3.12 -29.31 9.17
CA ILE C 25 2.13 -30.37 9.32
C ILE C 25 2.14 -31.30 8.11
N VAL C 26 2.35 -30.75 6.90
CA VAL C 26 2.46 -31.60 5.72
C VAL C 26 3.62 -32.57 5.88
N ARG C 27 4.82 -32.04 6.20
CA ARG C 27 5.99 -32.90 6.34
C ARG C 27 5.83 -33.93 7.46
N ALA C 28 5.20 -33.54 8.56
CA ALA C 28 4.98 -34.49 9.66
C ALA C 28 3.98 -35.56 9.24
N CYS C 29 2.95 -35.18 8.48
CA CYS C 29 1.96 -36.15 8.01
C CYS C 29 2.59 -37.18 7.10
N LEU C 30 3.50 -36.74 6.23
CA LEU C 30 4.24 -37.68 5.39
C LEU C 30 5.16 -38.56 6.23
N ALA C 31 5.92 -37.95 7.15
CA ALA C 31 6.80 -38.74 8.00
C ALA C 31 6.01 -39.76 8.82
N GLU C 32 4.80 -39.41 9.25
CA GLU C 32 3.99 -40.35 10.03
C GLU C 32 3.56 -41.55 9.21
N GLY C 33 3.45 -41.41 7.89
CA GLY C 33 2.98 -42.47 7.03
C GLY C 33 1.56 -42.31 6.54
N HIS C 34 0.92 -41.18 6.80
CA HIS C 34 -0.39 -40.92 6.21
C HIS C 34 -0.24 -40.70 4.72
N GLU C 35 -1.28 -41.08 3.98
CA GLU C 35 -1.41 -40.68 2.58
C GLU C 35 -1.85 -39.23 2.58
N THR C 36 -0.95 -38.33 2.18
CA THR C 36 -1.06 -36.91 2.48
C THR C 36 -1.40 -36.13 1.22
N TYR C 37 -2.56 -35.48 1.23
CA TYR C 37 -3.04 -34.64 0.16
C TYR C 37 -2.89 -33.18 0.56
N VAL C 38 -2.52 -32.33 -0.38
CA VAL C 38 -2.37 -30.91 -0.08
C VAL C 38 -3.17 -30.11 -1.09
N LEU C 39 -3.92 -29.13 -0.60
CA LEU C 39 -4.74 -28.27 -1.44
C LEU C 39 -3.86 -27.21 -2.09
N GLN C 40 -3.74 -27.26 -3.42
CA GLN C 40 -3.05 -26.21 -4.17
C GLN C 40 -4.09 -25.26 -4.75
N ARG C 41 -4.09 -24.01 -4.28
CA ARG C 41 -5.14 -23.15 -4.80
C ARG C 41 -4.65 -22.37 -6.02
N PRO C 42 -5.51 -22.13 -7.02
CA PRO C 42 -5.05 -21.40 -8.21
C PRO C 42 -4.55 -20.01 -7.87
N GLU C 43 -5.02 -19.43 -6.77
CA GLU C 43 -4.72 -18.04 -6.46
C GLU C 43 -3.26 -17.79 -6.09
N ILE C 44 -2.44 -18.84 -5.95
CA ILE C 44 -1.04 -18.68 -5.57
C ILE C 44 -0.10 -18.99 -6.74
N GLY C 45 -0.65 -19.02 -7.96
CA GLY C 45 0.12 -19.41 -9.13
C GLY C 45 1.34 -18.56 -9.42
N LEU C 46 1.41 -17.33 -8.88
CA LEU C 46 2.56 -16.46 -9.12
C LEU C 46 3.39 -16.23 -7.85
N GLU C 47 3.18 -17.02 -6.82
CA GLU C 47 3.97 -16.91 -5.59
C GLU C 47 5.01 -18.02 -5.66
N ILE C 48 6.22 -17.66 -6.07
CA ILE C 48 7.23 -18.67 -6.39
C ILE C 48 7.54 -19.55 -5.18
N GLU C 49 7.59 -18.96 -3.97
CA GLU C 49 7.93 -19.79 -2.82
C GLU C 49 6.84 -20.81 -2.53
N LYS C 50 5.58 -20.45 -2.76
CA LYS C 50 4.49 -21.41 -2.55
C LYS C 50 4.53 -22.51 -3.60
N VAL C 51 4.68 -22.13 -4.87
CA VAL C 51 4.71 -23.12 -5.94
C VAL C 51 5.80 -24.15 -5.68
N GLN C 52 6.99 -23.70 -5.26
CA GLN C 52 8.09 -24.63 -5.07
C GLN C 52 7.96 -25.42 -3.78
N LEU C 53 7.30 -24.87 -2.77
CA LEU C 53 6.89 -25.69 -1.63
C LEU C 53 6.05 -26.87 -2.10
N PHE C 54 5.07 -26.61 -2.96
CA PHE C 54 4.24 -27.70 -3.48
C PHE C 54 5.09 -28.70 -4.26
N LEU C 55 6.06 -28.24 -5.04
CA LEU C 55 6.90 -29.19 -5.75
C LEU C 55 7.69 -30.04 -4.76
N SER C 56 8.21 -29.43 -3.69
CA SER C 56 8.92 -30.22 -2.68
C SER C 56 7.98 -31.20 -1.98
N PHE C 57 6.72 -30.82 -1.76
CA PHE C 57 5.77 -31.76 -1.18
C PHE C 57 5.60 -32.97 -2.08
N LYS C 58 5.40 -32.73 -3.38
CA LYS C 58 5.24 -33.83 -4.33
C LYS C 58 6.44 -34.76 -4.29
N LYS C 59 7.65 -34.19 -4.28
CA LYS C 59 8.86 -34.99 -4.22
C LYS C 59 8.83 -35.98 -3.05
N LEU C 60 8.22 -35.56 -1.94
CA LEU C 60 8.16 -36.42 -0.76
C LEU C 60 6.97 -37.36 -0.76
N GLY C 61 6.11 -37.29 -1.77
CA GLY C 61 4.98 -38.20 -1.88
C GLY C 61 3.63 -37.59 -1.61
N ALA C 62 3.55 -36.29 -1.32
CA ALA C 62 2.25 -35.67 -1.23
C ALA C 62 1.56 -35.68 -2.59
N ARG C 63 0.23 -35.65 -2.55
CA ARG C 63 -0.60 -35.60 -3.75
C ARG C 63 -1.24 -34.22 -3.84
N ILE C 64 -1.10 -33.58 -4.99
CA ILE C 64 -1.67 -32.26 -5.19
C ILE C 64 -3.15 -32.40 -5.46
N VAL C 65 -3.96 -31.59 -4.77
CA VAL C 65 -5.39 -31.49 -5.03
C VAL C 65 -5.69 -30.03 -5.30
N GLU C 66 -6.17 -29.74 -6.50
CA GLU C 66 -6.48 -28.36 -6.87
C GLU C 66 -7.87 -28.00 -6.40
N GLY C 67 -8.03 -26.76 -5.96
CA GLY C 67 -9.30 -26.30 -5.45
C GLY C 67 -9.17 -24.87 -4.97
N SER C 68 -10.31 -24.22 -4.87
CA SER C 68 -10.37 -22.81 -4.52
C SER C 68 -11.50 -22.58 -3.52
N PHE C 69 -11.25 -21.70 -2.55
CA PHE C 69 -12.32 -21.38 -1.61
C PHE C 69 -13.47 -20.63 -2.26
N SER C 70 -13.24 -20.06 -3.44
CA SER C 70 -14.32 -19.46 -4.22
C SER C 70 -14.94 -20.46 -5.20
N ASP C 71 -14.66 -21.76 -5.04
CA ASP C 71 -15.24 -22.82 -5.88
C ASP C 71 -15.72 -23.92 -4.93
N HIS C 72 -16.95 -23.73 -4.42
CA HIS C 72 -17.51 -24.64 -3.44
C HIS C 72 -17.41 -26.11 -3.89
N GLN C 73 -17.66 -26.38 -5.17
CA GLN C 73 -17.60 -27.76 -5.65
C GLN C 73 -16.18 -28.31 -5.60
N SER C 74 -15.17 -27.46 -5.86
CA SER C 74 -13.79 -27.95 -5.78
C SER C 74 -13.44 -28.35 -4.35
N LEU C 75 -13.95 -27.63 -3.36
CA LEU C 75 -13.71 -28.02 -1.97
C LEU C 75 -14.43 -29.33 -1.65
N VAL C 76 -15.70 -29.45 -2.04
CA VAL C 76 -16.42 -30.69 -1.83
C VAL C 76 -15.67 -31.86 -2.44
N SER C 77 -15.22 -31.70 -3.70
CA SER C 77 -14.49 -32.79 -4.34
C SER C 77 -13.18 -33.07 -3.61
N ALA C 78 -12.52 -32.03 -3.11
CA ALA C 78 -11.24 -32.24 -2.43
C ALA C 78 -11.42 -33.05 -1.16
N VAL C 79 -12.35 -32.63 -0.30
CA VAL C 79 -12.49 -33.35 0.97
C VAL C 79 -12.99 -34.77 0.75
N LYS C 80 -13.66 -35.04 -0.38
CA LYS C 80 -14.16 -36.39 -0.61
C LYS C 80 -13.04 -37.41 -0.82
N LEU C 81 -11.82 -36.97 -1.06
CA LEU C 81 -10.72 -37.89 -1.33
C LEU C 81 -10.06 -38.43 -0.08
N VAL C 82 -10.44 -37.95 1.12
CA VAL C 82 -9.66 -38.21 2.33
C VAL C 82 -10.57 -38.58 3.48
N ASP C 83 -9.94 -39.14 4.53
CA ASP C 83 -10.59 -39.46 5.80
C ASP C 83 -10.52 -38.29 6.78
N VAL C 84 -9.40 -37.56 6.80
CA VAL C 84 -9.15 -36.50 7.77
C VAL C 84 -8.75 -35.21 7.04
N VAL C 85 -9.32 -34.09 7.47
CA VAL C 85 -8.98 -32.76 6.97
C VAL C 85 -8.30 -31.99 8.10
N VAL C 86 -7.14 -31.39 7.79
CA VAL C 86 -6.45 -30.51 8.72
C VAL C 86 -6.32 -29.13 8.08
N SER C 87 -6.81 -28.10 8.77
CA SER C 87 -6.74 -26.74 8.30
C SER C 87 -5.69 -25.98 9.10
N ALA C 88 -4.77 -25.31 8.40
CA ALA C 88 -3.78 -24.44 9.02
C ALA C 88 -3.98 -23.00 8.56
N MET C 89 -5.24 -22.62 8.37
CA MET C 89 -5.59 -21.30 7.87
C MET C 89 -4.97 -20.22 8.75
N SER C 90 -4.59 -19.11 8.11
CA SER C 90 -3.92 -18.01 8.80
C SER C 90 -4.79 -17.46 9.91
N GLY C 91 -4.14 -17.03 10.99
CA GLY C 91 -4.88 -16.55 12.15
C GLY C 91 -4.21 -15.46 12.96
N VAL C 92 -3.17 -14.83 12.39
CA VAL C 92 -2.45 -13.77 13.09
C VAL C 92 -2.66 -12.45 12.36
N HIS C 93 -2.94 -11.40 13.13
CA HIS C 93 -3.20 -10.08 12.56
C HIS C 93 -1.98 -9.54 11.80
N PHE C 94 -0.77 -9.74 12.35
CA PHE C 94 0.44 -9.23 11.70
C PHE C 94 0.73 -9.92 10.37
N ARG C 95 0.23 -11.14 10.15
CA ARG C 95 0.35 -11.82 8.86
C ARG C 95 -0.95 -11.70 8.08
N SER C 96 -1.89 -12.60 8.33
CA SER C 96 -3.27 -12.39 7.91
C SER C 96 -4.17 -13.18 8.84
N HIS C 97 -5.44 -12.74 8.93
CA HIS C 97 -6.39 -13.24 9.93
C HIS C 97 -7.70 -13.64 9.23
N ASN C 98 -7.69 -14.81 8.58
CA ASN C 98 -8.79 -15.26 7.73
C ASN C 98 -9.42 -16.53 8.28
N ILE C 99 -9.47 -16.63 9.61
CA ILE C 99 -9.97 -17.82 10.28
C ILE C 99 -11.35 -18.21 9.74
N LEU C 100 -12.22 -17.21 9.52
CA LEU C 100 -13.59 -17.48 9.14
C LEU C 100 -13.72 -18.03 7.73
N VAL C 101 -12.69 -17.88 6.89
CA VAL C 101 -12.77 -18.51 5.57
C VAL C 101 -12.98 -20.01 5.70
N GLN C 102 -12.53 -20.61 6.81
CA GLN C 102 -12.77 -22.03 7.04
C GLN C 102 -14.27 -22.36 7.07
N LEU C 103 -15.13 -21.37 7.26
CA LEU C 103 -16.56 -21.68 7.26
C LEU C 103 -16.95 -22.35 5.94
N LYS C 104 -16.32 -21.92 4.84
CA LYS C 104 -16.58 -22.55 3.54
C LYS C 104 -16.12 -24.00 3.52
N LEU C 105 -14.99 -24.30 4.19
CA LEU C 105 -14.51 -25.68 4.24
C LEU C 105 -15.42 -26.55 5.11
N VAL C 106 -15.97 -25.98 6.18
CA VAL C 106 -16.92 -26.75 6.99
C VAL C 106 -18.15 -27.13 6.16
N GLU C 107 -18.65 -26.19 5.35
CA GLU C 107 -19.78 -26.49 4.47
C GLU C 107 -19.44 -27.60 3.48
N ALA C 108 -18.22 -27.57 2.93
CA ALA C 108 -17.85 -28.59 1.95
C ALA C 108 -17.78 -29.95 2.61
N ILE C 109 -17.26 -30.01 3.83
CA ILE C 109 -17.15 -31.27 4.56
C ILE C 109 -18.53 -31.79 4.92
N LYS C 110 -19.43 -30.89 5.34
CA LYS C 110 -20.79 -31.28 5.64
C LYS C 110 -21.47 -31.91 4.43
N GLU C 111 -21.43 -31.22 3.29
CA GLU C 111 -22.00 -31.78 2.07
C GLU C 111 -21.33 -33.09 1.70
N ALA C 112 -20.01 -33.18 1.86
CA ALA C 112 -19.30 -34.38 1.42
C ALA C 112 -19.71 -35.61 2.21
N GLY C 113 -19.78 -35.48 3.54
CA GLY C 113 -20.29 -36.55 4.38
C GLY C 113 -19.33 -37.68 4.70
N ASN C 114 -18.18 -37.75 4.05
CA ASN C 114 -17.26 -38.86 4.21
C ASN C 114 -16.12 -38.59 5.20
N VAL C 115 -15.99 -37.37 5.69
CA VAL C 115 -14.82 -37.01 6.50
C VAL C 115 -15.00 -37.55 7.92
N LYS C 116 -14.05 -38.38 8.36
CA LYS C 116 -14.08 -38.94 9.70
C LYS C 116 -13.69 -37.93 10.78
N ARG C 117 -12.83 -36.97 10.46
CA ARG C 117 -12.37 -36.02 11.46
C ARG C 117 -11.86 -34.75 10.79
N PHE C 118 -12.18 -33.61 11.38
CA PHE C 118 -11.68 -32.31 10.93
C PHE C 118 -10.91 -31.67 12.07
N LEU C 119 -9.66 -31.25 11.79
CA LEU C 119 -8.88 -30.45 12.71
C LEU C 119 -8.83 -29.02 12.21
N PRO C 120 -9.58 -28.08 12.80
CA PRO C 120 -9.56 -26.71 12.29
C PRO C 120 -8.28 -25.99 12.72
N SER C 121 -8.12 -24.73 12.29
CA SER C 121 -6.88 -24.00 12.53
C SER C 121 -6.91 -23.46 13.95
N GLU C 122 -6.34 -24.24 14.87
CA GLU C 122 -6.39 -23.89 16.29
C GLU C 122 -4.97 -23.55 16.70
N PHE C 123 -4.23 -24.48 17.32
CA PHE C 123 -2.78 -24.41 17.49
C PHE C 123 -2.29 -23.25 18.34
N GLY C 124 -3.11 -22.71 19.22
CA GLY C 124 -2.70 -21.62 20.10
C GLY C 124 -3.50 -21.57 21.37
N MET C 125 -3.79 -20.37 21.83
CA MET C 125 -4.62 -20.22 23.00
C MET C 125 -5.96 -20.94 22.79
N ASP C 126 -6.52 -21.45 23.89
CA ASP C 126 -7.72 -22.28 23.91
C ASP C 126 -8.96 -21.39 23.83
N PRO C 127 -9.60 -21.30 22.67
CA PRO C 127 -10.55 -20.21 22.40
C PRO C 127 -11.66 -20.12 23.44
N PRO C 128 -12.29 -21.24 23.84
CA PRO C 128 -13.39 -21.12 24.81
C PRO C 128 -12.95 -20.57 26.15
N ARG C 129 -11.65 -20.55 26.43
CA ARG C 129 -11.15 -20.00 27.68
C ARG C 129 -10.89 -18.51 27.61
N MET C 130 -10.99 -17.91 26.43
CA MET C 130 -10.57 -16.53 26.21
C MET C 130 -11.74 -15.56 26.13
N GLY C 131 -12.86 -15.91 26.76
CA GLY C 131 -14.08 -15.12 26.64
C GLY C 131 -13.96 -13.70 27.12
N HIS C 132 -12.95 -13.40 27.94
CA HIS C 132 -12.72 -12.06 28.47
C HIS C 132 -11.52 -11.36 27.85
N ALA C 133 -11.03 -11.85 26.71
CA ALA C 133 -9.80 -11.32 26.14
C ALA C 133 -9.96 -9.85 25.74
N LEU C 134 -8.84 -9.13 25.78
CA LEU C 134 -8.81 -7.75 25.33
C LEU C 134 -9.14 -7.67 23.84
N PRO C 135 -9.97 -6.70 23.42
CA PRO C 135 -10.08 -6.37 21.99
C PRO C 135 -8.90 -5.50 21.54
N PRO C 136 -8.50 -5.56 20.27
CA PRO C 136 -9.07 -6.40 19.20
C PRO C 136 -8.49 -7.81 19.20
N GLY C 137 -7.55 -8.11 20.10
CA GLY C 137 -6.97 -9.44 20.13
C GLY C 137 -8.02 -10.54 20.25
N ARG C 138 -9.14 -10.25 20.90
CA ARG C 138 -10.14 -11.30 21.12
C ARG C 138 -10.73 -11.82 19.81
N GLU C 139 -10.65 -11.04 18.73
CA GLU C 139 -11.21 -11.48 17.46
C GLU C 139 -10.71 -12.87 17.09
N THR C 140 -9.41 -13.14 17.31
CA THR C 140 -8.87 -14.45 16.99
C THR C 140 -9.71 -15.55 17.62
N PHE C 141 -10.02 -15.39 18.90
CA PHE C 141 -10.71 -16.45 19.63
C PHE C 141 -12.19 -16.45 19.30
N ASP C 142 -12.79 -15.26 19.15
CA ASP C 142 -14.17 -15.19 18.67
C ASP C 142 -14.34 -15.95 17.35
N GLN C 143 -13.45 -15.69 16.39
CA GLN C 143 -13.59 -16.32 15.09
C GLN C 143 -13.33 -17.82 15.15
N LYS C 144 -12.34 -18.25 15.93
CA LYS C 144 -12.15 -19.69 16.09
C LYS C 144 -13.35 -20.33 16.79
N MET C 145 -13.99 -19.61 17.72
CA MET C 145 -15.18 -20.15 18.36
C MET C 145 -16.32 -20.27 17.36
N GLU C 146 -16.44 -19.30 16.44
CA GLU C 146 -17.48 -19.39 15.42
C GLU C 146 -17.23 -20.61 14.53
N VAL C 147 -15.97 -20.89 14.23
CA VAL C 147 -15.65 -22.09 13.45
C VAL C 147 -16.03 -23.35 14.22
N ARG C 148 -15.67 -23.41 15.51
CA ARG C 148 -16.05 -24.58 16.31
C ARG C 148 -17.57 -24.76 16.35
N GLN C 149 -18.32 -23.65 16.43
CA GLN C 149 -19.76 -23.79 16.48
C GLN C 149 -20.30 -24.37 15.17
N ALA C 150 -19.71 -23.97 14.04
CA ALA C 150 -20.16 -24.52 12.77
C ALA C 150 -19.79 -26.00 12.63
N ILE C 151 -18.62 -26.39 13.15
CA ILE C 151 -18.22 -27.79 13.09
C ILE C 151 -19.21 -28.66 13.85
N GLU C 152 -19.58 -28.22 15.06
CA GLU C 152 -20.37 -29.08 15.93
C GLU C 152 -21.83 -29.06 15.54
N ALA C 153 -22.33 -27.91 15.07
CA ALA C 153 -23.68 -27.84 14.51
C ALA C 153 -23.86 -28.77 13.32
N ALA C 154 -22.78 -29.14 12.63
CA ALA C 154 -22.88 -30.08 11.52
C ALA C 154 -22.60 -31.51 11.96
N GLY C 155 -22.25 -31.72 13.23
CA GLY C 155 -21.91 -33.05 13.66
C GLY C 155 -20.63 -33.56 13.07
N ILE C 156 -19.76 -32.67 12.61
CA ILE C 156 -18.48 -33.11 12.05
C ILE C 156 -17.55 -33.52 13.19
N PRO C 157 -16.98 -34.71 13.16
CA PRO C 157 -16.06 -35.12 14.24
C PRO C 157 -14.78 -34.30 14.17
N TYR C 158 -14.18 -34.07 15.34
CA TYR C 158 -13.19 -33.02 15.42
C TYR C 158 -12.10 -33.35 16.43
N THR C 159 -10.99 -32.62 16.32
CA THR C 159 -9.97 -32.52 17.36
C THR C 159 -9.44 -31.09 17.35
N TYR C 160 -9.38 -30.47 18.52
CA TYR C 160 -8.88 -29.11 18.68
C TYR C 160 -7.51 -29.17 19.35
N VAL C 161 -6.47 -28.77 18.61
CA VAL C 161 -5.08 -28.84 19.08
C VAL C 161 -4.69 -27.45 19.58
N VAL C 162 -4.40 -27.34 20.88
CA VAL C 162 -4.22 -26.04 21.51
C VAL C 162 -3.06 -26.12 22.50
N GLY C 163 -2.62 -24.95 22.96
CA GLY C 163 -2.05 -24.82 24.29
C GLY C 163 -0.62 -24.39 24.40
N ALA C 164 0.14 -24.24 23.30
CA ALA C 164 1.57 -23.89 23.36
C ALA C 164 1.90 -22.69 22.49
N CYS C 165 2.79 -21.82 22.98
CA CYS C 165 3.44 -20.79 22.17
C CYS C 165 4.38 -21.42 21.15
N PHE C 166 4.31 -20.96 19.90
CA PHE C 166 5.29 -21.34 18.89
C PHE C 166 6.65 -20.81 19.32
N ALA C 167 7.65 -21.70 19.36
CA ALA C 167 8.95 -21.33 19.89
C ALA C 167 9.61 -20.19 19.12
N ALA C 168 9.43 -20.14 17.79
CA ALA C 168 10.08 -19.08 17.02
C ALA C 168 9.60 -17.71 17.46
N TYR C 169 8.32 -17.59 17.82
CA TYR C 169 7.75 -16.28 18.08
C TYR C 169 7.87 -15.87 19.54
N PHE C 170 8.13 -16.80 20.45
CA PHE C 170 8.13 -16.49 21.88
C PHE C 170 9.35 -17.01 22.65
N ALA C 171 10.07 -18.01 22.14
CA ALA C 171 11.25 -18.52 22.83
C ALA C 171 12.54 -18.03 22.21
N GLY C 172 12.65 -18.12 20.88
CA GLY C 172 13.86 -17.72 20.19
C GLY C 172 14.26 -16.27 20.39
N ASN C 173 13.30 -15.40 20.72
CA ASN C 173 13.56 -13.99 20.98
C ASN C 173 13.54 -13.65 22.47
N LEU C 174 13.49 -14.67 23.33
CA LEU C 174 13.31 -14.45 24.76
C LEU C 174 12.06 -13.64 25.05
N SER C 175 11.04 -13.83 24.20
CA SER C 175 9.75 -13.18 24.35
C SER C 175 9.84 -11.66 24.17
N GLN C 176 10.89 -11.16 23.51
CA GLN C 176 10.95 -9.75 23.11
C GLN C 176 10.25 -9.66 21.77
N MET C 177 9.10 -9.02 21.73
CA MET C 177 8.29 -9.04 20.51
C MET C 177 8.89 -8.22 19.36
N VAL C 178 9.89 -7.36 19.60
CA VAL C 178 10.42 -6.53 18.52
C VAL C 178 11.28 -7.32 17.53
N THR C 179 11.70 -8.53 17.88
CA THR C 179 12.65 -9.26 17.07
C THR C 179 12.32 -10.75 17.15
N LEU C 180 12.97 -11.53 16.28
CA LEU C 180 12.88 -12.99 16.32
C LEU C 180 14.20 -13.61 16.76
N LEU C 181 15.11 -12.81 17.29
CA LEU C 181 16.44 -13.21 17.68
C LEU C 181 16.69 -12.81 19.12
N PRO C 182 17.50 -13.58 19.86
CA PRO C 182 17.80 -13.20 21.25
C PRO C 182 18.46 -11.83 21.30
N PRO C 183 18.17 -11.03 22.32
CA PRO C 183 18.79 -9.71 22.44
C PRO C 183 20.24 -9.84 22.90
N LYS C 184 21.03 -8.78 22.68
CA LYS C 184 22.46 -8.89 22.90
C LYS C 184 22.94 -8.41 24.27
N GLU C 185 22.28 -7.43 24.88
CA GLU C 185 22.73 -6.85 26.16
C GLU C 185 21.62 -6.70 27.19
N LYS C 186 20.44 -6.33 26.77
CA LYS C 186 19.35 -5.93 27.64
C LYS C 186 18.13 -6.77 27.30
N VAL C 187 17.29 -7.02 28.29
CA VAL C 187 16.07 -7.76 28.04
C VAL C 187 14.97 -7.20 28.93
N ASN C 188 13.78 -7.06 28.36
CA ASN C 188 12.60 -6.70 29.14
C ASN C 188 11.99 -7.95 29.76
N ILE C 189 11.75 -7.89 31.07
CA ILE C 189 11.08 -8.95 31.80
C ILE C 189 9.66 -8.49 32.08
N TYR C 190 8.68 -9.27 31.65
CA TYR C 190 7.29 -8.85 31.71
C TYR C 190 6.70 -9.24 33.06
N GLY C 191 6.26 -8.23 33.81
CA GLY C 191 5.89 -8.46 35.20
C GLY C 191 7.11 -8.86 36.01
N ASP C 192 6.92 -9.78 36.96
CA ASP C 192 8.03 -10.36 37.68
C ASP C 192 8.79 -11.40 36.85
N GLY C 193 8.27 -11.77 35.68
CA GLY C 193 8.89 -12.86 34.94
C GLY C 193 8.73 -14.22 35.58
N ASN C 194 7.76 -14.36 36.48
CA ASN C 194 7.53 -15.60 37.22
C ASN C 194 6.20 -16.26 36.86
N VAL C 195 5.63 -15.91 35.72
CA VAL C 195 4.38 -16.50 35.25
C VAL C 195 4.74 -17.62 34.27
N LYS C 196 4.23 -18.82 34.51
CA LYS C 196 4.61 -19.96 33.70
C LYS C 196 3.95 -19.90 32.31
N VAL C 197 4.75 -20.22 31.29
CA VAL C 197 4.28 -20.17 29.91
C VAL C 197 4.63 -21.51 29.27
N VAL C 198 3.88 -21.90 28.25
CA VAL C 198 4.12 -23.15 27.54
C VAL C 198 4.78 -22.85 26.20
N PHE C 199 5.96 -23.43 25.96
CA PHE C 199 6.68 -23.29 24.70
C PHE C 199 6.82 -24.63 23.97
N ALA C 200 6.69 -24.60 22.65
CA ALA C 200 6.90 -25.82 21.87
C ALA C 200 7.51 -25.51 20.52
N ASP C 201 8.54 -26.29 20.17
CA ASP C 201 9.04 -26.30 18.80
C ASP C 201 7.91 -26.65 17.85
N GLU C 202 7.78 -25.87 16.78
CA GLU C 202 6.65 -26.02 15.87
C GLU C 202 6.71 -27.34 15.10
N ASP C 203 7.90 -27.92 14.92
CA ASP C 203 8.00 -29.27 14.38
C ASP C 203 7.43 -30.31 15.35
N ASP C 204 7.57 -30.11 16.66
CA ASP C 204 6.92 -31.02 17.60
C ASP C 204 5.41 -30.85 17.58
N ILE C 205 4.93 -29.59 17.47
CA ILE C 205 3.50 -29.37 17.33
C ILE C 205 2.98 -30.11 16.11
N ALA C 206 3.73 -30.05 15.01
CA ALA C 206 3.30 -30.73 13.79
C ALA C 206 3.29 -32.25 13.99
N LYS C 207 4.33 -32.79 14.62
CA LYS C 207 4.36 -34.23 14.86
C LYS C 207 3.20 -34.68 15.76
N TYR C 208 2.93 -33.93 16.83
CA TYR C 208 1.78 -34.25 17.68
C TYR C 208 0.48 -34.18 16.87
N THR C 209 0.37 -33.24 15.95
CA THR C 209 -0.83 -33.12 15.13
C THR C 209 -1.01 -34.35 14.25
N ALA C 210 0.07 -34.77 13.59
CA ALA C 210 0.01 -35.95 12.72
C ALA C 210 -0.30 -37.22 13.52
N LYS C 211 0.24 -37.33 14.73
CA LYS C 211 -0.04 -38.52 15.53
C LYS C 211 -1.45 -38.51 16.10
N THR C 212 -2.03 -37.35 16.36
CA THR C 212 -3.30 -37.33 17.06
C THR C 212 -4.50 -37.48 16.13
N LEU C 213 -4.33 -37.19 14.83
CA LEU C 213 -5.49 -36.99 13.95
C LEU C 213 -6.23 -38.28 13.61
N ASN C 214 -5.64 -39.45 13.85
CA ASN C 214 -6.39 -40.71 13.79
C ASN C 214 -6.31 -41.49 15.10
N ASP C 215 -6.00 -40.81 16.21
CA ASP C 215 -5.99 -41.44 17.52
C ASP C 215 -7.41 -41.53 18.08
N PRO C 216 -7.97 -42.73 18.27
CA PRO C 216 -9.32 -42.82 18.87
C PRO C 216 -9.45 -42.03 20.15
N ARG C 217 -8.37 -41.90 20.92
CA ARG C 217 -8.44 -41.24 22.22
C ARG C 217 -8.74 -39.75 22.14
N THR C 218 -8.47 -39.10 21.00
CA THR C 218 -8.67 -37.65 20.88
C THR C 218 -9.81 -37.27 19.95
N LEU C 219 -10.57 -38.25 19.46
CA LEU C 219 -11.77 -37.97 18.69
C LEU C 219 -12.76 -37.13 19.51
N ASN C 220 -13.20 -36.02 18.94
CA ASN C 220 -14.13 -35.09 19.59
C ASN C 220 -13.59 -34.59 20.94
N LYS C 221 -12.28 -34.35 21.00
CA LYS C 221 -11.59 -33.90 22.20
C LYS C 221 -10.73 -32.68 21.87
N THR C 222 -10.48 -31.87 22.90
CA THR C 222 -9.38 -30.90 22.83
C THR C 222 -8.11 -31.62 23.26
N VAL C 223 -7.04 -31.45 22.49
CA VAL C 223 -5.73 -32.02 22.84
C VAL C 223 -4.81 -30.87 23.20
N ASN C 224 -4.21 -30.93 24.39
CA ASN C 224 -3.32 -29.89 24.88
C ASN C 224 -1.87 -30.26 24.62
N ILE C 225 -1.13 -29.33 24.02
CA ILE C 225 0.31 -29.47 23.86
C ILE C 225 0.94 -28.74 25.03
N ARG C 226 1.28 -29.48 26.08
CA ARG C 226 1.94 -28.90 27.26
C ARG C 226 3.08 -29.82 27.70
N PRO C 227 4.16 -29.87 26.94
CA PRO C 227 5.30 -30.70 27.34
C PRO C 227 5.89 -30.17 28.64
N PRO C 228 6.02 -31.04 29.65
CA PRO C 228 6.31 -30.53 31.02
C PRO C 228 7.64 -29.83 31.19
N ASP C 229 8.71 -30.29 30.54
CA ASP C 229 9.98 -29.57 30.62
C ASP C 229 9.93 -28.21 29.92
N ASN C 230 8.91 -27.95 29.11
CA ASN C 230 8.79 -26.69 28.39
C ASN C 230 7.78 -25.76 29.02
N VAL C 231 7.39 -26.03 30.27
CA VAL C 231 6.55 -25.12 31.04
C VAL C 231 7.53 -24.26 31.84
N LEU C 232 7.71 -23.02 31.40
CA LEU C 232 8.77 -22.15 31.89
C LEU C 232 8.23 -20.74 32.10
N THR C 233 8.71 -20.09 33.16
CA THR C 233 8.55 -18.64 33.28
C THR C 233 9.49 -17.94 32.29
N GLN C 234 9.21 -16.66 32.01
CA GLN C 234 10.09 -15.94 31.09
C GLN C 234 11.49 -15.82 31.67
N LEU C 235 11.58 -15.58 32.99
CA LEU C 235 12.87 -15.50 33.64
C LEU C 235 13.64 -16.81 33.51
N GLU C 236 12.95 -17.94 33.70
CA GLU C 236 13.61 -19.23 33.48
C GLU C 236 14.12 -19.34 32.05
N LEU C 237 13.32 -18.91 31.07
CA LEU C 237 13.78 -18.94 29.69
C LEU C 237 15.04 -18.10 29.52
N VAL C 238 15.02 -16.87 30.05
CA VAL C 238 16.18 -15.98 29.92
C VAL C 238 17.39 -16.61 30.59
N GLN C 239 17.18 -17.28 31.72
CA GLN C 239 18.30 -17.91 32.41
C GLN C 239 18.89 -19.03 31.57
N ILE C 240 18.06 -19.74 30.81
CA ILE C 240 18.58 -20.77 29.92
C ILE C 240 19.57 -20.17 28.94
N TRP C 241 19.20 -19.03 28.35
CA TRP C 241 20.07 -18.39 27.37
C TRP C 241 21.35 -17.88 28.00
N GLU C 242 21.26 -17.26 29.19
CA GLU C 242 22.45 -16.77 29.85
C GLU C 242 23.43 -17.91 30.13
N LYS C 243 22.90 -19.06 30.53
CA LYS C 243 23.76 -20.22 30.77
C LYS C 243 24.40 -20.71 29.47
N LEU C 244 23.71 -20.58 28.34
CA LEU C 244 24.30 -21.03 27.09
C LEU C 244 25.36 -20.06 26.58
N THR C 245 25.12 -18.76 26.74
CA THR C 245 26.05 -17.75 26.25
C THR C 245 27.15 -17.42 27.23
N GLY C 246 26.91 -17.63 28.53
CA GLY C 246 27.87 -17.14 29.51
C GLY C 246 27.80 -15.65 29.75
N LYS C 247 26.68 -15.00 29.44
CA LYS C 247 26.54 -13.55 29.59
C LYS C 247 25.22 -13.22 30.26
N GLU C 248 25.29 -12.57 31.42
CA GLU C 248 24.09 -12.09 32.08
C GLU C 248 23.50 -10.93 31.28
N LEU C 249 22.20 -10.95 31.11
CA LEU C 249 21.52 -9.83 30.47
C LEU C 249 21.05 -8.83 31.52
N GLU C 250 21.18 -7.55 31.19
CA GLU C 250 20.61 -6.48 32.01
C GLU C 250 19.09 -6.53 31.88
N LYS C 251 18.39 -6.66 33.00
CA LYS C 251 16.97 -6.91 33.00
C LYS C 251 16.20 -5.68 33.47
N THR C 252 15.13 -5.34 32.74
CA THR C 252 14.20 -4.29 33.14
C THR C 252 12.81 -4.92 33.26
N ASN C 253 12.20 -4.81 34.43
CA ASN C 253 10.85 -5.32 34.62
C ASN C 253 9.83 -4.32 34.09
N ILE C 254 8.78 -4.84 33.45
CA ILE C 254 7.74 -4.01 32.84
C ILE C 254 6.42 -4.33 33.54
N ALA C 255 5.87 -3.36 34.26
CA ALA C 255 4.61 -3.55 34.94
C ALA C 255 3.46 -3.63 33.94
N ALA C 256 2.39 -4.31 34.36
CA ALA C 256 1.23 -4.51 33.49
C ALA C 256 0.68 -3.20 32.95
N GLN C 257 0.49 -2.20 33.83
CA GLN C 257 -0.08 -0.94 33.39
C GLN C 257 0.80 -0.25 32.35
N ASP C 258 2.12 -0.43 32.45
CA ASP C 258 3.04 0.18 31.50
C ASP C 258 3.11 -0.61 30.20
N PHE C 259 3.01 -1.94 30.29
CA PHE C 259 2.93 -2.77 29.09
C PHE C 259 1.74 -2.40 28.20
N LEU C 260 0.60 -2.11 28.82
CA LEU C 260 -0.64 -1.81 28.10
C LEU C 260 -0.82 -0.33 27.81
N ALA C 261 0.07 0.52 28.28
CA ALA C 261 -0.14 1.97 28.16
C ALA C 261 -0.28 2.39 26.71
N ASN C 262 -1.30 3.20 26.43
CA ASN C 262 -1.51 3.79 25.11
C ASN C 262 -1.78 2.74 24.03
N ILE C 263 -2.27 1.56 24.42
CA ILE C 263 -2.55 0.51 23.44
C ILE C 263 -3.46 1.03 22.33
N GLU C 264 -4.45 1.87 22.68
CA GLU C 264 -5.47 2.27 21.71
C GLU C 264 -4.91 3.19 20.61
N GLN C 265 -3.76 3.81 20.82
CA GLN C 265 -3.09 4.58 19.78
C GLN C 265 -2.22 3.74 18.89
N MET C 266 -2.06 2.46 19.20
CA MET C 266 -1.24 1.58 18.37
C MET C 266 -2.01 1.05 17.18
N GLU C 267 -1.27 0.58 16.19
CA GLU C 267 -1.83 -0.13 15.04
C GLU C 267 -2.59 -1.37 15.49
N ILE C 268 -3.74 -1.62 14.82
CA ILE C 268 -4.59 -2.76 15.17
C ILE C 268 -3.80 -4.06 15.25
N PRO C 269 -3.06 -4.48 14.23
CA PRO C 269 -2.32 -5.75 14.33
C PRO C 269 -1.38 -5.80 15.53
N HIS C 270 -0.80 -4.65 15.91
CA HIS C 270 0.04 -4.60 17.08
C HIS C 270 -0.78 -4.58 18.37
N GLN C 271 -1.94 -3.93 18.38
CA GLN C 271 -2.83 -4.00 19.54
C GLN C 271 -3.20 -5.45 19.86
N ALA C 272 -3.52 -6.24 18.85
CA ALA C 272 -3.93 -7.62 19.08
C ALA C 272 -2.75 -8.44 19.58
N GLY C 273 -1.57 -8.21 18.99
CA GLY C 273 -0.38 -8.90 19.41
C GLY C 273 -0.06 -8.66 20.88
N ILE C 274 -0.12 -7.41 21.32
CA ILE C 274 0.20 -7.20 22.73
C ILE C 274 -0.93 -7.69 23.64
N GLY C 275 -2.18 -7.61 23.18
CA GLY C 275 -3.26 -8.23 23.95
C GLY C 275 -3.04 -9.72 24.14
N HIS C 276 -2.68 -10.42 23.06
CA HIS C 276 -2.37 -11.85 23.18
C HIS C 276 -1.22 -12.07 24.15
N PHE C 277 -0.15 -11.30 23.98
CA PHE C 277 1.01 -11.38 24.86
C PHE C 277 0.61 -11.17 26.31
N TYR C 278 -0.30 -10.23 26.56
CA TYR C 278 -0.73 -9.93 27.92
C TYR C 278 -1.35 -11.15 28.60
N HIS C 279 -2.25 -11.84 27.89
CA HIS C 279 -2.91 -13.00 28.46
C HIS C 279 -1.93 -14.13 28.77
N ILE C 280 -0.94 -14.33 27.89
CA ILE C 280 0.02 -15.41 28.06
C ILE C 280 1.00 -15.11 29.19
N PHE C 281 1.64 -13.96 29.15
CA PHE C 281 2.76 -13.67 30.04
C PHE C 281 2.37 -12.93 31.30
N TYR C 282 1.25 -12.19 31.28
CA TYR C 282 0.83 -11.53 32.52
C TYR C 282 -0.25 -12.32 33.25
N GLU C 283 -1.26 -12.80 32.54
CA GLU C 283 -2.32 -13.56 33.17
C GLU C 283 -2.04 -15.06 33.22
N GLY C 284 -0.99 -15.54 32.56
CA GLY C 284 -0.66 -16.97 32.57
C GLY C 284 -1.74 -17.88 32.01
N CYS C 285 -2.37 -17.48 30.89
CA CYS C 285 -3.54 -18.21 30.43
C CYS C 285 -3.20 -19.61 29.95
N LEU C 286 -1.95 -19.89 29.59
CA LEU C 286 -1.61 -21.23 29.13
C LEU C 286 -1.36 -22.21 30.28
N THR C 287 -1.24 -21.72 31.51
CA THR C 287 -0.89 -22.56 32.64
C THR C 287 -1.81 -22.39 33.84
N ASP C 288 -2.90 -21.64 33.71
CA ASP C 288 -3.76 -21.31 34.84
C ASP C 288 -4.84 -22.36 35.08
N HIS C 289 -4.72 -23.52 34.45
CA HIS C 289 -5.69 -24.59 34.60
C HIS C 289 -4.95 -25.90 34.38
N GLU C 290 -5.44 -26.97 34.99
CA GLU C 290 -4.80 -28.28 34.95
C GLU C 290 -5.44 -29.15 33.88
N VAL C 291 -4.63 -29.94 33.17
CA VAL C 291 -5.15 -30.88 32.18
C VAL C 291 -4.63 -32.27 32.48
N GLY C 292 -5.45 -33.29 32.24
CA GLY C 292 -5.06 -34.66 32.54
C GLY C 292 -4.10 -35.23 31.51
N GLU C 293 -3.38 -36.28 31.92
CA GLU C 293 -2.40 -36.87 31.01
C GLU C 293 -3.06 -37.46 29.78
N ASP C 294 -4.32 -37.84 29.87
CA ASP C 294 -4.95 -38.43 28.70
C ASP C 294 -5.56 -37.40 27.76
N GLU C 295 -5.31 -36.10 28.00
CA GLU C 295 -5.64 -35.06 27.03
C GLU C 295 -4.44 -34.14 26.79
N GLU C 296 -3.23 -34.59 27.08
CA GLU C 296 -2.03 -33.81 26.87
C GLU C 296 -1.11 -34.57 25.93
N ALA C 297 -0.65 -33.88 24.89
CA ALA C 297 0.05 -34.52 23.77
C ALA C 297 1.31 -35.25 24.20
N SER C 298 2.13 -34.66 25.08
CA SER C 298 3.40 -35.33 25.39
C SER C 298 3.16 -36.65 26.14
N SER C 299 2.11 -36.73 26.96
CA SER C 299 1.79 -38.01 27.61
C SER C 299 1.12 -38.99 26.65
N LEU C 300 0.26 -38.47 25.77
CA LEU C 300 -0.40 -39.32 24.79
C LEU C 300 0.59 -39.95 23.84
N TYR C 301 1.61 -39.21 23.43
CA TYR C 301 2.56 -39.66 22.40
C TYR C 301 3.97 -39.57 22.97
N PRO C 302 4.29 -40.45 23.91
CA PRO C 302 5.56 -40.32 24.64
C PRO C 302 6.78 -40.69 23.79
N ASP C 303 6.60 -41.23 22.59
CA ASP C 303 7.72 -41.49 21.71
C ASP C 303 8.21 -40.25 20.99
N VAL C 304 7.51 -39.12 21.11
CA VAL C 304 8.01 -37.88 20.56
C VAL C 304 9.01 -37.30 21.56
N LYS C 305 10.28 -37.36 21.23
CA LYS C 305 11.28 -36.75 22.10
C LYS C 305 11.27 -35.28 21.75
N TYR C 306 10.33 -34.55 22.37
CA TYR C 306 10.14 -33.15 22.04
C TYR C 306 11.36 -32.32 22.41
N LYS C 307 11.56 -31.24 21.64
CA LYS C 307 12.74 -30.39 21.81
C LYS C 307 12.55 -29.50 23.04
N ARG C 308 13.48 -29.60 23.98
CA ARG C 308 13.50 -28.70 25.11
C ARG C 308 14.05 -27.33 24.70
N MET C 309 13.75 -26.32 25.49
CA MET C 309 14.09 -24.96 25.08
C MET C 309 15.58 -24.66 25.18
N ASP C 310 16.35 -25.42 25.96
CA ASP C 310 17.80 -25.26 25.90
C ASP C 310 18.33 -25.72 24.55
N ASP C 311 17.81 -26.85 24.04
CA ASP C 311 18.27 -27.26 22.70
C ASP C 311 17.71 -26.36 21.61
N TYR C 312 16.48 -25.84 21.80
CA TYR C 312 15.95 -24.91 20.82
C TYR C 312 16.83 -23.67 20.71
N LEU C 313 17.18 -23.08 21.86
CA LEU C 313 17.98 -21.86 21.84
C LEU C 313 19.40 -22.12 21.36
N ARG C 314 19.87 -23.37 21.44
CA ARG C 314 21.23 -23.66 20.97
C ARG C 314 21.42 -23.28 19.52
N MET C 315 20.39 -23.42 18.68
CA MET C 315 20.67 -23.08 17.29
C MET C 315 20.85 -21.58 17.06
N PHE C 316 20.68 -20.74 18.08
CA PHE C 316 20.93 -19.31 17.93
C PHE C 316 22.32 -18.89 18.37
N LEU C 317 23.15 -19.81 18.87
CA LEU C 317 24.47 -19.43 19.40
C LEU C 317 25.45 -19.14 18.27
N LYS D 9 41.18 -23.68 1.08
CA LYS D 9 39.75 -23.38 1.17
C LYS D 9 39.44 -21.89 0.93
N THR D 10 38.68 -21.59 -0.11
CA THR D 10 38.30 -20.21 -0.38
C THR D 10 37.23 -19.73 0.60
N ARG D 11 37.42 -18.52 1.11
CA ARG D 11 36.45 -17.89 2.01
C ARG D 11 35.52 -17.00 1.17
N VAL D 12 34.21 -17.26 1.27
CA VAL D 12 33.19 -16.61 0.47
C VAL D 12 32.19 -15.92 1.38
N LEU D 13 31.83 -14.69 1.04
CA LEU D 13 30.72 -13.98 1.69
C LEU D 13 29.61 -13.81 0.66
N VAL D 14 28.41 -14.28 1.00
CA VAL D 14 27.24 -14.10 0.15
C VAL D 14 26.39 -13.00 0.74
N VAL D 15 26.16 -11.97 -0.06
CA VAL D 15 25.28 -10.86 0.28
C VAL D 15 23.99 -11.04 -0.51
N GLY D 16 22.86 -11.03 0.17
CA GLY D 16 21.62 -11.48 -0.42
C GLY D 16 21.38 -12.96 -0.20
N ALA D 17 21.85 -13.50 0.95
CA ALA D 17 21.87 -14.92 1.19
C ALA D 17 20.48 -15.55 1.31
N THR D 18 19.42 -14.77 1.55
CA THR D 18 18.11 -15.39 1.64
C THR D 18 17.27 -15.16 0.39
N GLY D 19 17.87 -14.58 -0.65
CA GLY D 19 17.15 -14.35 -1.90
C GLY D 19 16.92 -15.62 -2.67
N TYR D 20 16.16 -15.48 -3.77
CA TYR D 20 15.81 -16.64 -4.59
C TYR D 20 17.06 -17.35 -5.12
N ILE D 21 17.92 -16.64 -5.85
CA ILE D 21 19.15 -17.32 -6.27
C ILE D 21 20.19 -17.26 -5.16
N GLY D 22 20.12 -16.25 -4.28
CA GLY D 22 21.11 -16.14 -3.20
C GLY D 22 21.16 -17.37 -2.31
N LYS D 23 20.00 -17.87 -1.90
CA LYS D 23 20.01 -19.00 -0.97
C LYS D 23 20.50 -20.27 -1.65
N ARG D 24 20.24 -20.42 -2.96
CA ARG D 24 20.82 -21.55 -3.68
C ARG D 24 22.34 -21.42 -3.79
N ILE D 25 22.83 -20.19 -3.96
CA ILE D 25 24.27 -19.96 -3.99
C ILE D 25 24.90 -20.28 -2.64
N VAL D 26 24.27 -19.88 -1.53
CA VAL D 26 24.80 -20.23 -0.22
C VAL D 26 24.99 -21.75 -0.12
N ARG D 27 23.96 -22.51 -0.50
CA ARG D 27 24.01 -23.94 -0.33
C ARG D 27 25.03 -24.58 -1.27
N ALA D 28 25.15 -24.05 -2.49
CA ALA D 28 26.13 -24.60 -3.43
C ALA D 28 27.55 -24.28 -2.99
N CYS D 29 27.78 -23.12 -2.36
CA CYS D 29 29.11 -22.82 -1.83
C CYS D 29 29.47 -23.79 -0.71
N LEU D 30 28.52 -24.07 0.18
CA LEU D 30 28.76 -25.05 1.24
C LEU D 30 29.10 -26.41 0.63
N ALA D 31 28.30 -26.87 -0.33
CA ALA D 31 28.53 -28.20 -0.90
C ALA D 31 29.85 -28.26 -1.65
N GLU D 32 30.27 -27.14 -2.24
CA GLU D 32 31.52 -27.10 -2.98
C GLU D 32 32.75 -27.16 -2.06
N GLY D 33 32.60 -26.85 -0.78
CA GLY D 33 33.74 -26.84 0.12
C GLY D 33 34.20 -25.46 0.54
N HIS D 34 33.61 -24.39 0.04
CA HIS D 34 34.03 -23.06 0.44
C HIS D 34 33.72 -22.82 1.90
N GLU D 35 34.60 -22.11 2.58
CA GLU D 35 34.26 -21.59 3.89
C GLU D 35 33.28 -20.46 3.67
N THR D 36 32.01 -20.69 3.99
CA THR D 36 30.93 -19.85 3.50
C THR D 36 30.42 -18.95 4.62
N TYR D 37 30.47 -17.64 4.37
CA TYR D 37 29.94 -16.59 5.24
C TYR D 37 28.70 -15.99 4.59
N VAL D 38 27.75 -15.59 5.42
CA VAL D 38 26.49 -15.02 4.95
C VAL D 38 26.21 -13.75 5.73
N LEU D 39 25.90 -12.67 5.01
CA LEU D 39 25.55 -11.40 5.63
C LEU D 39 24.12 -11.45 6.16
N GLN D 40 23.97 -11.36 7.47
CA GLN D 40 22.66 -11.27 8.10
C GLN D 40 22.41 -9.82 8.51
N ARG D 41 21.37 -9.21 7.92
CA ARG D 41 21.15 -7.78 8.14
C ARG D 41 20.17 -7.55 9.29
N PRO D 42 20.39 -6.52 10.11
CA PRO D 42 19.47 -6.30 11.23
C PRO D 42 18.06 -6.05 10.77
N GLU D 43 17.88 -5.50 9.57
CA GLU D 43 16.59 -5.08 9.05
C GLU D 43 15.61 -6.24 8.84
N ILE D 44 16.07 -7.49 8.79
CA ILE D 44 15.15 -8.58 8.50
C ILE D 44 14.82 -9.40 9.75
N GLY D 45 15.00 -8.82 10.93
CA GLY D 45 14.80 -9.53 12.17
C GLY D 45 13.36 -9.88 12.50
N LEU D 46 12.38 -9.29 11.80
CA LEU D 46 11.00 -9.72 11.96
C LEU D 46 10.49 -10.54 10.79
N GLU D 47 11.36 -10.94 9.88
CA GLU D 47 10.96 -11.77 8.74
C GLU D 47 11.29 -13.22 9.07
N ILE D 48 10.26 -13.96 9.51
CA ILE D 48 10.47 -15.31 10.04
C ILE D 48 11.14 -16.21 9.01
N GLU D 49 10.73 -16.15 7.74
CA GLU D 49 11.33 -17.00 6.73
C GLU D 49 12.82 -16.69 6.54
N LYS D 50 13.19 -15.42 6.63
CA LYS D 50 14.61 -15.07 6.51
C LYS D 50 15.39 -15.52 7.73
N VAL D 51 14.87 -15.24 8.93
CA VAL D 51 15.54 -15.66 10.16
C VAL D 51 15.78 -17.16 10.14
N GLN D 52 14.76 -17.94 9.76
CA GLN D 52 14.93 -19.38 9.85
C GLN D 52 15.84 -19.92 8.75
N LEU D 53 15.91 -19.26 7.61
CA LEU D 53 16.89 -19.62 6.58
C LEU D 53 18.31 -19.49 7.14
N PHE D 54 18.60 -18.36 7.79
CA PHE D 54 19.90 -18.19 8.41
C PHE D 54 20.17 -19.29 9.43
N LEU D 55 19.16 -19.67 10.22
CA LEU D 55 19.36 -20.78 11.13
C LEU D 55 19.71 -22.06 10.37
N SER D 56 19.08 -22.28 9.21
CA SER D 56 19.36 -23.50 8.47
C SER D 56 20.75 -23.48 7.85
N PHE D 57 21.21 -22.30 7.42
CA PHE D 57 22.57 -22.18 6.92
C PHE D 57 23.60 -22.54 7.99
N LYS D 58 23.40 -22.02 9.22
CA LYS D 58 24.31 -22.32 10.32
C LYS D 58 24.44 -23.81 10.57
N LYS D 59 23.32 -24.53 10.54
CA LYS D 59 23.34 -25.98 10.74
C LYS D 59 24.20 -26.70 9.70
N LEU D 60 24.41 -26.09 8.54
CA LEU D 60 25.25 -26.67 7.50
C LEU D 60 26.66 -26.09 7.49
N GLY D 61 27.04 -25.31 8.50
CA GLY D 61 28.39 -24.82 8.59
C GLY D 61 28.61 -23.41 8.10
N ALA D 62 27.57 -22.71 7.66
CA ALA D 62 27.75 -21.32 7.27
C ALA D 62 28.00 -20.49 8.52
N ARG D 63 28.77 -19.42 8.36
CA ARG D 63 29.08 -18.51 9.45
C ARG D 63 28.31 -17.21 9.25
N ILE D 64 27.57 -16.80 10.27
CA ILE D 64 26.78 -15.57 10.22
C ILE D 64 27.69 -14.36 10.39
N VAL D 65 27.51 -13.36 9.53
CA VAL D 65 28.18 -12.07 9.67
C VAL D 65 27.10 -10.98 9.74
N GLU D 66 27.06 -10.26 10.86
CA GLU D 66 26.12 -9.16 10.99
C GLU D 66 26.62 -7.92 10.26
N GLY D 67 25.72 -7.28 9.52
CA GLY D 67 26.09 -6.07 8.82
C GLY D 67 24.86 -5.43 8.22
N SER D 68 24.97 -4.13 7.98
CA SER D 68 23.86 -3.35 7.44
C SER D 68 24.38 -2.41 6.36
N PHE D 69 23.66 -2.33 5.24
CA PHE D 69 24.08 -1.43 4.16
C PHE D 69 24.06 0.03 4.60
N SER D 70 23.38 0.36 5.70
CA SER D 70 23.38 1.72 6.20
C SER D 70 24.54 1.98 7.16
N ASP D 71 25.42 0.99 7.33
CA ASP D 71 26.52 1.05 8.28
C ASP D 71 27.77 0.70 7.46
N HIS D 72 28.39 1.74 6.89
CA HIS D 72 29.53 1.51 6.02
C HIS D 72 30.59 0.64 6.70
N GLN D 73 30.86 0.90 7.98
CA GLN D 73 31.92 0.17 8.67
C GLN D 73 31.59 -1.31 8.78
N SER D 74 30.32 -1.64 9.04
CA SER D 74 29.94 -3.04 9.16
C SER D 74 30.19 -3.78 7.85
N LEU D 75 29.97 -3.10 6.72
CA LEU D 75 30.28 -3.71 5.43
C LEU D 75 31.77 -3.91 5.24
N VAL D 76 32.59 -2.93 5.68
CA VAL D 76 34.04 -3.07 5.59
C VAL D 76 34.52 -4.27 6.39
N SER D 77 34.08 -4.36 7.66
CA SER D 77 34.46 -5.51 8.48
C SER D 77 34.05 -6.82 7.82
N ALA D 78 32.82 -6.87 7.29
CA ALA D 78 32.32 -8.12 6.73
C ALA D 78 33.21 -8.60 5.59
N VAL D 79 33.51 -7.73 4.62
CA VAL D 79 34.29 -8.17 3.48
C VAL D 79 35.76 -8.40 3.84
N LYS D 80 36.24 -7.85 4.96
CA LYS D 80 37.59 -8.14 5.40
C LYS D 80 37.78 -9.57 5.87
N LEU D 81 36.70 -10.34 6.02
CA LEU D 81 36.81 -11.69 6.53
C LEU D 81 37.05 -12.73 5.45
N VAL D 82 36.86 -12.38 4.17
CA VAL D 82 36.73 -13.38 3.12
C VAL D 82 37.64 -13.05 1.95
N ASP D 83 37.74 -14.01 1.03
CA ASP D 83 38.51 -13.88 -0.21
C ASP D 83 37.65 -13.44 -1.39
N VAL D 84 36.40 -13.90 -1.42
CA VAL D 84 35.48 -13.65 -2.52
C VAL D 84 34.15 -13.16 -1.96
N VAL D 85 33.55 -12.18 -2.63
CA VAL D 85 32.22 -11.70 -2.29
C VAL D 85 31.29 -11.98 -3.47
N VAL D 86 30.15 -12.61 -3.19
CA VAL D 86 29.11 -12.81 -4.19
C VAL D 86 27.88 -12.02 -3.78
N SER D 87 27.37 -11.19 -4.68
CA SER D 87 26.16 -10.43 -4.43
C SER D 87 24.99 -11.04 -5.20
N ALA D 88 23.91 -11.37 -4.48
CA ALA D 88 22.67 -11.79 -5.09
C ALA D 88 21.56 -10.76 -4.86
N MET D 89 21.94 -9.47 -4.81
CA MET D 89 21.01 -8.37 -4.61
C MET D 89 19.82 -8.43 -5.56
N SER D 90 18.63 -8.07 -5.05
CA SER D 90 17.40 -8.10 -5.84
C SER D 90 17.53 -7.23 -7.08
N GLY D 91 16.85 -7.62 -8.15
CA GLY D 91 16.94 -6.86 -9.38
C GLY D 91 15.83 -7.10 -10.37
N VAL D 92 14.63 -7.33 -9.87
CA VAL D 92 13.44 -7.42 -10.71
C VAL D 92 12.48 -6.30 -10.31
N HIS D 93 11.52 -6.02 -11.19
CA HIS D 93 10.52 -5.02 -10.83
C HIS D 93 9.35 -5.64 -10.06
N PHE D 94 8.87 -6.81 -10.49
CA PHE D 94 7.73 -7.46 -9.82
C PHE D 94 8.06 -7.79 -8.37
N ARG D 95 9.23 -8.38 -8.14
CA ARG D 95 9.83 -8.37 -6.81
C ARG D 95 11.03 -7.41 -6.85
N SER D 96 11.23 -6.69 -5.74
CA SER D 96 11.99 -5.43 -5.69
C SER D 96 13.27 -5.38 -6.54
N HIS D 97 13.76 -4.15 -6.77
CA HIS D 97 14.81 -3.85 -7.75
C HIS D 97 15.78 -2.87 -7.11
N ASN D 98 16.87 -3.39 -6.53
CA ASN D 98 17.75 -2.58 -5.70
C ASN D 98 19.21 -2.76 -6.10
N ILE D 99 19.45 -2.95 -7.40
CA ILE D 99 20.80 -3.23 -7.90
C ILE D 99 21.78 -2.19 -7.41
N LEU D 100 21.37 -0.91 -7.37
CA LEU D 100 22.31 0.15 -7.08
C LEU D 100 22.73 0.19 -5.61
N VAL D 101 21.97 -0.41 -4.71
CA VAL D 101 22.43 -0.54 -3.33
C VAL D 101 23.81 -1.19 -3.30
N GLN D 102 24.11 -2.02 -4.30
CA GLN D 102 25.41 -2.68 -4.35
C GLN D 102 26.56 -1.70 -4.42
N LEU D 103 26.30 -0.45 -4.82
CA LEU D 103 27.39 0.53 -4.88
C LEU D 103 28.01 0.69 -3.50
N LYS D 104 27.21 0.57 -2.44
CA LYS D 104 27.78 0.64 -1.10
C LYS D 104 28.67 -0.56 -0.81
N LEU D 105 28.32 -1.74 -1.34
CA LEU D 105 29.19 -2.90 -1.20
C LEU D 105 30.52 -2.67 -1.91
N VAL D 106 30.48 -2.12 -3.12
CA VAL D 106 31.70 -1.88 -3.89
C VAL D 106 32.65 -0.95 -3.14
N GLU D 107 32.13 0.17 -2.62
CA GLU D 107 33.04 1.05 -1.89
C GLU D 107 33.56 0.40 -0.62
N ALA D 108 32.80 -0.52 -0.02
CA ALA D 108 33.32 -1.21 1.15
C ALA D 108 34.45 -2.15 0.77
N ILE D 109 34.30 -2.86 -0.36
CA ILE D 109 35.34 -3.74 -0.85
C ILE D 109 36.59 -2.94 -1.21
N LYS D 110 36.40 -1.79 -1.85
CA LYS D 110 37.53 -0.94 -2.22
C LYS D 110 38.30 -0.51 -0.98
N GLU D 111 37.60 -0.02 0.04
CA GLU D 111 38.29 0.40 1.26
C GLU D 111 38.97 -0.78 1.95
N ALA D 112 38.32 -1.94 2.00
CA ALA D 112 38.91 -3.09 2.70
C ALA D 112 40.22 -3.52 2.06
N GLY D 113 40.25 -3.65 0.74
CA GLY D 113 41.47 -3.93 0.01
C GLY D 113 41.78 -5.39 -0.24
N ASN D 114 41.28 -6.28 0.61
CA ASN D 114 41.71 -7.69 0.63
C ASN D 114 40.95 -8.58 -0.34
N VAL D 115 39.84 -8.12 -0.92
CA VAL D 115 38.97 -9.01 -1.67
C VAL D 115 39.64 -9.40 -2.98
N LYS D 116 39.78 -10.72 -3.19
CA LYS D 116 40.40 -11.27 -4.40
C LYS D 116 39.45 -11.31 -5.59
N ARG D 117 38.14 -11.35 -5.37
CA ARG D 117 37.21 -11.38 -6.48
C ARG D 117 35.81 -11.05 -6.00
N PHE D 118 35.07 -10.30 -6.83
CA PHE D 118 33.70 -9.92 -6.52
C PHE D 118 32.80 -10.35 -7.66
N LEU D 119 31.72 -11.07 -7.33
CA LEU D 119 30.70 -11.44 -8.31
C LEU D 119 29.45 -10.62 -8.03
N PRO D 120 29.17 -9.59 -8.82
CA PRO D 120 27.97 -8.77 -8.56
C PRO D 120 26.69 -9.53 -8.94
N SER D 121 25.55 -8.90 -8.64
CA SER D 121 24.26 -9.51 -8.91
C SER D 121 23.96 -9.37 -10.39
N GLU D 122 24.34 -10.41 -11.15
CA GLU D 122 24.14 -10.45 -12.59
C GLU D 122 23.12 -11.55 -12.86
N PHE D 123 23.55 -12.77 -13.26
CA PHE D 123 22.71 -13.97 -13.29
C PHE D 123 21.55 -13.90 -14.28
N GLY D 124 21.64 -13.06 -15.30
CA GLY D 124 20.58 -12.95 -16.28
C GLY D 124 21.09 -12.48 -17.62
N MET D 125 20.30 -11.64 -18.29
CA MET D 125 20.74 -11.09 -19.57
C MET D 125 22.04 -10.31 -19.42
N ASP D 126 22.87 -10.38 -20.46
CA ASP D 126 24.19 -9.77 -20.45
C ASP D 126 24.06 -8.25 -20.57
N PRO D 127 24.27 -7.48 -19.51
CA PRO D 127 23.88 -6.03 -19.50
C PRO D 127 24.46 -5.24 -20.65
N PRO D 128 25.76 -5.37 -20.97
CA PRO D 128 26.33 -4.48 -22.00
C PRO D 128 25.77 -4.72 -23.39
N ARG D 129 25.09 -5.84 -23.62
CA ARG D 129 24.46 -6.15 -24.90
C ARG D 129 23.05 -5.58 -25.04
N MET D 130 22.57 -4.84 -24.03
CA MET D 130 21.17 -4.41 -23.96
C MET D 130 21.04 -2.89 -24.05
N GLY D 131 21.96 -2.23 -24.76
CA GLY D 131 21.90 -0.77 -24.85
C GLY D 131 20.64 -0.22 -25.48
N HIS D 132 19.96 -1.02 -26.31
CA HIS D 132 18.73 -0.57 -26.99
C HIS D 132 17.47 -1.14 -26.34
N ALA D 133 17.58 -1.68 -25.12
CA ALA D 133 16.43 -2.31 -24.49
C ALA D 133 15.29 -1.32 -24.30
N LEU D 134 14.07 -1.86 -24.27
CA LEU D 134 12.90 -1.04 -24.04
C LEU D 134 12.86 -0.54 -22.60
N PRO D 135 12.58 0.76 -22.37
CA PRO D 135 12.22 1.21 -21.02
C PRO D 135 10.82 0.69 -20.65
N PRO D 136 10.53 0.55 -19.35
CA PRO D 136 11.44 0.74 -18.22
C PRO D 136 12.32 -0.47 -17.94
N GLY D 137 12.08 -1.55 -18.69
CA GLY D 137 12.89 -2.75 -18.51
C GLY D 137 14.37 -2.49 -18.60
N ARG D 138 14.80 -1.45 -19.31
CA ARG D 138 16.22 -1.25 -19.50
C ARG D 138 16.92 -0.85 -18.20
N GLU D 139 16.18 -0.34 -17.22
CA GLU D 139 16.78 0.06 -15.96
C GLU D 139 17.57 -1.08 -15.32
N THR D 140 17.11 -2.32 -15.50
CA THR D 140 17.85 -3.47 -14.98
C THR D 140 19.28 -3.44 -15.50
N PHE D 141 19.44 -3.34 -16.80
CA PHE D 141 20.76 -3.39 -17.42
C PHE D 141 21.54 -2.10 -17.19
N ASP D 142 20.89 -0.94 -17.28
CA ASP D 142 21.58 0.31 -16.94
C ASP D 142 22.19 0.24 -15.55
N GLN D 143 21.41 -0.20 -14.55
CA GLN D 143 21.90 -0.20 -13.18
C GLN D 143 22.99 -1.25 -12.97
N LYS D 144 22.84 -2.42 -13.60
CA LYS D 144 23.92 -3.40 -13.53
C LYS D 144 25.18 -2.87 -14.18
N MET D 145 25.04 -2.12 -15.29
CA MET D 145 26.19 -1.50 -15.93
C MET D 145 26.86 -0.50 -15.01
N GLU D 146 26.07 0.31 -14.31
CA GLU D 146 26.66 1.28 -13.37
C GLU D 146 27.45 0.58 -12.27
N VAL D 147 27.00 -0.61 -11.85
CA VAL D 147 27.74 -1.37 -10.84
C VAL D 147 29.04 -1.90 -11.43
N ARG D 148 28.97 -2.47 -12.65
CA ARG D 148 30.17 -2.94 -13.32
C ARG D 148 31.22 -1.84 -13.39
N GLN D 149 30.80 -0.61 -13.72
CA GLN D 149 31.75 0.48 -13.86
C GLN D 149 32.39 0.84 -12.53
N ALA D 150 31.58 0.97 -11.47
CA ALA D 150 32.15 1.21 -10.16
C ALA D 150 33.12 0.09 -9.76
N ILE D 151 32.82 -1.15 -10.17
CA ILE D 151 33.74 -2.25 -9.92
C ILE D 151 35.06 -2.00 -10.64
N GLU D 152 35.00 -1.89 -11.97
CA GLU D 152 36.22 -1.74 -12.76
C GLU D 152 36.94 -0.45 -12.37
N ALA D 153 36.20 0.63 -12.19
CA ALA D 153 36.82 1.88 -11.78
C ALA D 153 37.63 1.73 -10.50
N ALA D 154 37.20 0.86 -9.59
CA ALA D 154 37.89 0.67 -8.32
C ALA D 154 39.01 -0.36 -8.39
N GLY D 155 39.20 -1.02 -9.53
CA GLY D 155 40.23 -2.04 -9.63
C GLY D 155 39.91 -3.38 -9.00
N ILE D 156 38.64 -3.63 -8.70
CA ILE D 156 38.25 -4.87 -8.02
C ILE D 156 38.20 -6.02 -9.04
N PRO D 157 38.87 -7.14 -8.78
CA PRO D 157 38.77 -8.28 -9.70
C PRO D 157 37.38 -8.88 -9.63
N TYR D 158 36.88 -9.36 -10.77
CA TYR D 158 35.46 -9.64 -10.90
C TYR D 158 35.24 -10.89 -11.72
N THR D 159 34.03 -11.42 -11.60
CA THR D 159 33.47 -12.34 -12.58
C THR D 159 32.00 -12.01 -12.76
N TYR D 160 31.53 -12.01 -14.01
CA TYR D 160 30.13 -11.72 -14.32
C TYR D 160 29.48 -12.97 -14.87
N VAL D 161 28.58 -13.56 -14.08
CA VAL D 161 27.85 -14.76 -14.46
C VAL D 161 26.55 -14.35 -15.15
N VAL D 162 26.40 -14.71 -16.43
CA VAL D 162 25.26 -14.26 -17.22
C VAL D 162 24.74 -15.40 -18.07
N GLY D 163 23.59 -15.18 -18.70
CA GLY D 163 23.23 -15.87 -19.92
C GLY D 163 22.03 -16.79 -19.88
N ALA D 164 21.45 -17.15 -18.75
CA ALA D 164 20.38 -18.15 -18.80
C ALA D 164 19.12 -17.68 -18.08
N CYS D 165 17.97 -18.06 -18.63
CA CYS D 165 16.68 -17.88 -17.96
C CYS D 165 16.55 -18.84 -16.79
N PHE D 166 16.22 -18.32 -15.61
CA PHE D 166 15.82 -19.18 -14.49
C PHE D 166 14.68 -20.09 -14.91
N ALA D 167 14.86 -21.40 -14.73
CA ALA D 167 13.90 -22.35 -15.25
C ALA D 167 12.52 -22.19 -14.61
N ALA D 168 12.47 -21.81 -13.33
CA ALA D 168 11.18 -21.63 -12.67
C ALA D 168 10.34 -20.55 -13.34
N TYR D 169 10.96 -19.48 -13.79
CA TYR D 169 10.23 -18.33 -14.32
C TYR D 169 9.95 -18.42 -15.81
N PHE D 170 10.69 -19.26 -16.55
CA PHE D 170 10.53 -19.32 -17.99
C PHE D 170 10.29 -20.71 -18.56
N ALA D 171 10.70 -21.78 -17.87
CA ALA D 171 10.52 -23.13 -18.37
C ALA D 171 9.35 -23.86 -17.72
N GLY D 172 9.25 -23.83 -16.39
CA GLY D 172 8.19 -24.56 -15.72
C GLY D 172 6.81 -24.11 -16.15
N ASN D 173 6.68 -22.86 -16.57
CA ASN D 173 5.39 -22.33 -17.01
C ASN D 173 5.25 -22.32 -18.54
N LEU D 174 6.17 -22.99 -19.27
CA LEU D 174 6.18 -22.93 -20.74
C LEU D 174 6.19 -21.50 -21.24
N SER D 175 6.84 -20.61 -20.48
CA SER D 175 7.05 -19.23 -20.86
C SER D 175 5.75 -18.42 -20.90
N GLN D 176 4.68 -18.91 -20.29
CA GLN D 176 3.48 -18.09 -20.08
C GLN D 176 3.70 -17.21 -18.86
N MET D 177 3.61 -15.90 -19.04
CA MET D 177 3.96 -14.98 -17.97
C MET D 177 2.93 -15.00 -16.83
N VAL D 178 1.72 -15.45 -17.08
CA VAL D 178 0.64 -15.33 -16.09
C VAL D 178 0.74 -16.29 -14.93
N THR D 179 1.60 -17.30 -15.01
CA THR D 179 1.65 -18.36 -14.01
C THR D 179 3.08 -18.89 -13.89
N LEU D 180 3.29 -19.74 -12.89
CA LEU D 180 4.52 -20.48 -12.69
C LEU D 180 4.34 -21.96 -12.95
N LEU D 181 3.16 -22.37 -13.42
CA LEU D 181 2.83 -23.77 -13.66
C LEU D 181 2.47 -23.96 -15.12
N PRO D 182 2.63 -25.17 -15.64
CA PRO D 182 2.30 -25.41 -17.05
C PRO D 182 0.82 -25.20 -17.32
N PRO D 183 0.47 -24.68 -18.48
CA PRO D 183 -0.95 -24.51 -18.83
C PRO D 183 -1.61 -25.86 -19.06
N LYS D 184 -2.93 -25.89 -18.87
CA LYS D 184 -3.66 -27.14 -18.93
C LYS D 184 -4.16 -27.49 -20.32
N GLU D 185 -4.53 -26.51 -21.15
CA GLU D 185 -5.14 -26.81 -22.44
C GLU D 185 -4.62 -25.93 -23.56
N LYS D 186 -4.40 -24.65 -23.29
CA LYS D 186 -4.01 -23.67 -24.29
C LYS D 186 -2.64 -23.10 -23.94
N VAL D 187 -1.90 -22.66 -24.96
CA VAL D 187 -0.62 -21.99 -24.75
C VAL D 187 -0.44 -20.93 -25.83
N ASN D 188 0.17 -19.81 -25.44
CA ASN D 188 0.58 -18.77 -26.37
C ASN D 188 2.00 -19.02 -26.85
N ILE D 189 2.18 -19.04 -28.17
CA ILE D 189 3.49 -19.15 -28.80
C ILE D 189 3.91 -17.75 -29.21
N TYR D 190 5.05 -17.30 -28.72
CA TYR D 190 5.50 -15.95 -29.01
C TYR D 190 6.21 -15.92 -30.36
N GLY D 191 5.77 -15.03 -31.24
CA GLY D 191 6.22 -15.12 -32.62
C GLY D 191 5.93 -16.51 -33.17
N ASP D 192 6.79 -16.96 -34.09
CA ASP D 192 6.61 -18.32 -34.57
C ASP D 192 7.14 -19.35 -33.58
N GLY D 193 7.80 -18.92 -32.52
CA GLY D 193 8.27 -19.85 -31.50
C GLY D 193 9.53 -20.57 -31.91
N ASN D 194 10.33 -19.96 -32.77
CA ASN D 194 11.54 -20.58 -33.30
C ASN D 194 12.77 -19.78 -32.98
N VAL D 195 12.73 -18.97 -31.93
CA VAL D 195 13.88 -18.21 -31.45
C VAL D 195 14.50 -18.96 -30.28
N LYS D 196 15.81 -19.17 -30.35
CA LYS D 196 16.50 -20.01 -29.38
C LYS D 196 16.63 -19.29 -28.04
N VAL D 197 16.25 -19.98 -26.97
CA VAL D 197 16.35 -19.42 -25.62
C VAL D 197 17.18 -20.36 -24.76
N VAL D 198 17.88 -19.80 -23.78
CA VAL D 198 18.69 -20.59 -22.85
C VAL D 198 17.93 -20.75 -21.54
N PHE D 199 17.74 -22.01 -21.11
CA PHE D 199 17.11 -22.34 -19.84
C PHE D 199 18.14 -23.03 -18.94
N ALA D 200 18.09 -22.71 -17.64
CA ALA D 200 18.93 -23.41 -16.67
C ALA D 200 18.20 -23.51 -15.35
N ASP D 201 18.13 -24.73 -14.82
CA ASP D 201 17.79 -24.95 -13.42
C ASP D 201 18.63 -24.07 -12.53
N GLU D 202 17.98 -23.33 -11.64
CA GLU D 202 18.68 -22.38 -10.80
C GLU D 202 19.66 -23.06 -9.85
N ASP D 203 19.45 -24.34 -9.53
CA ASP D 203 20.44 -25.05 -8.72
C ASP D 203 21.74 -25.26 -9.50
N ASP D 204 21.66 -25.44 -10.81
CA ASP D 204 22.86 -25.53 -11.62
C ASP D 204 23.55 -24.16 -11.73
N ILE D 205 22.76 -23.10 -11.90
CA ILE D 205 23.34 -21.75 -11.89
C ILE D 205 24.12 -21.53 -10.61
N ALA D 206 23.56 -21.96 -9.48
CA ALA D 206 24.26 -21.78 -8.22
C ALA D 206 25.52 -22.64 -8.17
N LYS D 207 25.44 -23.88 -8.67
CA LYS D 207 26.61 -24.74 -8.65
C LYS D 207 27.71 -24.18 -9.57
N TYR D 208 27.35 -23.70 -10.76
CA TYR D 208 28.34 -23.06 -11.63
C TYR D 208 28.96 -21.84 -10.97
N THR D 209 28.14 -21.06 -10.25
CA THR D 209 28.66 -19.89 -9.54
C THR D 209 29.67 -20.31 -8.48
N ALA D 210 29.38 -21.39 -7.75
CA ALA D 210 30.30 -21.84 -6.71
C ALA D 210 31.59 -22.38 -7.32
N LYS D 211 31.52 -22.94 -8.52
CA LYS D 211 32.74 -23.45 -9.15
C LYS D 211 33.55 -22.36 -9.83
N THR D 212 32.93 -21.30 -10.33
CA THR D 212 33.70 -20.31 -11.06
C THR D 212 34.36 -19.28 -10.17
N LEU D 213 33.88 -19.10 -8.93
CA LEU D 213 34.29 -17.93 -8.16
C LEU D 213 35.75 -17.97 -7.74
N ASN D 214 36.39 -19.14 -7.76
CA ASN D 214 37.83 -19.23 -7.53
C ASN D 214 38.53 -19.91 -8.71
N ASP D 215 37.90 -19.93 -9.88
CA ASP D 215 38.52 -20.48 -11.07
C ASP D 215 39.42 -19.44 -11.73
N PRO D 216 40.73 -19.69 -11.86
CA PRO D 216 41.60 -18.70 -12.51
C PRO D 216 41.19 -18.40 -13.93
N ARG D 217 40.59 -19.36 -14.62
CA ARG D 217 40.17 -19.16 -16.01
C ARG D 217 39.08 -18.10 -16.14
N THR D 218 38.34 -17.80 -15.08
CA THR D 218 37.24 -16.84 -15.16
C THR D 218 37.52 -15.51 -14.47
N LEU D 219 38.74 -15.30 -13.98
CA LEU D 219 39.07 -14.05 -13.34
C LEU D 219 38.95 -12.89 -14.33
N ASN D 220 38.22 -11.85 -13.94
CA ASN D 220 38.01 -10.67 -14.78
C ASN D 220 37.35 -11.03 -16.11
N LYS D 221 36.47 -12.02 -16.09
CA LYS D 221 35.81 -12.53 -17.28
C LYS D 221 34.30 -12.54 -17.08
N THR D 222 33.58 -12.50 -18.19
CA THR D 222 32.17 -12.82 -18.24
C THR D 222 32.04 -14.31 -18.54
N VAL D 223 31.35 -15.04 -17.68
CA VAL D 223 31.14 -16.47 -17.88
C VAL D 223 29.69 -16.68 -18.24
N ASN D 224 29.45 -17.42 -19.32
CA ASN D 224 28.12 -17.65 -19.86
C ASN D 224 27.62 -19.01 -19.40
N ILE D 225 26.38 -19.04 -18.90
CA ILE D 225 25.69 -20.29 -18.64
C ILE D 225 24.84 -20.56 -19.86
N ARG D 226 25.34 -21.41 -20.76
CA ARG D 226 24.58 -21.79 -21.95
C ARG D 226 24.75 -23.29 -22.17
N PRO D 227 24.11 -24.10 -21.33
CA PRO D 227 24.17 -25.55 -21.49
C PRO D 227 23.60 -25.96 -22.83
N PRO D 228 24.40 -26.67 -23.66
CA PRO D 228 23.92 -27.02 -25.01
C PRO D 228 22.57 -27.71 -25.05
N ASP D 229 22.34 -28.71 -24.21
CA ASP D 229 21.07 -29.42 -24.29
C ASP D 229 19.89 -28.56 -23.86
N ASN D 230 20.14 -27.36 -23.34
CA ASN D 230 19.08 -26.51 -22.82
C ASN D 230 18.90 -25.24 -23.65
N VAL D 231 19.50 -25.16 -24.84
CA VAL D 231 19.22 -24.08 -25.77
C VAL D 231 18.06 -24.59 -26.62
N LEU D 232 16.88 -24.05 -26.35
CA LEU D 232 15.63 -24.55 -26.91
C LEU D 232 14.80 -23.36 -27.37
N THR D 233 14.09 -23.52 -28.48
CA THR D 233 13.03 -22.58 -28.82
C THR D 233 11.85 -22.79 -27.90
N GLN D 234 10.95 -21.80 -27.86
CA GLN D 234 9.76 -21.96 -27.02
C GLN D 234 8.91 -23.13 -27.51
N LEU D 235 8.82 -23.31 -28.83
CA LEU D 235 8.04 -24.42 -29.34
C LEU D 235 8.69 -25.75 -28.96
N GLU D 236 10.02 -25.84 -29.03
CA GLU D 236 10.70 -27.05 -28.58
C GLU D 236 10.39 -27.32 -27.11
N LEU D 237 10.44 -26.28 -26.28
CA LEU D 237 10.09 -26.44 -24.87
C LEU D 237 8.67 -26.97 -24.72
N VAL D 238 7.72 -26.35 -25.42
CA VAL D 238 6.34 -26.80 -25.37
C VAL D 238 6.22 -28.25 -25.83
N GLN D 239 7.00 -28.63 -26.83
CA GLN D 239 6.91 -30.00 -27.34
C GLN D 239 7.40 -31.00 -26.31
N ILE D 240 8.40 -30.63 -25.53
CA ILE D 240 8.84 -31.49 -24.43
C ILE D 240 7.67 -31.82 -23.52
N TRP D 241 6.89 -30.79 -23.14
CA TRP D 241 5.77 -31.01 -22.23
C TRP D 241 4.71 -31.87 -22.88
N GLU D 242 4.44 -31.65 -24.16
CA GLU D 242 3.44 -32.47 -24.84
C GLU D 242 3.85 -33.94 -24.86
N LYS D 243 5.14 -34.23 -25.07
CA LYS D 243 5.59 -35.61 -25.01
C LYS D 243 5.41 -36.20 -23.62
N LEU D 244 5.70 -35.41 -22.57
CA LEU D 244 5.62 -35.93 -21.21
C LEU D 244 4.17 -36.17 -20.79
N THR D 245 3.26 -35.31 -21.22
CA THR D 245 1.86 -35.46 -20.86
C THR D 245 1.05 -36.31 -21.83
N GLY D 246 1.52 -36.47 -23.07
CA GLY D 246 0.77 -37.17 -24.08
C GLY D 246 -0.42 -36.43 -24.63
N LYS D 247 -0.62 -35.17 -24.26
CA LYS D 247 -1.70 -34.34 -24.79
C LYS D 247 -1.09 -33.17 -25.57
N GLU D 248 -1.61 -32.92 -26.76
CA GLU D 248 -1.20 -31.73 -27.49
C GLU D 248 -1.93 -30.51 -26.96
N LEU D 249 -1.25 -29.37 -26.96
CA LEU D 249 -1.80 -28.12 -26.45
C LEU D 249 -2.24 -27.25 -27.62
N GLU D 250 -3.44 -26.67 -27.52
CA GLU D 250 -3.92 -25.73 -28.53
C GLU D 250 -3.09 -24.46 -28.47
N LYS D 251 -2.40 -24.15 -29.57
CA LYS D 251 -1.38 -23.10 -29.61
C LYS D 251 -1.87 -21.87 -30.35
N THR D 252 -1.68 -20.70 -29.75
CA THR D 252 -2.02 -19.43 -30.38
C THR D 252 -0.74 -18.62 -30.55
N ASN D 253 -0.43 -18.24 -31.78
CA ASN D 253 0.75 -17.44 -32.05
C ASN D 253 0.47 -15.96 -31.80
N ILE D 254 1.41 -15.30 -31.14
CA ILE D 254 1.29 -13.88 -30.78
C ILE D 254 2.38 -13.15 -31.55
N ALA D 255 1.98 -12.33 -32.53
CA ALA D 255 2.94 -11.53 -33.27
C ALA D 255 3.58 -10.48 -32.36
N ALA D 256 4.78 -10.04 -32.75
CA ALA D 256 5.54 -9.10 -31.94
C ALA D 256 4.74 -7.83 -31.66
N GLN D 257 4.07 -7.28 -32.68
CA GLN D 257 3.36 -6.03 -32.48
C GLN D 257 2.20 -6.20 -31.50
N ASP D 258 1.53 -7.34 -31.55
CA ASP D 258 0.42 -7.59 -30.64
C ASP D 258 0.91 -7.83 -29.21
N PHE D 259 2.09 -8.45 -29.07
CA PHE D 259 2.65 -8.69 -27.76
C PHE D 259 2.95 -7.38 -27.03
N LEU D 260 3.50 -6.39 -27.73
CA LEU D 260 3.88 -5.11 -27.14
C LEU D 260 2.73 -4.09 -27.12
N ALA D 261 1.55 -4.45 -27.60
CA ALA D 261 0.50 -3.45 -27.79
C ALA D 261 0.03 -2.90 -26.45
N ASN D 262 -0.07 -1.57 -26.36
CA ASN D 262 -0.58 -0.86 -25.18
C ASN D 262 0.32 -1.06 -23.96
N ILE D 263 1.58 -1.40 -24.17
CA ILE D 263 2.53 -1.55 -23.06
C ILE D 263 2.55 -0.32 -22.17
N GLU D 264 2.32 0.88 -22.74
CA GLU D 264 2.38 2.10 -21.96
C GLU D 264 1.29 2.16 -20.90
N GLN D 265 0.23 1.36 -21.03
CA GLN D 265 -0.87 1.41 -20.09
C GLN D 265 -0.76 0.38 -18.99
N MET D 266 0.26 -0.48 -19.02
CA MET D 266 0.44 -1.51 -18.02
C MET D 266 1.20 -0.94 -16.82
N GLU D 267 1.01 -1.59 -15.66
CA GLU D 267 1.80 -1.18 -14.51
C GLU D 267 3.29 -1.34 -14.81
N ILE D 268 4.10 -0.49 -14.18
CA ILE D 268 5.52 -0.44 -14.52
C ILE D 268 6.20 -1.81 -14.36
N PRO D 269 6.02 -2.54 -13.26
CA PRO D 269 6.62 -3.89 -13.18
C PRO D 269 6.26 -4.80 -14.35
N HIS D 270 5.01 -4.75 -14.81
CA HIS D 270 4.63 -5.57 -15.97
C HIS D 270 5.27 -5.01 -17.25
N GLN D 271 5.40 -3.69 -17.36
CA GLN D 271 6.09 -3.11 -18.51
C GLN D 271 7.52 -3.64 -18.63
N ALA D 272 8.25 -3.68 -17.50
CA ALA D 272 9.59 -4.24 -17.52
C ALA D 272 9.57 -5.72 -17.91
N GLY D 273 8.65 -6.49 -17.32
CA GLY D 273 8.56 -7.90 -17.65
C GLY D 273 8.32 -8.13 -19.12
N ILE D 274 7.39 -7.37 -19.70
CA ILE D 274 7.10 -7.44 -21.13
C ILE D 274 8.37 -7.15 -21.93
N GLY D 275 9.08 -6.09 -21.57
CA GLY D 275 10.30 -5.74 -22.30
C GLY D 275 11.33 -6.83 -22.27
N HIS D 276 11.55 -7.44 -21.10
CA HIS D 276 12.56 -8.48 -20.98
C HIS D 276 12.17 -9.71 -21.79
N PHE D 277 10.93 -10.16 -21.63
CA PHE D 277 10.40 -11.25 -22.42
C PHE D 277 10.57 -10.98 -23.92
N TYR D 278 10.31 -9.74 -24.34
CA TYR D 278 10.45 -9.41 -25.76
C TYR D 278 11.87 -9.69 -26.24
N HIS D 279 12.87 -9.14 -25.54
CA HIS D 279 14.25 -9.31 -25.97
C HIS D 279 14.61 -10.79 -26.03
N ILE D 280 14.10 -11.59 -25.10
CA ILE D 280 14.51 -12.98 -25.01
C ILE D 280 13.83 -13.82 -26.09
N PHE D 281 12.52 -13.70 -26.19
CA PHE D 281 11.74 -14.64 -27.00
C PHE D 281 11.44 -14.13 -28.40
N TYR D 282 11.50 -12.82 -28.63
CA TYR D 282 11.35 -12.28 -29.98
C TYR D 282 12.69 -11.93 -30.61
N GLU D 283 13.54 -11.20 -29.90
CA GLU D 283 14.84 -10.82 -30.43
C GLU D 283 15.93 -11.87 -30.17
N GLY D 284 15.68 -12.85 -29.31
CA GLY D 284 16.66 -13.89 -29.04
C GLY D 284 17.99 -13.42 -28.50
N CYS D 285 17.99 -12.46 -27.57
CA CYS D 285 19.23 -11.86 -27.09
C CYS D 285 20.16 -12.83 -26.37
N LEU D 286 19.68 -14.00 -25.96
CA LEU D 286 20.55 -14.93 -25.25
C LEU D 286 21.30 -15.87 -26.17
N THR D 287 20.86 -16.00 -27.43
CA THR D 287 21.48 -16.91 -28.39
C THR D 287 21.86 -16.21 -29.69
N ASP D 288 21.85 -14.88 -29.73
CA ASP D 288 22.10 -14.16 -30.97
C ASP D 288 23.59 -13.86 -31.17
N HIS D 289 24.45 -14.44 -30.34
CA HIS D 289 25.88 -14.27 -30.39
C HIS D 289 26.52 -15.56 -29.92
N GLU D 290 27.68 -15.89 -30.47
CA GLU D 290 28.37 -17.12 -30.11
C GLU D 290 29.33 -16.87 -28.95
N VAL D 291 29.44 -17.86 -28.06
CA VAL D 291 30.41 -17.82 -26.98
C VAL D 291 31.29 -19.05 -27.09
N GLY D 292 32.54 -18.90 -26.67
CA GLY D 292 33.48 -20.00 -26.74
C GLY D 292 33.40 -20.92 -25.54
N GLU D 293 33.81 -22.17 -25.76
CA GLU D 293 33.82 -23.16 -24.68
C GLU D 293 34.62 -22.66 -23.48
N ASP D 294 35.56 -21.75 -23.71
CA ASP D 294 36.43 -21.21 -22.66
C ASP D 294 35.74 -20.17 -21.79
N GLU D 295 34.59 -19.64 -22.22
CA GLU D 295 33.80 -18.68 -21.46
C GLU D 295 32.38 -19.18 -21.20
N GLU D 296 32.20 -20.51 -21.22
CA GLU D 296 30.90 -21.13 -21.06
C GLU D 296 30.97 -22.15 -19.92
N ALA D 297 29.91 -22.17 -19.10
CA ALA D 297 29.98 -22.85 -17.81
C ALA D 297 29.94 -24.37 -17.95
N SER D 298 29.10 -24.89 -18.84
CA SER D 298 29.00 -26.34 -18.94
C SER D 298 30.26 -26.95 -19.55
N SER D 299 30.99 -26.20 -20.39
CA SER D 299 32.29 -26.65 -20.85
C SER D 299 33.36 -26.44 -19.81
N LEU D 300 33.35 -25.30 -19.12
CA LEU D 300 34.31 -25.05 -18.06
C LEU D 300 34.17 -26.05 -16.91
N TYR D 301 32.96 -26.53 -16.64
CA TYR D 301 32.69 -27.37 -15.48
C TYR D 301 31.91 -28.60 -15.94
N PRO D 302 32.55 -29.46 -16.75
CA PRO D 302 31.83 -30.61 -17.33
C PRO D 302 31.32 -31.59 -16.31
N ASP D 303 31.87 -31.60 -15.09
CA ASP D 303 31.40 -32.53 -14.06
C ASP D 303 30.00 -32.22 -13.56
N VAL D 304 29.51 -30.99 -13.74
CA VAL D 304 28.14 -30.63 -13.37
C VAL D 304 27.19 -31.30 -14.35
N LYS D 305 26.44 -32.31 -13.90
CA LYS D 305 25.46 -32.95 -14.77
C LYS D 305 24.18 -32.12 -14.68
N TYR D 306 24.13 -31.07 -15.50
CA TYR D 306 23.06 -30.09 -15.39
C TYR D 306 21.72 -30.71 -15.78
N LYS D 307 20.66 -30.22 -15.13
CA LYS D 307 19.32 -30.76 -15.34
C LYS D 307 18.79 -30.30 -16.69
N ARG D 308 18.46 -31.25 -17.55
CA ARG D 308 17.82 -30.92 -18.82
C ARG D 308 16.35 -30.54 -18.60
N MET D 309 15.79 -29.78 -19.54
CA MET D 309 14.44 -29.28 -19.36
C MET D 309 13.40 -30.38 -19.36
N ASP D 310 13.68 -31.55 -19.95
CA ASP D 310 12.69 -32.61 -19.83
C ASP D 310 12.62 -33.15 -18.41
N ASP D 311 13.78 -33.35 -17.77
CA ASP D 311 13.78 -33.74 -16.35
C ASP D 311 13.21 -32.65 -15.47
N TYR D 312 13.52 -31.38 -15.78
CA TYR D 312 12.96 -30.27 -15.01
C TYR D 312 11.43 -30.29 -15.07
N LEU D 313 10.86 -30.46 -16.26
CA LEU D 313 9.41 -30.46 -16.39
C LEU D 313 8.77 -31.68 -15.76
N ARG D 314 9.47 -32.81 -15.69
CA ARG D 314 8.85 -34.00 -15.13
C ARG D 314 8.41 -33.79 -13.69
N MET D 315 8.96 -32.82 -12.97
CA MET D 315 8.50 -32.65 -11.61
C MET D 315 7.16 -31.95 -11.51
N PHE D 316 6.63 -31.44 -12.63
CA PHE D 316 5.31 -30.82 -12.66
C PHE D 316 4.18 -31.77 -13.01
N LEU D 317 4.46 -33.03 -13.36
CA LEU D 317 3.42 -33.95 -13.81
C LEU D 317 2.49 -34.38 -12.70
C10 GO6 E . -13.12 8.13 -16.20
C13 GO6 E . -17.27 7.19 -15.58
C15 GO6 E . -18.18 7.58 -16.53
C17 GO6 E . -17.65 6.45 -14.48
C20 GO6 E . -9.59 9.25 -17.07
C21 GO6 E . -18.96 6.07 -14.34
C22 GO6 E . -9.61 6.85 -16.72
C24 GO6 E . -8.93 8.02 -17.04
C26 GO6 E . -9.28 11.67 -16.99
O01 GO6 E . -13.92 4.50 -14.73
O02 GO6 E . -14.05 8.39 -12.60
O03 GO6 E . -20.51 7.58 -17.31
O04 GO6 E . -8.85 10.40 -17.40
O05 GO6 E . -21.24 6.03 -15.09
O06 GO6 E . -7.56 7.94 -17.30
C07 GO6 E . -14.81 6.79 -14.93
C08 GO6 E . -13.45 7.49 -14.85
C09 GO6 E . -15.82 7.62 -15.77
C11 GO6 E . -14.68 5.39 -15.55
C12 GO6 E . -13.34 8.62 -13.80
C14 GO6 E . -11.63 8.12 -16.47
C16 GO6 E . -10.97 9.30 -16.80
C18 GO6 E . -10.96 6.90 -16.45
C19 GO6 E . -19.52 7.21 -16.38
C23 GO6 E . -19.90 6.44 -15.28
C25 GO6 E . -20.25 8.41 -18.42
H102 GO6 E . -13.44 9.05 -16.19
H101 GO6 E . -13.58 7.65 -16.90
H151 GO6 E . -17.93 8.09 -17.26
H171 GO6 E . -17.02 6.18 -13.86
H211 GO6 E . -19.22 5.55 -13.60
H221 GO6 E . -9.15 6.05 -16.69
H262 GO6 E . -8.58 12.11 -16.49
H261 GO6 E . -10.07 11.58 -16.43
H263 GO6 E . -9.51 12.20 -17.78
H011 GO6 E . -14.36 4.32 -14.03
H021 GO6 E . -13.51 8.20 -11.98
H051 GO6 E . -21.64 6.60 -14.61
H061 GO6 E . -7.13 8.33 -16.68
H071 GO6 E . -15.17 6.71 -14.03
H081 GO6 E . -12.77 6.82 -14.66
H092 GO6 E . -15.73 8.55 -15.53
H091 GO6 E . -15.58 7.51 -16.71
H111 GO6 E . -15.56 5.01 -15.68
H112 GO6 E . -14.24 5.46 -16.41
H121 GO6 E . -13.66 9.43 -14.20
H122 GO6 E . -12.40 8.73 -13.58
H161 GO6 E . -11.42 10.10 -16.82
H181 GO6 E . -11.42 6.11 -16.24
H253 GO6 E . -20.93 9.11 -18.47
H251 GO6 E . -20.27 7.89 -19.23
H252 GO6 E . -19.38 8.82 -18.32
PA NDP F . -16.55 10.07 -5.19
O1A NDP F . -15.43 9.11 -5.54
O2A NDP F . -16.23 11.55 -5.10
O5B NDP F . -17.12 9.60 -3.71
C5B NDP F . -18.41 10.08 -3.43
C4B NDP F . -18.75 9.82 -1.93
O4B NDP F . -18.95 8.55 -1.72
C3B NDP F . -17.58 10.11 -1.00
O3B NDP F . -17.42 11.46 -0.83
C2B NDP F . -18.07 9.41 0.29
O2B NDP F . -19.06 10.26 0.97
C1B NDP F . -18.75 8.37 -0.13
N9A NDP F . -18.06 7.10 0.03
C8A NDP F . -17.06 6.44 -0.57
N7A NDP F . -16.92 5.25 0.06
C5A NDP F . -17.86 5.20 1.03
C6A NDP F . -18.14 4.22 1.94
N6A NDP F . -17.52 2.91 2.16
N1A NDP F . -19.12 4.36 2.83
C2A NDP F . -19.86 5.51 2.83
N3A NDP F . -19.58 6.50 1.91
C4A NDP F . -18.58 6.32 1.02
O3 NDP F . -17.81 9.83 -6.20
PN NDP F . -18.04 10.49 -7.69
O1N NDP F . -18.53 11.93 -7.57
O2N NDP F . -16.73 10.39 -8.45
O5D NDP F . -19.19 9.48 -8.30
C5D NDP F . -20.52 9.69 -7.86
C4D NDP F . -21.42 9.11 -8.96
O4D NDP F . -21.12 9.72 -10.09
C3D NDP F . -21.14 7.63 -9.20
O3D NDP F . -22.30 6.95 -9.47
C2D NDP F . -20.24 7.63 -10.44
O2D NDP F . -20.32 6.36 -11.19
C1D NDP F . -20.73 8.61 -11.16
N1N NDP F . -19.75 9.26 -12.02
C2N NDP F . -20.08 9.51 -13.36
C3N NDP F . -19.19 10.31 -14.23
C7N NDP F . -19.70 10.66 -15.65
O7N NDP F . -20.86 10.72 -15.94
N7N NDP F . -18.70 10.91 -16.61
C4N NDP F . -17.68 10.31 -13.97
C5N NDP F . -17.34 10.10 -12.47
C6N NDP F . -18.47 9.68 -11.51
P2B NDP F . -18.65 11.35 2.10
O1X NDP F . -18.77 12.74 1.52
O2X NDP F . -19.63 11.18 3.24
O3X NDP F . -17.25 11.12 2.65
H51A NDP F . -19.05 9.61 -3.99
H52A NDP F . -18.45 11.02 -3.62
H4B NDP F . -19.53 10.33 -1.67
H3B NDP F . -16.77 9.70 -1.33
HO3A NDP F . -18.14 11.80 -0.52
H2B NDP F . -17.33 9.15 0.87
H1B NDP F . -19.61 8.33 0.31
H8A NDP F . -16.54 6.73 -1.28
H61A NDP F . -16.95 2.79 2.80
H62A NDP F . -17.71 2.25 1.64
H2A NDP F . -20.55 5.63 3.44
H51N NDP F . -20.69 10.64 -7.74
H52N NDP F . -20.68 9.23 -7.01
H4D NDP F . -22.36 9.23 -8.75
H3D NDP F . -20.68 7.23 -8.44
HO3N NDP F . -22.51 6.46 -8.81
H2D NDP F . -19.33 7.82 -10.19
HO2N NDP F . -21.13 6.18 -11.38
H1D NDP F . -21.50 8.33 -11.67
H2N NDP F . -20.87 9.15 -13.72
H71N NDP F . -18.93 11.11 -17.42
H72N NDP F . -17.88 10.87 -16.39
H41N NDP F . -17.31 11.17 -14.26
H42N NDP F . -17.28 9.60 -14.49
H5N NDP F . -16.53 10.39 -12.14
H6N NDP F . -18.34 9.76 -10.58
C10 GO6 G . -0.46 17.73 13.49
C13 GO6 G . 2.77 20.40 12.63
C15 GO6 G . 2.96 21.47 13.49
C17 GO6 G . 3.73 20.08 11.66
C20 GO6 G . -3.52 15.71 14.52
C21 GO6 G . 4.85 20.85 11.57
C22 GO6 G . -1.57 14.26 14.53
C24 GO6 G . -2.93 14.45 14.72
C26 GO6 G . -5.61 16.89 14.05
O01 GO6 G . 2.87 15.97 12.48
O02 GO6 G . 0.07 17.97 9.81
O03 GO6 G . 4.36 23.37 14.21
O04 GO6 G . -4.90 15.88 14.73
O05 GO6 G . 6.21 22.68 12.30
O06 GO6 G . -3.71 13.35 15.13
C07 GO6 G . 1.68 18.10 12.24
C08 GO6 G . 0.31 17.40 12.22
C09 GO6 G . 1.52 19.54 12.80
C11 GO6 G . 2.67 17.26 13.06
C12 GO6 G . -0.60 17.81 11.04
C14 GO6 G . -1.36 16.58 13.90
C16 GO6 G . -2.71 16.79 14.12
C18 GO6 G . -0.77 15.33 14.12
C19 GO6 G . 4.09 22.25 13.39
C23 GO6 G . 5.05 21.91 12.43
C25 GO6 G . 3.43 23.93 15.11
H102 GO6 G . -1.01 18.52 13.34
H101 GO6 G . 0.16 17.92 14.21
H151 GO6 G . 2.31 21.67 14.14
H171 GO6 G . 3.60 19.35 11.10
H211 GO6 G . 5.50 20.64 10.93
H221 GO6 G . -1.18 13.42 14.65
H262 GO6 G . -6.35 16.50 13.57
H261 GO6 G . -5.02 17.32 13.41
H263 GO6 G . -5.94 17.54 14.68
H011 GO6 G . 3.43 16.05 11.83
H021 GO6 G . -0.09 17.30 9.31
H051 GO6 G . 6.14 23.18 11.62
H061 GO6 G . -4.29 13.19 14.53
H071 GO6 G . 2.00 18.15 11.32
H081 GO6 G . 0.46 16.44 12.19
H092 GO6 G . 0.78 19.98 12.33
H091 GO6 G . 1.31 19.49 13.74
H111 GO6 G . 3.52 17.72 13.11
H112 GO6 G . 2.32 17.15 13.96
H121 GO6 G . -1.03 18.65 11.26
H122 GO6 G . -1.28 17.14 10.93
H161 GO6 G . -3.09 17.63 13.98
H181 GO6 G . 0.14 15.21 13.98
H253 GO6 G . 3.41 24.90 15.00
H251 GO6 G . 3.70 23.72 16.02
H252 GO6 G . 2.55 23.56 14.94
PA NDP H . 0.84 19.60 2.02
O1A NDP H . 0.89 18.21 2.62
O2A NDP H . -0.52 20.16 1.82
O5B NDP H . 1.67 19.58 0.61
C5B NDP H . 2.03 20.85 0.13
C4B NDP H . 2.57 20.68 -1.30
O4B NDP H . 3.71 20.02 -1.26
C3B NDP H . 1.70 19.76 -2.17
O3B NDP H . 0.52 20.37 -2.54
C2B NDP H . 2.70 19.50 -3.32
O2B NDP H . 2.71 20.63 -4.28
C1B NDP H . 3.91 19.52 -2.76
N9A NDP H . 4.55 18.21 -2.67
C8A NDP H . 4.43 17.12 -1.89
N7A NDP H . 5.31 16.19 -2.31
C5A NDP H . 5.99 16.72 -3.34
C6A NDP H . 6.99 16.18 -4.12
N6A NDP H . 7.68 14.89 -4.12
N1A NDP H . 7.51 16.89 -5.11
C2A NDP H . 7.06 18.14 -5.37
N3A NDP H . 6.06 18.68 -4.59
C4A NDP H . 5.52 17.95 -3.58
O3 NDP H . 1.71 20.61 2.97
PN NDP H . 1.19 21.50 4.24
O1N NDP H . 0.35 22.68 3.80
O2N NDP H . 0.51 20.55 5.23
O5D NDP H . 2.64 21.94 4.94
C5D NDP H . 3.38 22.99 4.36
C4D NDP H . 4.26 23.55 5.53
O4D NDP H . 3.45 23.80 6.55
C3D NDP H . 5.24 22.46 5.98
O3D NDP H . 6.50 22.93 6.20
C2D NDP H . 4.59 21.96 7.29
O2D NDP H . 5.59 21.42 8.22
C1D NDP H . 4.07 23.05 7.80
N1N NDP H . 2.95 22.84 8.68
C2N NDP H . 2.94 23.48 9.94
C3N NDP H . 1.69 23.41 10.74
C7N NDP H . 1.56 24.28 11.99
O7N NDP H . 2.21 25.26 12.19
N7N NDP H . 0.61 23.80 12.94
C4N NDP H . 0.69 22.26 10.59
C5N NDP H . 0.83 21.49 9.25
C6N NDP H . 1.88 21.99 8.25
P2B NDP H . 1.67 20.77 -5.54
O1X NDP H . 0.66 21.82 -5.13
O2X NDP H . 2.52 21.28 -6.67
O3X NDP H . 1.08 19.42 -5.91
H51A NDP H . 2.70 21.24 0.70
H52A NDP H . 1.23 21.43 0.12
H4B NDP H . 2.69 21.54 -1.74
H3B NDP H . 1.51 18.93 -1.70
HO3A NDP H . 0.69 21.12 -2.89
H2B NDP H . 2.53 18.66 -3.77
H1B NDP H . 4.49 20.14 -3.24
H8A NDP H . 3.83 17.03 -1.18
H61A NDP H . 7.47 14.29 -4.69
H62A NDP H . 8.30 14.74 -3.54
H2A NDP H . 7.42 18.64 -6.06
H51N NDP H . 2.78 23.69 4.03
H52N NDP H . 3.94 22.67 3.64
H4D NDP H . 4.73 24.37 5.26
H3D NDP H . 5.26 21.75 5.33
HO3N NDP H . 7.02 22.68 5.57
H2D NDP H . 3.90 21.31 7.10
HO2N NDP H . 6.22 21.98 8.32
H1D NDP H . 4.76 23.60 8.22
H2N NDP H . 3.60 24.09 10.16
H71N NDP H . 0.48 24.24 13.67
H72N NDP H . 0.15 23.09 12.79
H41N NDP H . -0.20 22.63 10.65
H42N NDP H . 0.83 21.64 11.32
H5N NDP H . 0.12 20.96 8.95
H6N NDP H . 1.82 21.76 7.36
C10 GO6 I . 2.98 -13.14 17.90
C13 GO6 I . -0.26 -15.93 18.39
C15 GO6 I . -0.26 -16.72 19.54
C17 GO6 I . -1.34 -15.96 17.52
C20 GO6 I . 6.04 -10.88 17.65
C21 GO6 I . -2.41 -16.77 17.79
C22 GO6 I . 4.04 -9.50 17.61
C24 GO6 I . 5.43 -9.62 17.58
C26 GO6 I . 8.08 -12.19 17.27
O01 GO6 I . -0.63 -11.81 17.04
O02 GO6 I . 1.90 -14.44 14.54
O03 GO6 I . -1.40 -18.38 20.93
O04 GO6 I . 7.45 -10.98 17.63
O05 GO6 I . -3.49 -18.36 19.19
O06 GO6 I . 6.18 -8.42 17.48
C07 GO6 I . 0.67 -13.86 17.19
C08 GO6 I . 1.99 -13.22 16.74
C09 GO6 I . 0.95 -15.04 18.15
C11 GO6 I . -0.21 -12.83 17.92
C12 GO6 I . 2.72 -13.97 15.59
C14 GO6 I . 3.85 -11.89 17.78
C16 GO6 I . 5.24 -12.02 17.76
C18 GO6 I . 3.25 -10.63 17.71
C19 GO6 I . -1.33 -17.54 19.80
C23 GO6 I . -2.41 -17.54 18.93
C25 GO6 I . -0.28 -18.64 21.77
H102 GO6 I . 3.54 -13.93 17.90
H101 GO6 I . 2.49 -13.10 18.74
H151 GO6 I . 0.48 -16.69 20.11
H171 GO6 I . -1.35 -15.42 16.76
H211 GO6 I . -3.14 -16.79 17.21
H221 GO6 I . 3.64 -8.66 17.56
H262 GO6 I . 8.71 -12.03 16.54
H261 GO6 I . 7.42 -12.84 17.00
H263 GO6 I . 8.58 -12.54 18.03
H011 GO6 I . -1.29 -12.07 16.58
H021 GO6 I . 2.00 -13.94 13.86
H051 GO6 I . -3.41 -19.09 18.76
H061 GO6 I . 6.70 -8.48 16.80
H071 GO6 I . 0.19 -14.19 16.42
H081 GO6 I . 1.79 -12.32 16.43
H092 GO6 I . 1.66 -15.59 17.77
H091 GO6 I . 1.26 -14.69 19.00
H111 GO6 I . -0.99 -13.27 18.28
H112 GO6 I . 0.30 -12.43 18.65
H121 GO6 I . 3.17 -14.73 15.98
H122 GO6 I . 3.38 -13.38 15.21
H161 GO6 I . 5.62 -12.86 17.81
H181 GO6 I . 2.33 -10.56 17.74
H253 GO6 I . -0.21 -19.60 21.93
H251 GO6 I . -0.39 -18.18 22.62
H252 GO6 I . 0.53 -18.33 21.34
PA NDP J . -0.06 -18.42 7.79
O1A NDP J . -0.16 -16.93 7.95
O2A NDP J . 1.33 -18.96 7.52
O5B NDP J . -1.13 -18.88 6.64
C5B NDP J . -1.47 -20.24 6.59
C4B NDP J . -2.26 -20.46 5.28
O4B NDP J . -3.40 -19.85 5.36
C3B NDP J . -1.62 -19.77 4.08
O3B NDP J . -0.51 -20.44 3.68
C2B NDP J . -2.80 -19.86 3.08
O2B NDP J . -2.93 -21.24 2.55
C1B NDP J . -3.88 -19.74 3.83
N9A NDP J . -4.53 -18.45 3.67
C8A NDP J . -4.34 -17.18 4.06
N7A NDP J . -5.36 -16.45 3.57
C5A NDP J . -6.17 -17.28 2.89
C6A NDP J . -7.34 -17.04 2.20
N6A NDP J . -8.11 -15.82 1.96
N1A NDP J . -7.98 -18.03 1.58
C2A NDP J . -7.47 -19.28 1.65
N3A NDP J . -6.31 -19.53 2.33
C4A NDP J . -5.67 -18.52 2.95
O3 NDP J . -0.72 -19.14 9.12
PN NDP J . 0.00 -19.50 10.55
O1N NDP J . 0.83 -20.74 10.37
O2N NDP J . 0.81 -18.31 11.04
O5D NDP J . -1.29 -19.73 11.57
C5D NDP J . -1.97 -20.98 11.54
C4D NDP J . -2.65 -21.16 12.91
O4D NDP J . -1.69 -21.16 13.81
C3D NDP J . -3.57 -19.96 13.20
O3D NDP J . -4.74 -20.38 13.77
C2D NDP J . -2.78 -19.10 14.21
O2D NDP J . -3.74 -18.37 15.10
C1D NDP J . -2.09 -20.01 14.87
N1N NDP J . -0.82 -19.54 15.38
C2N NDP J . -0.52 -19.79 16.72
C3N NDP J . 0.81 -19.40 17.27
C7N NDP J . 1.21 -19.87 18.67
O7N NDP J . 0.64 -20.76 19.24
N7N NDP J . 2.32 -19.20 19.27
C4N NDP J . 1.73 -18.37 16.56
C5N NDP J . 1.33 -18.13 15.07
C6N NDP J . 0.10 -18.88 14.50
P2B NDP J . -2.12 -21.81 1.23
O1X NDP J . -0.95 -22.65 1.66
O2X NDP J . -3.12 -22.67 0.49
O3X NDP J . -1.69 -20.63 0.39
H51A NDP J . -2.03 -20.47 7.35
H52A NDP J . -0.66 -20.79 6.60
H4B NDP J . -2.38 -21.41 5.10
H3B NDP J . -1.41 -18.84 4.29
HO3A NDP J . -0.70 -21.27 3.59
H2B NDP J . -2.75 -19.19 2.39
H1B NDP J . -4.51 -20.45 3.62
H8A NDP J . -3.64 -16.87 4.57
H61A NDP J . -7.98 -15.37 1.23
H62A NDP J . -8.69 -15.56 2.53
H2A NDP J . -7.91 -19.98 1.23
H51N NDP J . -1.32 -21.68 11.38
H52N NDP J . -2.62 -20.97 10.83
H4D NDP J . -3.15 -21.99 12.95
H3D NDP J . -3.73 -19.46 12.39
HO3N NDP J . -5.37 -20.33 13.19
H2D NDP J . -2.20 -18.49 13.75
HO2N NDP J . -4.26 -18.92 15.47
H1D NDP J . -2.62 -20.38 15.59
H2N NDP J . -1.18 -20.10 17.29
H71N NDP J . 2.59 -19.41 20.06
H72N NDP J . 2.72 -18.56 18.85
H41N NDP J . 2.64 -18.69 16.59
H42N NDP J . 1.67 -17.53 17.04
H5N NDP J . 1.93 -17.71 14.49
H6N NDP J . -0.03 -18.89 13.58
C10 GO6 K . 10.32 -12.57 -15.07
C13 GO6 K . 14.48 -11.50 -15.38
C15 GO6 K . 15.22 -12.15 -16.35
C17 GO6 K . 15.03 -10.46 -14.64
C20 GO6 K . 6.79 -13.91 -15.10
C21 GO6 K . 16.34 -10.08 -14.86
C22 GO6 K . 6.70 -11.52 -15.38
C24 GO6 K . 6.06 -12.74 -15.29
C26 GO6 K . 6.67 -16.19 -14.23
O01 GO6 K . 11.36 -8.60 -14.66
O02 GO6 K . 11.62 -11.62 -11.69
O03 GO6 K . 17.36 -12.41 -17.50
O04 GO6 K . 6.12 -15.15 -15.01
O05 GO6 K . 18.40 -10.34 -16.04
O06 GO6 K . 4.65 -12.76 -15.36
C07 GO6 K . 12.14 -10.93 -14.44
C08 GO6 K . 10.80 -11.54 -14.03
C09 GO6 K . 13.04 -11.95 -15.19
C11 GO6 K . 11.90 -9.70 -15.36
C12 GO6 K . 10.84 -12.28 -12.66
C14 GO6 K . 8.81 -12.64 -15.12
C16 GO6 K . 8.17 -13.87 -15.04
C18 GO6 K . 8.09 -11.46 -15.31
C19 GO6 K . 16.53 -11.77 -16.56
C23 GO6 K . 17.08 -10.73 -15.83
C25 GO6 K . 16.95 -13.58 -18.19
H102 GO6 K . 10.67 -13.44 -14.85
H101 GO6 K . 10.66 -12.31 -15.95
H151 GO6 K . 14.85 -12.85 -16.84
H171 GO6 K . 14.52 -10.02 -14.01
H211 GO6 K . 16.70 -9.38 -14.37
H221 GO6 K . 6.21 -10.74 -15.50
H262 GO6 K . 6.01 -16.48 -13.58
H261 GO6 K . 7.46 -15.87 -13.77
H263 GO6 K . 6.90 -16.94 -14.81
H011 GO6 K . 11.96 -8.27 -14.15
H021 GO6 K . 11.11 -11.25 -11.12
H051 GO6 K . 18.91 -10.77 -15.52
H061 GO6 K . 4.33 -12.98 -14.60
H071 GO6 K . 12.61 -10.63 -13.64
H081 GO6 K . 10.14 -10.84 -13.97
H092 GO6 K . 13.05 -12.79 -14.68
H091 GO6 K . 12.65 -12.13 -16.06
H111 GO6 K . 12.74 -9.44 -15.76
H112 GO6 K . 11.27 -9.97 -16.06
H121 GO6 K . 11.21 -13.17 -12.80
H122 GO6 K . 9.94 -12.36 -12.32
H161 GO6 K . 8.67 -14.65 -14.92
H181 GO6 K . 8.53 -10.65 -15.38
H253 GO6 K . 17.66 -14.24 -18.16
H251 GO6 K . 16.76 -13.37 -19.12
H252 GO6 K . 16.16 -13.95 -17.77
PA NDP L . 15.51 -11.33 -4.59
O1A NDP L . 14.36 -10.48 -5.05
O2A NDP L . 15.12 -12.72 -4.22
O5B NDP L . 16.31 -10.56 -3.37
C5B NDP L . 17.62 -11.00 -3.17
C4B NDP L . 18.19 -10.24 -1.96
O4B NDP L . 18.28 -8.97 -2.24
C3B NDP L . 17.20 -10.22 -0.80
O3B NDP L . 17.14 -11.44 -0.18
C2B NDP L . 17.87 -9.14 0.07
O2B NDP L . 18.99 -9.74 0.79
C1B NDP L . 18.40 -8.29 -0.79
N9A NDP L . 17.71 -7.00 -0.85
C8A NDP L . 16.59 -6.51 -1.39
N7A NDP L . 16.52 -5.19 -1.12
C5A NDP L . 17.62 -4.88 -0.40
C6A NDP L . 18.02 -3.69 0.15
N6A NDP L . 17.41 -2.35 0.13
N1A NDP L . 19.15 -3.59 0.84
C2A NDP L . 19.93 -4.69 1.01
N3A NDP L . 19.53 -5.89 0.47
C4A NDP L . 18.37 -5.98 -0.23
O3 NDP L . 16.61 -11.44 -5.80
PN NDP L . 16.54 -12.50 -7.04
O1N NDP L . 17.13 -13.85 -6.65
O2N NDP L . 15.15 -12.65 -7.61
O5D NDP L . 17.53 -11.75 -8.14
C5D NDP L . 18.93 -11.78 -7.91
C4D NDP L . 19.56 -11.56 -9.32
O4D NDP L . 19.05 -12.48 -10.10
C3D NDP L . 19.12 -10.20 -9.92
O3D NDP L . 20.13 -9.55 -10.55
C2D NDP L . 18.04 -10.57 -10.94
O2D NDP L . 18.02 -9.57 -12.06
C1D NDP L . 18.44 -11.75 -11.38
N1N NDP L . 17.40 -12.61 -11.88
C2N NDP L . 17.61 -13.33 -13.09
C3N NDP L . 16.59 -14.29 -13.62
C7N NDP L . 16.85 -15.04 -14.92
O7N NDP L . 17.94 -15.10 -15.41
N7N NDP L . 15.72 -15.69 -15.53
C4N NDP L . 15.15 -14.32 -13.08
C5N NDP L . 15.01 -13.61 -11.70
C6N NDP L . 16.19 -12.80 -11.12
P2B NDP L . 18.84 -10.47 2.24
O1X NDP L . 18.81 -11.97 1.99
O2X NDP L . 20.07 -10.05 3.01
O3X NDP L . 17.57 -10.06 2.97
H51A NDP L . 18.16 -10.81 -3.96
H52A NDP L . 17.62 -11.95 -3.00
H4B NDP L . 19.04 -10.60 -1.68
H3B NDP L . 16.32 -9.93 -1.09
HO3A NDP L . 17.92 -11.70 0.00
H2B NDP L . 17.24 -8.70 0.66
H1B NDP L . 19.34 -8.15 -0.57
H8A NDP L . 15.96 -6.99 -1.89
H61A NDP L . 16.95 -2.09 0.80
H62A NDP L . 17.51 -1.85 -0.56
H2A NDP L . 20.72 -4.64 1.49
H51N NDP L . 19.20 -12.65 -7.56
H52N NDP L . 19.19 -11.08 -7.30
H4D NDP L . 20.52 -11.62 -9.29
H3D NDP L . 18.74 -9.64 -9.22
HO3N NDP L . 20.46 -8.97 -10.03
H2D NDP L . 17.17 -10.64 -10.52
HO2N NDP L . 18.82 -9.41 -12.30
H1D NDP L . 19.12 -11.63 -12.05
H2N NDP L . 18.40 -13.21 -13.55
H71N NDP L . 15.82 -16.13 -16.27
H72N NDP L . 14.95 -15.65 -15.16
H41N NDP L . 14.87 -15.24 -12.98
H42N NDP L . 14.57 -13.87 -13.72
H5N NDP L . 14.19 -13.62 -11.25
H6N NDP L . 16.11 -12.41 -10.29
#